data_2CTT
#
_entry.id   2CTT
#
loop_
_entity.id
_entity.type
_entity.pdbx_description
1 polymer 'DnaJ homolog subfamily A member 3'
2 non-polymer 'ZINC ION'
#
_entity_poly.entity_id   1
_entity_poly.type   'polypeptide(L)'
_entity_poly.pdbx_seq_one_letter_code
;GSSGSSGMELTFNQAAKGVNKEFTVNIMDTCERCNGKGNEPGTKVQHCHYCGGSGMETINTGPFVMRSTCRRCGGRGSII
ISPCVVCRGAGQAKQKKRSGPSSG
;
_entity_poly.pdbx_strand_id   A
#
# COMPACT_ATOMS: atom_id res chain seq x y z
N GLY A 1 -42.60 -31.54 19.93
CA GLY A 1 -41.67 -31.97 18.90
C GLY A 1 -40.60 -32.89 19.43
N SER A 2 -40.33 -33.96 18.69
CA SER A 2 -39.32 -34.93 19.10
C SER A 2 -39.03 -35.93 17.98
N SER A 3 -37.76 -36.20 17.73
CA SER A 3 -37.37 -37.14 16.69
C SER A 3 -35.88 -37.48 16.80
N GLY A 4 -35.45 -38.46 16.02
CA GLY A 4 -34.06 -38.88 16.05
C GLY A 4 -33.76 -39.96 15.04
N SER A 5 -33.84 -39.61 13.76
CA SER A 5 -33.58 -40.57 12.69
C SER A 5 -32.23 -40.29 12.03
N SER A 6 -31.84 -41.16 11.10
CA SER A 6 -30.57 -41.02 10.40
C SER A 6 -30.75 -41.16 8.90
N GLY A 7 -29.76 -40.73 8.14
CA GLY A 7 -29.84 -40.81 6.69
C GLY A 7 -28.51 -40.51 6.02
N MET A 8 -27.83 -39.47 6.49
CA MET A 8 -26.55 -39.08 5.93
C MET A 8 -26.68 -38.75 4.45
N GLU A 9 -27.77 -38.08 4.09
CA GLU A 9 -28.01 -37.71 2.71
C GLU A 9 -27.03 -36.64 2.25
N LEU A 10 -27.15 -35.45 2.84
CA LEU A 10 -26.27 -34.34 2.50
C LEU A 10 -25.54 -33.82 3.73
N THR A 11 -24.57 -32.94 3.51
CA THR A 11 -23.79 -32.37 4.61
C THR A 11 -23.91 -30.85 4.64
N PHE A 12 -24.61 -30.34 5.65
CA PHE A 12 -24.80 -28.90 5.80
C PHE A 12 -24.42 -28.44 7.20
N ASN A 13 -23.39 -29.06 7.77
CA ASN A 13 -22.93 -28.72 9.11
C ASN A 13 -22.00 -27.52 9.07
N GLN A 14 -20.91 -27.64 8.30
CA GLN A 14 -19.93 -26.57 8.18
C GLN A 14 -19.94 -25.99 6.78
N ALA A 15 -19.23 -24.88 6.59
CA ALA A 15 -19.14 -24.23 5.29
C ALA A 15 -18.10 -24.90 4.41
N ALA A 16 -18.00 -24.45 3.17
CA ALA A 16 -17.04 -25.00 2.22
C ALA A 16 -15.66 -25.14 2.86
N LYS A 17 -14.74 -25.78 2.14
CA LYS A 17 -13.38 -25.98 2.64
C LYS A 17 -12.53 -24.75 2.38
N GLY A 18 -12.66 -24.17 1.18
CA GLY A 18 -11.89 -22.99 0.85
C GLY A 18 -12.09 -21.87 1.84
N VAL A 19 -13.33 -21.41 1.98
CA VAL A 19 -13.63 -20.32 2.90
C VAL A 19 -13.41 -20.75 4.35
N ASN A 20 -12.17 -20.64 4.81
CA ASN A 20 -11.82 -21.02 6.17
C ASN A 20 -12.48 -20.08 7.18
N LYS A 21 -13.06 -20.66 8.23
CA LYS A 21 -13.72 -19.88 9.26
C LYS A 21 -12.70 -19.19 10.15
N GLU A 22 -12.92 -17.90 10.41
CA GLU A 22 -12.01 -17.12 11.25
C GLU A 22 -10.62 -17.06 10.65
N PHE A 23 -10.57 -16.83 9.34
CA PHE A 23 -9.30 -16.74 8.62
C PHE A 23 -8.29 -15.90 9.40
N THR A 24 -8.67 -14.64 9.66
CA THR A 24 -7.81 -13.72 10.39
C THR A 24 -8.57 -12.47 10.82
N VAL A 25 -8.63 -12.25 12.12
CA VAL A 25 -9.33 -11.09 12.67
C VAL A 25 -8.87 -9.80 11.98
N ASN A 26 -7.57 -9.52 12.08
CA ASN A 26 -7.00 -8.32 11.47
C ASN A 26 -7.53 -8.12 10.06
N ILE A 27 -7.89 -6.89 9.74
CA ILE A 27 -8.41 -6.57 8.42
C ILE A 27 -7.41 -5.74 7.61
N MET A 28 -7.12 -6.19 6.40
CA MET A 28 -6.18 -5.49 5.53
C MET A 28 -6.80 -5.24 4.16
N ASP A 29 -6.92 -3.97 3.80
CA ASP A 29 -7.50 -3.60 2.52
C ASP A 29 -6.66 -2.51 1.84
N THR A 30 -6.99 -2.20 0.59
CA THR A 30 -6.27 -1.18 -0.16
C THR A 30 -6.44 0.19 0.47
N CYS A 31 -5.33 0.88 0.69
CA CYS A 31 -5.34 2.21 1.29
C CYS A 31 -6.38 3.10 0.61
N GLU A 32 -6.76 4.18 1.27
CA GLU A 32 -7.74 5.11 0.73
C GLU A 32 -7.11 6.48 0.46
N ARG A 33 -6.16 6.86 1.31
CA ARG A 33 -5.47 8.14 1.17
C ARG A 33 -4.64 8.18 -0.11
N CYS A 34 -3.96 7.07 -0.38
CA CYS A 34 -3.12 6.96 -1.58
C CYS A 34 -3.78 6.08 -2.63
N ASN A 35 -4.83 5.38 -2.23
CA ASN A 35 -5.55 4.50 -3.15
C ASN A 35 -4.64 3.36 -3.64
N GLY A 36 -3.82 2.84 -2.73
CA GLY A 36 -2.91 1.77 -3.09
C GLY A 36 -1.78 2.23 -3.97
N LYS A 37 -1.34 3.48 -3.77
CA LYS A 37 -0.25 4.04 -4.55
C LYS A 37 1.03 4.10 -3.73
N GLY A 38 0.94 4.63 -2.51
CA GLY A 38 2.10 4.73 -1.65
C GLY A 38 2.68 6.13 -1.61
N ASN A 39 1.81 7.12 -1.79
CA ASN A 39 2.24 8.52 -1.77
C ASN A 39 1.09 9.44 -1.37
N GLU A 40 1.43 10.62 -0.85
CA GLU A 40 0.42 11.59 -0.43
C GLU A 40 -0.41 12.05 -1.62
N PRO A 41 -1.73 12.17 -1.41
CA PRO A 41 -2.67 12.62 -2.44
C PRO A 41 -2.49 14.08 -2.80
N GLY A 42 -1.48 14.72 -2.20
CA GLY A 42 -1.23 16.12 -2.47
C GLY A 42 0.24 16.40 -2.73
N THR A 43 0.96 15.40 -3.24
CA THR A 43 2.38 15.55 -3.52
C THR A 43 2.71 15.02 -4.92
N LYS A 44 3.89 15.37 -5.40
CA LYS A 44 4.34 14.93 -6.72
C LYS A 44 5.28 13.73 -6.61
N VAL A 45 5.78 13.26 -7.74
CA VAL A 45 6.69 12.12 -7.77
C VAL A 45 7.81 12.34 -8.79
N GLN A 46 8.94 11.71 -8.54
CA GLN A 46 10.10 11.83 -9.44
C GLN A 46 10.43 10.48 -10.08
N HIS A 47 11.01 10.53 -11.27
CA HIS A 47 11.38 9.32 -11.99
C HIS A 47 12.64 8.71 -11.40
N CYS A 48 12.61 7.40 -11.18
CA CYS A 48 13.76 6.69 -10.61
C CYS A 48 14.68 6.18 -11.72
N HIS A 49 15.98 6.32 -11.49
CA HIS A 49 16.97 5.86 -12.47
C HIS A 49 17.46 4.47 -12.14
N TYR A 50 17.73 4.23 -10.86
CA TYR A 50 18.21 2.92 -10.41
C TYR A 50 17.62 1.80 -11.24
N CYS A 51 16.29 1.68 -11.20
CA CYS A 51 15.60 0.65 -11.96
C CYS A 51 15.16 1.17 -13.33
N GLY A 52 14.73 2.43 -13.36
CA GLY A 52 14.30 3.03 -14.61
C GLY A 52 12.83 2.79 -14.89
N GLY A 53 12.08 2.43 -13.84
CA GLY A 53 10.65 2.18 -14.00
C GLY A 53 10.33 0.70 -14.00
N SER A 54 11.28 -0.12 -13.59
CA SER A 54 11.08 -1.56 -13.56
C SER A 54 11.05 -2.07 -12.12
N GLY A 55 11.48 -1.22 -11.18
CA GLY A 55 11.50 -1.60 -9.78
C GLY A 55 12.51 -2.69 -9.49
N MET A 56 13.52 -2.82 -10.35
CA MET A 56 14.55 -3.82 -10.17
C MET A 56 15.93 -3.19 -10.12
N GLU A 57 16.76 -3.63 -9.18
CA GLU A 57 18.11 -3.11 -9.04
C GLU A 57 19.15 -4.20 -9.21
N THR A 58 20.35 -3.82 -9.63
CA THR A 58 21.43 -4.77 -9.84
C THR A 58 22.68 -4.37 -9.06
N ILE A 59 23.29 -5.33 -8.37
CA ILE A 59 24.50 -5.08 -7.60
C ILE A 59 25.72 -5.70 -8.25
N ASN A 60 26.51 -4.88 -8.94
CA ASN A 60 27.71 -5.35 -9.61
C ASN A 60 28.89 -5.41 -8.64
N THR A 61 29.19 -6.62 -8.16
CA THR A 61 30.29 -6.82 -7.23
C THR A 61 31.29 -7.83 -7.77
N GLY A 62 32.46 -7.35 -8.19
CA GLY A 62 33.49 -8.23 -8.71
C GLY A 62 33.07 -8.88 -10.02
N PRO A 63 33.62 -10.08 -10.29
CA PRO A 63 33.31 -10.82 -11.50
C PRO A 63 31.89 -11.37 -11.51
N PHE A 64 31.16 -11.10 -10.44
CA PHE A 64 29.77 -11.56 -10.32
C PHE A 64 28.83 -10.39 -10.06
N VAL A 65 27.53 -10.67 -10.09
CA VAL A 65 26.53 -9.64 -9.85
C VAL A 65 25.31 -10.22 -9.11
N MET A 66 24.68 -9.40 -8.29
CA MET A 66 23.51 -9.82 -7.54
C MET A 66 22.25 -9.11 -8.04
N ARG A 67 21.09 -9.54 -7.54
CA ARG A 67 19.83 -8.96 -7.95
C ARG A 67 18.93 -8.73 -6.74
N SER A 68 18.54 -7.47 -6.52
CA SER A 68 17.68 -7.12 -5.39
C SER A 68 16.75 -5.97 -5.76
N THR A 69 15.58 -5.94 -5.14
CA THR A 69 14.60 -4.89 -5.39
C THR A 69 15.18 -3.51 -5.14
N CYS A 70 14.96 -2.60 -6.07
CA CYS A 70 15.47 -1.23 -5.94
C CYS A 70 15.32 -0.73 -4.51
N ARG A 71 16.20 0.19 -4.11
CA ARG A 71 16.16 0.75 -2.77
C ARG A 71 15.70 2.21 -2.81
N ARG A 72 16.10 2.92 -3.86
CA ARG A 72 15.73 4.33 -4.01
C ARG A 72 14.22 4.49 -4.09
N CYS A 73 13.59 3.66 -4.92
CA CYS A 73 12.15 3.70 -5.09
C CYS A 73 11.46 2.61 -4.27
N GLY A 74 12.05 1.42 -4.28
CA GLY A 74 11.48 0.31 -3.54
C GLY A 74 10.65 -0.61 -4.41
N GLY A 75 11.07 -0.75 -5.66
CA GLY A 75 10.34 -1.62 -6.59
C GLY A 75 9.09 -0.97 -7.12
N ARG A 76 9.15 0.34 -7.35
CA ARG A 76 8.00 1.09 -7.86
C ARG A 76 8.32 1.72 -9.20
N GLY A 77 9.55 2.20 -9.35
CA GLY A 77 9.96 2.83 -10.60
C GLY A 77 9.94 4.35 -10.51
N SER A 78 9.83 4.87 -9.30
CA SER A 78 9.80 6.31 -9.09
C SER A 78 10.03 6.65 -7.62
N ILE A 79 10.56 7.85 -7.38
CA ILE A 79 10.83 8.30 -6.01
C ILE A 79 9.69 9.15 -5.47
N ILE A 80 9.13 8.72 -4.35
CA ILE A 80 8.02 9.44 -3.72
C ILE A 80 8.53 10.48 -2.72
N ILE A 81 8.68 11.71 -3.19
CA ILE A 81 9.17 12.80 -2.34
C ILE A 81 8.54 12.72 -0.94
N SER A 82 7.26 12.36 -0.90
CA SER A 82 6.54 12.25 0.37
C SER A 82 5.66 11.00 0.39
N PRO A 83 6.11 9.98 1.14
CA PRO A 83 5.38 8.71 1.26
C PRO A 83 4.09 8.86 2.06
N CYS A 84 3.06 8.14 1.64
CA CYS A 84 1.77 8.20 2.32
C CYS A 84 1.95 8.32 3.83
N VAL A 85 0.94 8.87 4.50
CA VAL A 85 0.99 9.05 5.94
C VAL A 85 0.12 8.02 6.66
N VAL A 86 -0.60 7.23 5.88
CA VAL A 86 -1.46 6.20 6.42
C VAL A 86 -0.83 4.81 6.30
N CYS A 87 -0.43 4.47 5.08
CA CYS A 87 0.19 3.18 4.80
C CYS A 87 1.70 3.31 4.74
N ARG A 88 2.20 4.53 4.89
CA ARG A 88 3.63 4.79 4.84
C ARG A 88 4.26 4.17 3.60
N GLY A 89 3.49 4.13 2.51
CA GLY A 89 3.99 3.56 1.28
C GLY A 89 3.93 2.04 1.27
N ALA A 90 2.89 1.49 1.90
CA ALA A 90 2.71 0.05 1.97
C ALA A 90 1.77 -0.44 0.87
N GLY A 91 0.77 0.37 0.55
CA GLY A 91 -0.18 0.01 -0.48
C GLY A 91 -1.48 -0.53 0.10
N GLN A 92 -1.49 -0.79 1.40
CA GLN A 92 -2.67 -1.30 2.07
C GLN A 92 -2.71 -0.86 3.54
N ALA A 93 -3.91 -0.78 4.08
CA ALA A 93 -4.07 -0.37 5.48
C ALA A 93 -5.28 -1.06 6.10
N LYS A 94 -5.57 -0.70 7.36
CA LYS A 94 -6.70 -1.29 8.07
C LYS A 94 -8.00 -0.55 7.75
N GLN A 95 -8.91 -1.26 7.08
CA GLN A 95 -10.19 -0.66 6.71
C GLN A 95 -11.34 -1.36 7.43
N LYS A 96 -11.72 -0.83 8.59
CA LYS A 96 -12.80 -1.40 9.37
C LYS A 96 -13.98 -1.78 8.48
N LYS A 97 -14.16 -3.09 8.27
CA LYS A 97 -15.24 -3.59 7.44
C LYS A 97 -16.04 -4.67 8.17
N ARG A 98 -17.32 -4.77 7.85
CA ARG A 98 -18.19 -5.76 8.47
C ARG A 98 -18.41 -6.95 7.55
N SER A 99 -18.88 -6.67 6.33
CA SER A 99 -19.14 -7.72 5.35
C SER A 99 -17.94 -7.92 4.44
N GLY A 100 -17.57 -6.86 3.72
CA GLY A 100 -16.42 -6.95 2.82
C GLY A 100 -16.72 -7.82 1.60
N PRO A 101 -17.50 -7.28 0.66
CA PRO A 101 -17.87 -8.00 -0.57
C PRO A 101 -16.69 -8.17 -1.51
N SER A 102 -16.09 -9.35 -1.50
CA SER A 102 -14.94 -9.64 -2.36
C SER A 102 -15.17 -9.11 -3.77
N SER A 103 -16.21 -9.63 -4.42
CA SER A 103 -16.54 -9.21 -5.77
C SER A 103 -17.20 -7.83 -5.78
N GLY A 104 -16.42 -6.82 -6.12
CA GLY A 104 -16.94 -5.46 -6.16
C GLY A 104 -15.88 -4.43 -5.84
N GLY A 1 -61.37 -8.08 30.08
CA GLY A 1 -61.15 -7.47 28.78
C GLY A 1 -60.11 -8.21 27.96
N SER A 2 -60.34 -8.31 26.66
CA SER A 2 -59.42 -9.00 25.77
C SER A 2 -59.63 -8.56 24.32
N SER A 3 -58.76 -9.05 23.44
CA SER A 3 -58.84 -8.69 22.02
C SER A 3 -57.83 -9.50 21.22
N GLY A 4 -57.86 -9.30 19.89
CA GLY A 4 -56.95 -10.02 19.02
C GLY A 4 -57.12 -9.65 17.56
N SER A 5 -56.04 -9.74 16.80
CA SER A 5 -56.08 -9.39 15.37
C SER A 5 -54.75 -9.72 14.70
N SER A 6 -54.78 -9.93 13.40
CA SER A 6 -53.59 -10.25 12.63
C SER A 6 -53.88 -10.29 11.14
N GLY A 7 -52.84 -10.15 10.33
CA GLY A 7 -53.01 -10.17 8.89
C GLY A 7 -52.25 -11.30 8.23
N MET A 8 -52.27 -11.34 6.91
CA MET A 8 -51.57 -12.38 6.15
C MET A 8 -51.38 -11.97 4.70
N GLU A 9 -50.24 -12.34 4.13
CA GLU A 9 -49.93 -12.01 2.74
C GLU A 9 -49.51 -13.25 1.97
N LEU A 10 -49.48 -13.13 0.64
CA LEU A 10 -49.10 -14.25 -0.23
C LEU A 10 -48.43 -13.74 -1.49
N THR A 11 -47.45 -14.51 -1.98
CA THR A 11 -46.73 -14.14 -3.18
C THR A 11 -45.92 -15.32 -3.72
N PHE A 12 -45.49 -15.22 -4.97
CA PHE A 12 -44.71 -16.27 -5.60
C PHE A 12 -43.47 -15.70 -6.29
N ASN A 13 -42.45 -15.39 -5.50
CA ASN A 13 -41.21 -14.84 -6.04
C ASN A 13 -40.15 -14.70 -4.94
N GLN A 14 -38.99 -15.31 -5.16
CA GLN A 14 -37.91 -15.25 -4.20
C GLN A 14 -36.62 -15.81 -4.80
N ALA A 15 -35.51 -15.11 -4.57
CA ALA A 15 -34.22 -15.53 -5.09
C ALA A 15 -33.09 -14.71 -4.48
N ALA A 16 -32.22 -15.37 -3.71
CA ALA A 16 -31.10 -14.71 -3.07
C ALA A 16 -30.14 -15.72 -2.45
N LYS A 17 -28.87 -15.65 -2.85
CA LYS A 17 -27.86 -16.55 -2.33
C LYS A 17 -26.57 -15.80 -2.01
N GLY A 18 -26.29 -15.63 -0.71
CA GLY A 18 -25.10 -14.93 -0.30
C GLY A 18 -23.87 -15.82 -0.30
N VAL A 19 -22.82 -15.39 0.39
CA VAL A 19 -21.59 -16.15 0.47
C VAL A 19 -21.26 -16.54 1.91
N ASN A 20 -20.69 -17.72 2.09
CA ASN A 20 -20.33 -18.21 3.41
C ASN A 20 -18.82 -18.30 3.56
N LYS A 21 -18.26 -17.50 4.46
CA LYS A 21 -16.83 -17.48 4.71
C LYS A 21 -16.52 -17.07 6.15
N GLU A 22 -15.58 -17.76 6.77
CA GLU A 22 -15.19 -17.47 8.14
C GLU A 22 -14.10 -16.40 8.18
N PHE A 23 -14.48 -15.16 7.87
CA PHE A 23 -13.54 -14.05 7.86
C PHE A 23 -12.94 -13.84 9.25
N THR A 24 -11.66 -13.49 9.29
CA THR A 24 -10.96 -13.26 10.55
C THR A 24 -11.10 -11.81 10.99
N VAL A 25 -10.76 -11.55 12.25
CA VAL A 25 -10.84 -10.20 12.79
C VAL A 25 -9.60 -9.38 12.43
N ASN A 26 -9.17 -9.51 11.17
CA ASN A 26 -8.00 -8.78 10.70
C ASN A 26 -8.27 -8.18 9.32
N ILE A 27 -8.89 -6.99 9.31
CA ILE A 27 -9.20 -6.31 8.07
C ILE A 27 -7.96 -5.65 7.48
N MET A 28 -7.54 -6.12 6.31
CA MET A 28 -6.37 -5.58 5.63
C MET A 28 -6.65 -5.36 4.15
N ASP A 29 -6.78 -4.09 3.77
CA ASP A 29 -7.04 -3.74 2.38
C ASP A 29 -6.05 -2.68 1.89
N THR A 30 -6.03 -2.47 0.57
CA THR A 30 -5.13 -1.49 -0.03
C THR A 30 -5.53 -0.07 0.36
N CYS A 31 -4.54 0.74 0.70
CA CYS A 31 -4.78 2.13 1.08
C CYS A 31 -5.63 2.84 0.04
N GLU A 32 -6.30 3.92 0.47
CA GLU A 32 -7.15 4.69 -0.43
C GLU A 32 -6.57 6.08 -0.65
N ARG A 33 -5.97 6.64 0.39
CA ARG A 33 -5.37 7.97 0.29
C ARG A 33 -4.32 8.02 -0.80
N CYS A 34 -3.49 6.99 -0.86
CA CYS A 34 -2.43 6.91 -1.86
C CYS A 34 -2.73 5.85 -2.90
N ASN A 35 -3.77 5.06 -2.65
CA ASN A 35 -4.16 3.99 -3.56
C ASN A 35 -3.06 2.95 -3.69
N GLY A 36 -2.45 2.59 -2.57
CA GLY A 36 -1.38 1.61 -2.58
C GLY A 36 -0.12 2.13 -3.25
N LYS A 37 0.00 3.44 -3.34
CA LYS A 37 1.16 4.07 -3.96
C LYS A 37 2.28 4.27 -2.94
N GLY A 38 1.96 5.01 -1.87
CA GLY A 38 2.95 5.27 -0.84
C GLY A 38 3.31 6.74 -0.72
N ASN A 39 2.44 7.60 -1.25
CA ASN A 39 2.67 9.04 -1.21
C ASN A 39 1.35 9.79 -1.08
N GLU A 40 1.43 11.05 -0.65
CA GLU A 40 0.24 11.88 -0.47
C GLU A 40 -0.43 12.14 -1.82
N PRO A 41 -1.77 12.09 -1.83
CA PRO A 41 -2.57 12.33 -3.04
C PRO A 41 -2.51 13.78 -3.50
N GLY A 42 -1.69 14.58 -2.83
CA GLY A 42 -1.56 15.99 -3.17
C GLY A 42 -0.16 16.34 -3.66
N THR A 43 0.78 15.43 -3.45
CA THR A 43 2.15 15.65 -3.86
C THR A 43 2.45 14.96 -5.19
N LYS A 44 3.63 15.23 -5.74
CA LYS A 44 4.03 14.63 -7.01
C LYS A 44 4.99 13.47 -6.79
N VAL A 45 5.37 12.81 -7.88
CA VAL A 45 6.29 11.68 -7.80
C VAL A 45 7.35 11.75 -8.89
N GLN A 46 8.55 11.26 -8.58
CA GLN A 46 9.65 11.28 -9.54
C GLN A 46 9.97 9.87 -10.02
N HIS A 47 10.41 9.76 -11.28
CA HIS A 47 10.75 8.47 -11.85
C HIS A 47 12.11 8.00 -11.37
N CYS A 48 12.19 6.73 -10.97
CA CYS A 48 13.43 6.16 -10.47
C CYS A 48 14.20 5.46 -11.60
N HIS A 49 15.50 5.71 -11.67
CA HIS A 49 16.35 5.12 -12.69
C HIS A 49 16.91 3.77 -12.22
N TYR A 50 17.36 3.74 -10.98
CA TYR A 50 17.92 2.52 -10.40
C TYR A 50 17.23 1.28 -10.97
N CYS A 51 15.93 1.19 -10.73
CA CYS A 51 15.14 0.05 -11.21
C CYS A 51 14.46 0.38 -12.54
N GLY A 52 13.96 1.61 -12.65
CA GLY A 52 13.29 2.04 -13.87
C GLY A 52 11.80 1.81 -13.82
N GLY A 53 11.26 1.65 -12.61
CA GLY A 53 9.84 1.42 -12.45
C GLY A 53 9.51 -0.05 -12.28
N SER A 54 10.39 -0.78 -11.60
CA SER A 54 10.18 -2.21 -11.38
C SER A 54 10.34 -2.55 -9.90
N GLY A 55 11.18 -1.78 -9.20
CA GLY A 55 11.40 -2.02 -7.79
C GLY A 55 12.48 -3.04 -7.54
N MET A 56 13.45 -3.11 -8.44
CA MET A 56 14.56 -4.06 -8.32
C MET A 56 15.88 -3.41 -8.71
N GLU A 57 16.92 -3.70 -7.95
CA GLU A 57 18.24 -3.15 -8.22
C GLU A 57 19.25 -4.26 -8.54
N THR A 58 20.24 -3.93 -9.36
CA THR A 58 21.26 -4.90 -9.75
C THR A 58 22.64 -4.44 -9.30
N ILE A 59 23.36 -5.32 -8.62
CA ILE A 59 24.70 -5.02 -8.13
C ILE A 59 25.76 -5.73 -8.97
N ASN A 60 26.31 -5.01 -9.94
CA ASN A 60 27.34 -5.58 -10.81
C ASN A 60 28.72 -5.49 -10.16
N THR A 61 29.16 -6.58 -9.56
CA THR A 61 30.45 -6.63 -8.89
C THR A 61 31.33 -7.72 -9.49
N GLY A 62 32.32 -7.31 -10.28
CA GLY A 62 33.23 -8.26 -10.90
C GLY A 62 32.54 -9.12 -11.94
N PRO A 63 33.04 -10.35 -12.12
CA PRO A 63 32.48 -11.28 -13.10
C PRO A 63 31.11 -11.80 -12.69
N PHE A 64 30.64 -11.37 -11.52
CA PHE A 64 29.34 -11.78 -11.01
C PHE A 64 28.48 -10.58 -10.66
N VAL A 65 27.19 -10.81 -10.47
CA VAL A 65 26.26 -9.74 -10.13
C VAL A 65 25.19 -10.23 -9.15
N MET A 66 24.89 -9.41 -8.15
CA MET A 66 23.88 -9.75 -7.16
C MET A 66 22.54 -9.12 -7.49
N ARG A 67 21.51 -9.50 -6.75
CA ARG A 67 20.17 -8.97 -6.97
C ARG A 67 19.49 -8.63 -5.64
N SER A 68 19.21 -7.34 -5.45
CA SER A 68 18.56 -6.89 -4.22
C SER A 68 17.56 -5.78 -4.50
N THR A 69 16.55 -5.67 -3.66
CA THR A 69 15.51 -4.65 -3.82
C THR A 69 16.13 -3.25 -3.91
N CYS A 70 15.60 -2.43 -4.81
CA CYS A 70 16.10 -1.07 -5.00
C CYS A 70 16.31 -0.39 -3.65
N ARG A 71 17.12 0.66 -3.65
CA ARG A 71 17.41 1.41 -2.43
C ARG A 71 16.95 2.86 -2.57
N ARG A 72 17.05 3.40 -3.77
CA ARG A 72 16.65 4.78 -4.03
C ARG A 72 15.16 4.96 -3.79
N CYS A 73 14.35 4.13 -4.42
CA CYS A 73 12.89 4.20 -4.27
C CYS A 73 12.43 3.31 -3.13
N GLY A 74 12.96 2.10 -3.06
CA GLY A 74 12.58 1.17 -2.01
C GLY A 74 11.65 0.08 -2.50
N GLY A 75 11.81 -0.31 -3.76
CA GLY A 75 10.95 -1.34 -4.33
C GLY A 75 9.60 -0.81 -4.73
N ARG A 76 9.57 0.40 -5.27
CA ARG A 76 8.31 1.02 -5.70
C ARG A 76 8.37 1.37 -7.18
N GLY A 77 9.54 1.76 -7.66
CA GLY A 77 9.70 2.12 -9.05
C GLY A 77 9.79 3.62 -9.26
N SER A 78 9.58 4.38 -8.20
CA SER A 78 9.63 5.83 -8.27
C SER A 78 9.99 6.43 -6.91
N ILE A 79 10.43 7.68 -6.93
CA ILE A 79 10.81 8.38 -5.69
C ILE A 79 9.64 9.18 -5.14
N ILE A 80 9.30 8.94 -3.87
CA ILE A 80 8.20 9.64 -3.23
C ILE A 80 8.71 10.86 -2.46
N ILE A 81 8.20 12.03 -2.81
CA ILE A 81 8.60 13.27 -2.15
C ILE A 81 7.93 13.41 -0.79
N SER A 82 6.73 12.87 -0.68
CA SER A 82 5.97 12.94 0.57
C SER A 82 5.31 11.60 0.88
N PRO A 83 5.71 10.98 2.00
CA PRO A 83 5.18 9.69 2.43
C PRO A 83 3.73 9.80 2.90
N CYS A 84 2.90 8.87 2.44
CA CYS A 84 1.48 8.86 2.81
C CYS A 84 1.30 9.12 4.30
N VAL A 85 0.13 9.61 4.67
CA VAL A 85 -0.17 9.91 6.07
C VAL A 85 -1.11 8.87 6.67
N VAL A 86 -1.56 7.94 5.83
CA VAL A 86 -2.47 6.89 6.27
C VAL A 86 -1.74 5.57 6.45
N CYS A 87 -0.98 5.18 5.43
CA CYS A 87 -0.22 3.93 5.47
C CYS A 87 1.26 4.20 5.77
N ARG A 88 1.66 5.46 5.64
CA ARG A 88 3.05 5.85 5.90
C ARG A 88 3.99 5.22 4.89
N GLY A 89 3.64 5.33 3.61
CA GLY A 89 4.46 4.77 2.56
C GLY A 89 4.54 3.26 2.63
N ALA A 90 3.40 2.61 2.84
CA ALA A 90 3.37 1.15 2.94
C ALA A 90 2.62 0.55 1.76
N GLY A 91 1.57 1.23 1.31
CA GLY A 91 0.79 0.74 0.19
C GLY A 91 -0.43 -0.05 0.62
N GLN A 92 -0.53 -0.30 1.92
CA GLN A 92 -1.66 -1.05 2.47
C GLN A 92 -2.18 -0.40 3.74
N ALA A 93 -3.42 -0.69 4.09
CA ALA A 93 -4.04 -0.14 5.29
C ALA A 93 -5.27 -0.94 5.69
N LYS A 94 -5.93 -0.51 6.76
CA LYS A 94 -7.13 -1.18 7.26
C LYS A 94 -8.39 -0.53 6.69
N GLN A 95 -8.81 -0.97 5.51
CA GLN A 95 -10.00 -0.43 4.87
C GLN A 95 -11.16 -1.41 4.96
N LYS A 96 -11.99 -1.26 5.98
CA LYS A 96 -13.14 -2.13 6.18
C LYS A 96 -14.37 -1.58 5.48
N LYS A 97 -14.42 -1.71 4.17
CA LYS A 97 -15.56 -1.21 3.39
C LYS A 97 -16.08 -2.29 2.46
N ARG A 98 -17.40 -2.46 2.44
CA ARG A 98 -18.04 -3.47 1.59
C ARG A 98 -17.16 -4.70 1.47
N SER A 99 -16.60 -5.14 2.58
CA SER A 99 -15.73 -6.31 2.59
C SER A 99 -16.53 -7.59 2.38
N GLY A 100 -17.64 -7.72 3.10
CA GLY A 100 -18.48 -8.89 2.98
C GLY A 100 -19.73 -8.79 3.83
N PRO A 101 -20.45 -9.92 3.96
CA PRO A 101 -21.69 -9.98 4.75
C PRO A 101 -21.42 -9.87 6.24
N SER A 102 -21.94 -8.81 6.85
CA SER A 102 -21.75 -8.57 8.28
C SER A 102 -23.09 -8.65 9.02
N SER A 103 -24.01 -7.77 8.66
CA SER A 103 -25.33 -7.73 9.28
C SER A 103 -26.42 -8.12 8.29
N GLY A 104 -27.61 -8.40 8.81
CA GLY A 104 -28.71 -8.79 7.95
C GLY A 104 -29.91 -9.27 8.73
N GLY A 1 -33.07 29.38 -54.92
CA GLY A 1 -32.84 28.17 -54.15
C GLY A 1 -32.23 28.46 -52.79
N SER A 2 -32.64 27.69 -51.79
CA SER A 2 -32.14 27.86 -50.43
C SER A 2 -32.05 26.53 -49.71
N SER A 3 -31.39 26.53 -48.55
CA SER A 3 -31.24 25.31 -47.76
C SER A 3 -30.86 25.65 -46.32
N GLY A 4 -31.03 24.67 -45.43
CA GLY A 4 -30.70 24.88 -44.02
C GLY A 4 -30.31 23.60 -43.33
N SER A 5 -29.55 23.72 -42.24
CA SER A 5 -29.11 22.56 -41.48
C SER A 5 -28.77 22.95 -40.04
N SER A 6 -28.76 21.96 -39.16
CA SER A 6 -28.45 22.20 -37.75
C SER A 6 -28.10 20.89 -37.04
N GLY A 7 -27.21 20.99 -36.06
CA GLY A 7 -26.80 19.81 -35.32
C GLY A 7 -26.36 20.13 -33.91
N MET A 8 -26.29 19.11 -33.05
CA MET A 8 -25.88 19.30 -31.67
C MET A 8 -25.08 18.10 -31.17
N GLU A 9 -24.59 18.19 -29.94
CA GLU A 9 -23.81 17.11 -29.35
C GLU A 9 -23.92 17.13 -27.83
N LEU A 10 -23.69 15.97 -27.22
CA LEU A 10 -23.76 15.85 -25.76
C LEU A 10 -22.69 14.88 -25.24
N THR A 11 -22.58 14.79 -23.92
CA THR A 11 -21.61 13.90 -23.29
C THR A 11 -22.14 13.36 -21.97
N PHE A 12 -21.36 12.47 -21.35
CA PHE A 12 -21.74 11.88 -20.08
C PHE A 12 -20.51 11.43 -19.30
N ASN A 13 -20.62 11.48 -17.97
CA ASN A 13 -19.52 11.08 -17.10
C ASN A 13 -20.00 10.10 -16.04
N GLN A 14 -19.05 9.50 -15.32
CA GLN A 14 -19.37 8.54 -14.27
C GLN A 14 -18.50 8.79 -13.03
N ALA A 15 -18.93 8.23 -11.90
CA ALA A 15 -18.20 8.38 -10.65
C ALA A 15 -18.70 7.40 -9.60
N ALA A 16 -18.06 7.42 -8.43
CA ALA A 16 -18.44 6.52 -7.35
C ALA A 16 -17.64 6.82 -6.09
N LYS A 17 -18.33 7.26 -5.03
CA LYS A 17 -17.69 7.59 -3.77
C LYS A 17 -18.72 7.80 -2.67
N GLY A 18 -18.44 7.23 -1.50
CA GLY A 18 -19.36 7.36 -0.38
C GLY A 18 -18.65 7.31 0.96
N VAL A 19 -19.40 7.53 2.03
CA VAL A 19 -18.83 7.50 3.38
C VAL A 19 -18.99 6.14 4.02
N ASN A 20 -18.01 5.74 4.82
CA ASN A 20 -18.04 4.45 5.50
C ASN A 20 -17.58 4.58 6.95
N LYS A 21 -18.44 4.15 7.87
CA LYS A 21 -18.12 4.22 9.30
C LYS A 21 -19.22 3.57 10.13
N GLU A 22 -18.87 2.46 10.78
CA GLU A 22 -19.82 1.73 11.61
C GLU A 22 -19.27 1.53 13.02
N PHE A 23 -18.06 1.00 13.10
CA PHE A 23 -17.42 0.74 14.39
C PHE A 23 -15.99 0.25 14.19
N THR A 24 -15.28 0.04 15.30
CA THR A 24 -13.91 -0.43 15.25
C THR A 24 -13.84 -1.95 15.27
N VAL A 25 -13.21 -2.53 14.25
CA VAL A 25 -13.09 -3.98 14.16
C VAL A 25 -11.82 -4.37 13.40
N ASN A 26 -11.42 -5.62 13.54
CA ASN A 26 -10.22 -6.13 12.87
C ASN A 26 -10.39 -6.09 11.36
N ILE A 27 -9.98 -4.99 10.75
CA ILE A 27 -10.07 -4.83 9.29
C ILE A 27 -8.87 -4.10 8.74
N MET A 28 -8.17 -4.74 7.81
CA MET A 28 -6.99 -4.14 7.19
C MET A 28 -6.88 -4.54 5.72
N ASP A 29 -7.21 -3.61 4.83
CA ASP A 29 -7.15 -3.86 3.40
C ASP A 29 -6.31 -2.80 2.69
N THR A 30 -5.95 -3.07 1.44
CA THR A 30 -5.14 -2.14 0.66
C THR A 30 -5.62 -0.71 0.84
N CYS A 31 -4.67 0.21 1.02
CA CYS A 31 -5.00 1.61 1.21
C CYS A 31 -5.86 2.13 0.05
N GLU A 32 -6.48 3.29 0.26
CA GLU A 32 -7.32 3.89 -0.77
C GLU A 32 -6.78 5.25 -1.20
N ARG A 33 -6.23 5.99 -0.24
CA ARG A 33 -5.67 7.30 -0.52
C ARG A 33 -4.56 7.22 -1.55
N CYS A 34 -3.75 6.17 -1.46
CA CYS A 34 -2.64 5.96 -2.40
C CYS A 34 -2.88 4.73 -3.26
N ASN A 35 -3.91 3.95 -2.92
CA ASN A 35 -4.24 2.74 -3.67
C ASN A 35 -3.10 1.74 -3.59
N GLY A 36 -2.58 1.52 -2.39
CA GLY A 36 -1.50 0.57 -2.20
C GLY A 36 -0.24 0.98 -2.95
N LYS A 37 0.00 2.28 -3.03
CA LYS A 37 1.17 2.81 -3.72
C LYS A 37 2.22 3.29 -2.73
N GLY A 38 1.81 4.19 -1.82
CA GLY A 38 2.72 4.72 -0.83
C GLY A 38 2.99 6.19 -1.04
N ASN A 39 2.07 6.89 -1.69
CA ASN A 39 2.22 8.31 -1.95
C ASN A 39 0.86 9.01 -2.00
N GLU A 40 0.84 10.29 -1.64
CA GLU A 40 -0.39 11.06 -1.64
C GLU A 40 -0.96 11.17 -3.06
N PRO A 41 -2.30 11.09 -3.16
CA PRO A 41 -3.00 11.17 -4.45
C PRO A 41 -2.93 12.57 -5.05
N GLY A 42 -2.11 13.43 -4.45
CA GLY A 42 -1.98 14.79 -4.95
C GLY A 42 -0.57 15.33 -4.79
N THR A 43 0.41 14.43 -4.74
CA THR A 43 1.81 14.82 -4.59
C THR A 43 2.62 14.45 -5.83
N LYS A 44 3.83 14.98 -5.90
CA LYS A 44 4.71 14.70 -7.04
C LYS A 44 5.57 13.47 -6.78
N VAL A 45 6.25 12.99 -7.82
CA VAL A 45 7.10 11.83 -7.71
C VAL A 45 8.33 11.95 -8.60
N GLN A 46 9.44 11.36 -8.16
CA GLN A 46 10.68 11.40 -8.92
C GLN A 46 11.02 10.04 -9.51
N HIS A 47 11.34 10.01 -10.80
CA HIS A 47 11.68 8.76 -11.47
C HIS A 47 13.00 8.21 -10.95
N CYS A 48 12.96 7.01 -10.38
CA CYS A 48 14.15 6.37 -9.85
C CYS A 48 15.00 5.77 -10.96
N HIS A 49 16.28 6.10 -10.97
CA HIS A 49 17.20 5.59 -11.98
C HIS A 49 17.73 4.22 -11.60
N TYR A 50 18.05 4.05 -10.32
CA TYR A 50 18.57 2.79 -9.82
C TYR A 50 17.95 1.61 -10.56
N CYS A 51 16.63 1.50 -10.46
CA CYS A 51 15.90 0.42 -11.12
C CYS A 51 15.31 0.89 -12.45
N GLY A 52 14.83 2.12 -12.47
CA GLY A 52 14.25 2.67 -13.68
C GLY A 52 12.76 2.39 -13.78
N GLY A 53 12.15 1.99 -12.67
CA GLY A 53 10.74 1.70 -12.66
C GLY A 53 10.45 0.22 -12.55
N SER A 54 11.47 -0.56 -12.21
CA SER A 54 11.33 -2.01 -12.09
C SER A 54 11.31 -2.42 -10.62
N GLY A 55 11.91 -1.60 -9.77
CA GLY A 55 11.95 -1.90 -8.35
C GLY A 55 13.03 -2.92 -8.00
N MET A 56 14.09 -2.94 -8.80
CA MET A 56 15.19 -3.86 -8.57
C MET A 56 16.54 -3.19 -8.81
N GLU A 57 17.51 -3.47 -7.94
CA GLU A 57 18.83 -2.89 -8.07
C GLU A 57 19.84 -3.91 -8.58
N THR A 58 20.82 -3.45 -9.34
CA THR A 58 21.84 -4.33 -9.91
C THR A 58 23.20 -4.05 -9.27
N ILE A 59 23.83 -5.11 -8.76
CA ILE A 59 25.14 -4.98 -8.13
C ILE A 59 26.24 -5.53 -9.03
N ASN A 60 26.98 -4.63 -9.66
CA ASN A 60 28.07 -5.03 -10.55
C ASN A 60 29.32 -5.39 -9.76
N THR A 61 29.55 -6.69 -9.59
CA THR A 61 30.71 -7.16 -8.85
C THR A 61 31.46 -8.24 -9.63
N GLY A 62 32.66 -7.92 -10.08
CA GLY A 62 33.46 -8.89 -10.82
C GLY A 62 32.80 -9.29 -12.13
N PRO A 63 33.15 -10.48 -12.63
CA PRO A 63 32.60 -11.00 -13.89
C PRO A 63 31.12 -11.37 -13.76
N PHE A 64 30.60 -11.30 -12.54
CA PHE A 64 29.20 -11.63 -12.29
C PHE A 64 28.45 -10.42 -11.73
N VAL A 65 27.14 -10.56 -11.60
CA VAL A 65 26.30 -9.48 -11.08
C VAL A 65 25.18 -10.02 -10.20
N MET A 66 24.92 -9.35 -9.09
CA MET A 66 23.88 -9.76 -8.16
C MET A 66 22.59 -8.98 -8.40
N ARG A 67 21.53 -9.39 -7.73
CA ARG A 67 20.23 -8.74 -7.87
C ARG A 67 19.52 -8.63 -6.53
N SER A 68 19.34 -7.39 -6.06
CA SER A 68 18.68 -7.15 -4.78
C SER A 68 17.71 -5.97 -4.88
N THR A 69 16.61 -6.06 -4.16
CA THR A 69 15.60 -5.00 -4.17
C THR A 69 16.25 -3.62 -4.09
N CYS A 70 15.74 -2.70 -4.90
CA CYS A 70 16.28 -1.34 -4.92
C CYS A 70 16.40 -0.77 -3.50
N ARG A 71 17.23 0.25 -3.36
CA ARG A 71 17.44 0.89 -2.05
C ARG A 71 16.95 2.34 -2.08
N ARG A 72 17.08 2.98 -3.23
CA ARG A 72 16.68 4.37 -3.38
C ARG A 72 15.16 4.50 -3.31
N CYS A 73 14.47 3.65 -4.07
CA CYS A 73 13.01 3.67 -4.11
C CYS A 73 12.43 2.65 -3.13
N GLY A 74 13.03 1.46 -3.09
CA GLY A 74 12.56 0.42 -2.20
C GLY A 74 11.63 -0.57 -2.89
N GLY A 75 11.87 -0.80 -4.18
CA GLY A 75 11.04 -1.72 -4.94
C GLY A 75 9.73 -1.10 -5.36
N ARG A 76 9.76 0.17 -5.74
CA ARG A 76 8.56 0.88 -6.16
C ARG A 76 8.71 1.37 -7.60
N GLY A 77 9.89 1.89 -7.92
CA GLY A 77 10.14 2.39 -9.27
C GLY A 77 10.36 3.90 -9.29
N SER A 78 10.04 4.55 -8.18
CA SER A 78 10.21 6.00 -8.08
C SER A 78 10.34 6.43 -6.63
N ILE A 79 10.83 7.65 -6.43
CA ILE A 79 11.01 8.18 -5.08
C ILE A 79 9.81 9.04 -4.66
N ILE A 80 9.22 8.69 -3.53
CA ILE A 80 8.06 9.42 -3.02
C ILE A 80 8.50 10.59 -2.15
N ILE A 81 8.22 11.81 -2.60
CA ILE A 81 8.59 13.01 -1.87
C ILE A 81 7.71 13.18 -0.62
N SER A 82 6.45 12.76 -0.73
CA SER A 82 5.51 12.87 0.37
C SER A 82 4.82 11.54 0.63
N PRO A 83 5.17 10.89 1.76
CA PRO A 83 4.60 9.60 2.15
C PRO A 83 3.12 9.72 2.54
N CYS A 84 2.31 8.78 2.08
CA CYS A 84 0.89 8.77 2.38
C CYS A 84 0.64 9.22 3.81
N VAL A 85 -0.52 9.85 4.04
CA VAL A 85 -0.87 10.33 5.36
C VAL A 85 -1.87 9.40 6.04
N VAL A 86 -2.23 8.33 5.34
CA VAL A 86 -3.18 7.35 5.87
C VAL A 86 -2.48 6.04 6.20
N CYS A 87 -1.55 5.63 5.34
CA CYS A 87 -0.82 4.39 5.55
C CYS A 87 0.64 4.68 5.87
N ARG A 88 1.09 5.88 5.55
CA ARG A 88 2.47 6.28 5.81
C ARG A 88 3.44 5.49 4.93
N GLY A 89 3.03 5.26 3.68
CA GLY A 89 3.88 4.51 2.76
C GLY A 89 3.88 3.03 3.04
N ALA A 90 2.72 2.50 3.42
CA ALA A 90 2.59 1.08 3.72
C ALA A 90 1.77 0.37 2.65
N GLY A 91 0.73 1.04 2.17
CA GLY A 91 -0.13 0.45 1.14
C GLY A 91 -1.23 -0.40 1.74
N GLN A 92 -1.54 -0.18 3.01
CA GLN A 92 -2.58 -0.93 3.69
C GLN A 92 -3.18 -0.13 4.83
N ALA A 93 -4.51 -0.13 4.92
CA ALA A 93 -5.20 0.61 5.97
C ALA A 93 -6.48 -0.11 6.39
N LYS A 94 -7.24 0.51 7.28
CA LYS A 94 -8.49 -0.07 7.76
C LYS A 94 -9.58 0.02 6.70
N GLN A 95 -9.48 -0.83 5.68
CA GLN A 95 -10.46 -0.84 4.61
C GLN A 95 -11.41 -2.03 4.75
N LYS A 96 -12.71 -1.74 4.73
CA LYS A 96 -13.72 -2.77 4.86
C LYS A 96 -13.35 -4.00 4.02
N LYS A 97 -14.05 -5.11 4.27
CA LYS A 97 -13.80 -6.35 3.55
C LYS A 97 -14.42 -6.29 2.16
N ARG A 98 -13.58 -6.32 1.13
CA ARG A 98 -14.06 -6.28 -0.25
C ARG A 98 -13.88 -7.64 -0.92
N SER A 99 -12.69 -8.21 -0.80
CA SER A 99 -12.40 -9.51 -1.40
C SER A 99 -11.27 -10.21 -0.65
N GLY A 100 -11.63 -11.26 0.09
CA GLY A 100 -10.65 -12.01 0.85
C GLY A 100 -10.58 -13.46 0.44
N PRO A 101 -11.57 -14.25 0.86
CA PRO A 101 -11.64 -15.68 0.55
C PRO A 101 -11.95 -15.94 -0.92
N SER A 102 -12.13 -14.85 -1.68
CA SER A 102 -12.43 -14.96 -3.10
C SER A 102 -11.39 -14.23 -3.94
N SER A 103 -10.99 -14.85 -5.04
CA SER A 103 -9.99 -14.25 -5.92
C SER A 103 -8.66 -14.06 -5.19
N GLY A 104 -8.14 -15.15 -4.61
CA GLY A 104 -6.89 -15.07 -3.89
C GLY A 104 -5.82 -15.97 -4.49
N GLY A 1 -13.01 14.84 -62.58
CA GLY A 1 -12.78 15.20 -61.19
C GLY A 1 -14.01 15.81 -60.54
N SER A 2 -14.56 15.13 -59.54
CA SER A 2 -15.74 15.62 -58.85
C SER A 2 -15.89 14.95 -57.49
N SER A 3 -16.51 15.66 -56.55
CA SER A 3 -16.70 15.13 -55.21
C SER A 3 -15.38 15.00 -54.47
N GLY A 4 -14.53 16.01 -54.61
CA GLY A 4 -13.23 16.00 -53.96
C GLY A 4 -13.35 15.97 -52.44
N SER A 5 -12.32 15.44 -51.78
CA SER A 5 -12.31 15.35 -50.33
C SER A 5 -10.94 14.90 -49.82
N SER A 6 -10.81 14.83 -48.50
CA SER A 6 -9.55 14.41 -47.89
C SER A 6 -9.77 13.26 -46.92
N GLY A 7 -8.70 12.76 -46.33
CA GLY A 7 -8.79 11.66 -45.39
C GLY A 7 -8.60 12.10 -43.96
N MET A 8 -8.23 11.17 -43.09
CA MET A 8 -8.02 11.46 -41.68
C MET A 8 -6.98 10.52 -41.08
N GLU A 9 -6.68 10.72 -39.80
CA GLU A 9 -5.70 9.88 -39.11
C GLU A 9 -6.38 9.06 -38.01
N LEU A 10 -5.60 8.22 -37.35
CA LEU A 10 -6.11 7.37 -36.28
C LEU A 10 -5.25 7.48 -35.03
N THR A 11 -5.68 6.81 -33.97
CA THR A 11 -4.93 6.84 -32.71
C THR A 11 -5.06 5.51 -31.97
N PHE A 12 -4.06 5.19 -31.15
CA PHE A 12 -4.06 3.95 -30.40
C PHE A 12 -4.09 4.23 -28.90
N ASN A 13 -4.25 3.18 -28.10
CA ASN A 13 -4.28 3.31 -26.65
C ASN A 13 -3.44 2.24 -25.98
N GLN A 14 -3.36 2.30 -24.66
CA GLN A 14 -2.59 1.32 -23.88
C GLN A 14 -3.45 0.69 -22.79
N ALA A 15 -2.86 -0.24 -22.06
CA ALA A 15 -3.56 -0.93 -20.98
C ALA A 15 -2.65 -1.16 -19.79
N ALA A 16 -3.24 -1.55 -18.66
CA ALA A 16 -2.47 -1.81 -17.44
C ALA A 16 -2.97 -3.06 -16.74
N LYS A 17 -2.27 -3.46 -15.69
CA LYS A 17 -2.64 -4.66 -14.93
C LYS A 17 -2.14 -4.56 -13.49
N GLY A 18 -2.90 -5.14 -12.56
CA GLY A 18 -2.51 -5.10 -11.16
C GLY A 18 -2.97 -6.33 -10.40
N VAL A 19 -2.31 -6.62 -9.29
CA VAL A 19 -2.65 -7.78 -8.48
C VAL A 19 -2.16 -7.61 -7.04
N ASN A 20 -2.89 -8.20 -6.10
CA ASN A 20 -2.52 -8.11 -4.69
C ASN A 20 -3.17 -9.24 -3.89
N LYS A 21 -2.42 -9.78 -2.94
CA LYS A 21 -2.91 -10.88 -2.11
C LYS A 21 -2.36 -10.76 -0.68
N GLU A 22 -3.09 -11.34 0.27
CA GLU A 22 -2.68 -11.30 1.67
C GLU A 22 -3.53 -12.25 2.51
N PHE A 23 -2.99 -12.67 3.65
CA PHE A 23 -3.69 -13.58 4.54
C PHE A 23 -3.74 -13.02 5.96
N THR A 24 -4.72 -12.16 6.22
CA THR A 24 -4.87 -11.55 7.54
C THR A 24 -6.32 -11.54 7.97
N VAL A 25 -6.59 -12.05 9.16
CA VAL A 25 -7.95 -12.10 9.70
C VAL A 25 -8.41 -10.72 10.15
N ASN A 26 -7.46 -9.88 10.54
CA ASN A 26 -7.77 -8.53 11.00
C ASN A 26 -8.10 -7.62 9.81
N ILE A 27 -8.93 -6.62 10.05
CA ILE A 27 -9.32 -5.68 9.01
C ILE A 27 -8.10 -5.12 8.29
N MET A 28 -7.79 -5.70 7.13
CA MET A 28 -6.66 -5.25 6.34
C MET A 28 -6.97 -5.32 4.85
N ASP A 29 -6.85 -4.19 4.17
CA ASP A 29 -7.13 -4.11 2.74
C ASP A 29 -6.27 -3.04 2.07
N THR A 30 -6.40 -2.92 0.76
CA THR A 30 -5.62 -1.94 0.00
C THR A 30 -5.99 -0.52 0.42
N CYS A 31 -4.97 0.29 0.71
CA CYS A 31 -5.18 1.68 1.12
C CYS A 31 -6.16 2.38 0.18
N GLU A 32 -6.78 3.44 0.67
CA GLU A 32 -7.74 4.20 -0.13
C GLU A 32 -7.19 5.59 -0.45
N ARG A 33 -6.33 6.11 0.43
CA ARG A 33 -5.74 7.42 0.23
C ARG A 33 -4.78 7.41 -0.96
N CYS A 34 -3.93 6.39 -1.01
CA CYS A 34 -2.96 6.26 -2.09
C CYS A 34 -3.39 5.18 -3.09
N ASN A 35 -4.43 4.44 -2.72
CA ASN A 35 -4.95 3.38 -3.59
C ASN A 35 -3.88 2.30 -3.80
N GLY A 36 -3.14 1.99 -2.74
CA GLY A 36 -2.11 0.98 -2.84
C GLY A 36 -0.91 1.43 -3.65
N LYS A 37 -0.62 2.73 -3.56
CA LYS A 37 0.52 3.31 -4.30
C LYS A 37 1.69 3.57 -3.36
N GLY A 38 1.43 4.29 -2.29
CA GLY A 38 2.47 4.61 -1.33
C GLY A 38 2.85 6.08 -1.32
N ASN A 39 1.93 6.92 -1.81
CA ASN A 39 2.17 8.35 -1.86
C ASN A 39 0.85 9.12 -1.75
N GLU A 40 0.93 10.34 -1.23
CA GLU A 40 -0.25 11.18 -1.07
C GLU A 40 -0.89 11.49 -2.42
N PRO A 41 -2.23 11.45 -2.46
CA PRO A 41 -2.99 11.73 -3.69
C PRO A 41 -2.93 13.20 -4.09
N GLY A 42 -1.95 13.92 -3.53
CA GLY A 42 -1.80 15.33 -3.84
C GLY A 42 -0.36 15.73 -4.02
N THR A 43 0.55 14.80 -3.77
CA THR A 43 1.98 15.05 -3.90
C THR A 43 2.52 14.58 -5.25
N LYS A 44 3.68 15.08 -5.63
CA LYS A 44 4.29 14.71 -6.90
C LYS A 44 5.23 13.52 -6.72
N VAL A 45 5.93 13.15 -7.79
CA VAL A 45 6.87 12.04 -7.75
C VAL A 45 8.06 12.29 -8.67
N GLN A 46 9.21 11.75 -8.29
CA GLN A 46 10.43 11.92 -9.08
C GLN A 46 10.86 10.59 -9.69
N HIS A 47 10.99 10.58 -11.02
CA HIS A 47 11.40 9.38 -11.73
C HIS A 47 12.72 8.84 -11.19
N CYS A 48 12.74 7.55 -10.85
CA CYS A 48 13.94 6.92 -10.31
C CYS A 48 14.88 6.51 -11.43
N HIS A 49 16.17 6.46 -11.12
CA HIS A 49 17.18 6.08 -12.11
C HIS A 49 17.72 4.69 -11.83
N TYR A 50 17.98 4.40 -10.55
CA TYR A 50 18.50 3.11 -10.14
C TYR A 50 17.90 1.99 -10.98
N CYS A 51 16.59 1.81 -10.86
CA CYS A 51 15.89 0.77 -11.62
C CYS A 51 15.38 1.31 -12.95
N GLY A 52 14.98 2.57 -12.95
CA GLY A 52 14.49 3.20 -14.17
C GLY A 52 13.01 2.94 -14.38
N GLY A 53 12.31 2.57 -13.31
CA GLY A 53 10.89 2.30 -13.41
C GLY A 53 10.58 0.82 -13.50
N SER A 54 11.50 0.00 -13.00
CA SER A 54 11.32 -1.45 -13.03
C SER A 54 11.24 -2.01 -11.61
N GLY A 55 11.74 -1.24 -10.65
CA GLY A 55 11.71 -1.68 -9.27
C GLY A 55 12.70 -2.80 -8.99
N MET A 56 13.86 -2.72 -9.65
CA MET A 56 14.89 -3.75 -9.47
C MET A 56 16.28 -3.12 -9.61
N GLU A 57 17.19 -3.50 -8.72
CA GLU A 57 18.56 -2.99 -8.74
C GLU A 57 19.56 -4.10 -9.03
N THR A 58 20.67 -3.74 -9.65
CA THR A 58 21.71 -4.71 -9.97
C THR A 58 23.04 -4.32 -9.35
N ILE A 59 23.68 -5.29 -8.69
CA ILE A 59 24.96 -5.05 -8.05
C ILE A 59 26.10 -5.68 -8.83
N ASN A 60 26.86 -4.85 -9.55
CA ASN A 60 27.98 -5.33 -10.35
C ASN A 60 29.23 -5.50 -9.48
N THR A 61 29.48 -6.75 -9.06
CA THR A 61 30.64 -7.05 -8.24
C THR A 61 31.49 -8.15 -8.86
N GLY A 62 32.73 -7.81 -9.20
CA GLY A 62 33.64 -8.78 -9.79
C GLY A 62 33.05 -9.41 -11.04
N PRO A 63 33.53 -10.63 -11.37
CA PRO A 63 33.06 -11.37 -12.56
C PRO A 63 31.62 -11.86 -12.40
N PHE A 64 31.01 -11.52 -11.27
CA PHE A 64 29.63 -11.94 -11.00
C PHE A 64 28.75 -10.73 -10.72
N VAL A 65 27.44 -10.98 -10.62
CA VAL A 65 26.49 -9.91 -10.36
C VAL A 65 25.34 -10.40 -9.48
N MET A 66 24.84 -9.54 -8.61
CA MET A 66 23.74 -9.88 -7.73
C MET A 66 22.46 -9.18 -8.15
N ARG A 67 21.35 -9.53 -7.49
CA ARG A 67 20.06 -8.93 -7.80
C ARG A 67 19.29 -8.62 -6.52
N SER A 68 19.06 -7.34 -6.27
CA SER A 68 18.33 -6.91 -5.08
C SER A 68 17.34 -5.79 -5.42
N THR A 69 16.21 -5.78 -4.72
CA THR A 69 15.18 -4.78 -4.94
C THR A 69 15.74 -3.38 -4.73
N CYS A 70 15.30 -2.43 -5.56
CA CYS A 70 15.76 -1.05 -5.46
C CYS A 70 15.54 -0.51 -4.05
N ARG A 71 16.47 0.32 -3.59
CA ARG A 71 16.39 0.90 -2.26
C ARG A 71 16.08 2.40 -2.35
N ARG A 72 16.41 3.00 -3.49
CA ARG A 72 16.16 4.43 -3.69
C ARG A 72 14.67 4.73 -3.77
N CYS A 73 13.94 3.88 -4.50
CA CYS A 73 12.50 4.06 -4.66
C CYS A 73 11.74 3.04 -3.80
N GLY A 74 12.27 1.83 -3.71
CA GLY A 74 11.63 0.80 -2.91
C GLY A 74 10.82 -0.17 -3.76
N GLY A 75 11.27 -0.38 -4.99
CA GLY A 75 10.57 -1.28 -5.89
C GLY A 75 9.30 -0.68 -6.44
N ARG A 76 9.33 0.62 -6.73
CA ARG A 76 8.18 1.32 -7.27
C ARG A 76 8.49 1.91 -8.64
N GLY A 77 9.74 2.34 -8.82
CA GLY A 77 10.13 2.93 -10.09
C GLY A 77 10.39 4.42 -9.98
N SER A 78 10.00 5.01 -8.85
CA SER A 78 10.18 6.44 -8.63
C SER A 78 10.30 6.74 -7.14
N ILE A 79 10.82 7.92 -6.82
CA ILE A 79 10.99 8.34 -5.44
C ILE A 79 9.79 9.17 -4.98
N ILE A 80 9.18 8.74 -3.87
CA ILE A 80 8.02 9.44 -3.32
C ILE A 80 8.47 10.57 -2.38
N ILE A 81 8.39 11.80 -2.86
CA ILE A 81 8.77 12.96 -2.07
C ILE A 81 8.04 12.97 -0.72
N SER A 82 6.77 12.59 -0.75
CA SER A 82 5.97 12.55 0.47
C SER A 82 5.17 11.25 0.57
N PRO A 83 5.56 10.39 1.52
CA PRO A 83 4.91 9.10 1.74
C PRO A 83 3.50 9.25 2.30
N CYS A 84 2.61 8.33 1.94
CA CYS A 84 1.23 8.36 2.41
C CYS A 84 1.17 8.75 3.88
N VAL A 85 -0.01 9.20 4.32
CA VAL A 85 -0.20 9.59 5.71
C VAL A 85 -1.14 8.64 6.43
N VAL A 86 -1.77 7.74 5.67
CA VAL A 86 -2.70 6.77 6.23
C VAL A 86 -2.05 5.39 6.34
N CYS A 87 -1.24 5.04 5.34
CA CYS A 87 -0.56 3.75 5.32
C CYS A 87 0.94 3.93 5.47
N ARG A 88 1.40 5.17 5.32
CA ARG A 88 2.83 5.48 5.44
C ARG A 88 3.64 4.68 4.43
N GLY A 89 3.22 4.71 3.17
CA GLY A 89 3.91 3.97 2.13
C GLY A 89 3.91 2.48 2.37
N ALA A 90 2.82 1.96 2.92
CA ALA A 90 2.70 0.55 3.19
C ALA A 90 1.96 -0.18 2.07
N GLY A 91 0.99 0.51 1.47
CA GLY A 91 0.23 -0.08 0.39
C GLY A 91 -1.09 -0.67 0.87
N GLN A 92 -1.25 -0.76 2.19
CA GLN A 92 -2.47 -1.30 2.77
C GLN A 92 -2.83 -0.57 4.06
N ALA A 93 -4.13 -0.52 4.35
CA ALA A 93 -4.61 0.15 5.56
C ALA A 93 -5.88 -0.51 6.08
N LYS A 94 -6.29 -0.11 7.29
CA LYS A 94 -7.49 -0.67 7.90
C LYS A 94 -8.75 -0.09 7.25
N GLN A 95 -9.46 -0.93 6.51
CA GLN A 95 -10.69 -0.51 5.85
C GLN A 95 -11.91 -1.15 6.49
N LYS A 96 -12.47 -0.46 7.48
CA LYS A 96 -13.64 -0.96 8.19
C LYS A 96 -14.66 -1.54 7.21
N LYS A 97 -15.35 -2.60 7.64
CA LYS A 97 -16.35 -3.24 6.80
C LYS A 97 -17.68 -2.50 6.87
N ARG A 98 -18.23 -2.17 5.70
CA ARG A 98 -19.49 -1.46 5.63
C ARG A 98 -20.56 -2.15 6.47
N SER A 99 -20.92 -3.37 6.08
CA SER A 99 -21.93 -4.14 6.80
C SER A 99 -21.59 -4.23 8.28
N GLY A 100 -20.46 -4.88 8.59
CA GLY A 100 -20.04 -5.03 9.96
C GLY A 100 -18.60 -5.47 10.08
N PRO A 101 -17.87 -4.89 11.05
CA PRO A 101 -16.46 -5.21 11.28
C PRO A 101 -16.28 -6.61 11.86
N SER A 102 -15.16 -7.26 11.50
CA SER A 102 -14.87 -8.60 11.98
C SER A 102 -14.56 -8.59 13.48
N SER A 103 -15.61 -8.60 14.30
CA SER A 103 -15.44 -8.59 15.75
C SER A 103 -16.75 -8.93 16.44
N GLY A 104 -16.66 -9.27 17.72
CA GLY A 104 -17.86 -9.62 18.48
C GLY A 104 -18.29 -11.05 18.27
N GLY A 1 -36.84 -15.25 71.65
CA GLY A 1 -35.60 -15.33 70.89
C GLY A 1 -35.31 -14.05 70.14
N SER A 2 -34.49 -14.14 69.10
CA SER A 2 -34.13 -12.98 68.30
C SER A 2 -33.61 -13.40 66.93
N SER A 3 -33.54 -12.44 66.01
CA SER A 3 -33.07 -12.71 64.65
C SER A 3 -32.47 -11.46 64.03
N GLY A 4 -31.38 -11.65 63.29
CA GLY A 4 -30.72 -10.52 62.65
C GLY A 4 -30.99 -10.47 61.15
N SER A 5 -30.07 -9.85 60.42
CA SER A 5 -30.21 -9.73 58.97
C SER A 5 -28.96 -9.12 58.35
N SER A 6 -28.81 -9.28 57.04
CA SER A 6 -27.66 -8.75 56.32
C SER A 6 -28.04 -8.32 54.91
N GLY A 7 -27.08 -7.76 54.19
CA GLY A 7 -27.33 -7.32 52.84
C GLY A 7 -26.10 -7.42 51.95
N MET A 8 -26.24 -7.01 50.69
CA MET A 8 -25.14 -7.05 49.74
C MET A 8 -25.52 -6.39 48.42
N GLU A 9 -24.53 -6.21 47.56
CA GLU A 9 -24.77 -5.57 46.26
C GLU A 9 -23.50 -5.60 45.41
N LEU A 10 -23.67 -5.70 44.10
CA LEU A 10 -22.55 -5.73 43.17
C LEU A 10 -23.03 -5.65 41.73
N THR A 11 -22.43 -4.75 40.95
CA THR A 11 -22.79 -4.59 39.55
C THR A 11 -21.70 -3.83 38.79
N PHE A 12 -21.57 -4.13 37.50
CA PHE A 12 -20.57 -3.49 36.67
C PHE A 12 -20.74 -3.89 35.20
N ASN A 13 -20.51 -2.94 34.30
CA ASN A 13 -20.64 -3.20 32.87
C ASN A 13 -20.06 -2.04 32.06
N GLN A 14 -19.06 -2.36 31.24
CA GLN A 14 -18.42 -1.35 30.40
C GLN A 14 -18.01 -1.94 29.05
N ALA A 15 -17.49 -1.09 28.18
CA ALA A 15 -17.06 -1.52 26.85
C ALA A 15 -16.34 -0.40 26.12
N ALA A 16 -15.10 -0.66 25.70
CA ALA A 16 -14.31 0.33 24.99
C ALA A 16 -13.09 -0.32 24.33
N LYS A 17 -12.51 0.38 23.36
CA LYS A 17 -11.34 -0.12 22.66
C LYS A 17 -10.21 0.90 22.68
N GLY A 18 -9.15 0.60 23.42
CA GLY A 18 -8.02 1.50 23.50
C GLY A 18 -6.77 0.83 24.05
N VAL A 19 -5.94 0.31 23.17
CA VAL A 19 -4.72 -0.37 23.57
C VAL A 19 -3.59 -0.10 22.57
N ASN A 20 -2.37 -0.39 23.00
CA ASN A 20 -1.20 -0.18 22.15
C ASN A 20 -0.72 -1.49 21.53
N LYS A 21 -0.67 -2.53 22.35
CA LYS A 21 -0.25 -3.85 21.88
C LYS A 21 -0.94 -4.23 20.58
N GLU A 22 -0.47 -5.30 19.96
CA GLU A 22 -1.05 -5.77 18.69
C GLU A 22 -1.72 -7.12 18.87
N PHE A 23 -2.71 -7.41 18.02
CA PHE A 23 -3.43 -8.68 18.08
C PHE A 23 -3.47 -9.34 16.71
N THR A 24 -4.00 -10.56 16.67
CA THR A 24 -4.11 -11.30 15.42
C THR A 24 -4.41 -10.37 14.25
N VAL A 25 -3.66 -10.54 13.16
CA VAL A 25 -3.85 -9.72 11.97
C VAL A 25 -5.32 -9.39 11.76
N ASN A 26 -5.58 -8.14 11.36
CA ASN A 26 -6.95 -7.70 11.13
C ASN A 26 -7.19 -7.41 9.64
N ILE A 27 -8.44 -7.19 9.27
CA ILE A 27 -8.79 -6.89 7.89
C ILE A 27 -7.69 -6.12 7.20
N MET A 28 -7.32 -6.55 6.00
CA MET A 28 -6.28 -5.88 5.23
C MET A 28 -6.75 -5.59 3.80
N ASP A 29 -6.84 -4.31 3.47
CA ASP A 29 -7.28 -3.89 2.14
C ASP A 29 -6.33 -2.85 1.56
N THR A 30 -6.58 -2.47 0.31
CA THR A 30 -5.75 -1.48 -0.36
C THR A 30 -6.10 -0.06 0.10
N CYS A 31 -5.06 0.75 0.32
CA CYS A 31 -5.26 2.13 0.76
C CYS A 31 -6.27 2.84 -0.14
N GLU A 32 -6.80 3.96 0.36
CA GLU A 32 -7.78 4.74 -0.39
C GLU A 32 -7.23 6.12 -0.71
N ARG A 33 -6.39 6.64 0.17
CA ARG A 33 -5.79 7.96 -0.02
C ARG A 33 -4.79 7.95 -1.17
N CYS A 34 -4.01 6.87 -1.26
CA CYS A 34 -3.01 6.74 -2.31
C CYS A 34 -3.43 5.68 -3.32
N ASN A 35 -4.47 4.93 -2.99
CA ASN A 35 -4.98 3.89 -3.89
C ASN A 35 -3.92 2.82 -4.11
N GLY A 36 -3.17 2.48 -3.05
CA GLY A 36 -2.14 1.47 -3.17
C GLY A 36 -0.92 1.97 -3.91
N LYS A 37 -0.66 3.27 -3.81
CA LYS A 37 0.49 3.86 -4.47
C LYS A 37 1.65 4.07 -3.50
N GLY A 38 1.35 4.74 -2.38
CA GLY A 38 2.37 4.99 -1.38
C GLY A 38 2.77 6.45 -1.30
N ASN A 39 1.86 7.32 -1.74
CA ASN A 39 2.11 8.76 -1.72
C ASN A 39 0.81 9.55 -1.68
N GLU A 40 0.88 10.78 -1.22
CA GLU A 40 -0.29 11.65 -1.14
C GLU A 40 -0.86 11.91 -2.54
N PRO A 41 -2.21 11.93 -2.63
CA PRO A 41 -2.90 12.18 -3.89
C PRO A 41 -2.75 13.62 -4.37
N GLY A 42 -1.87 14.36 -3.71
CA GLY A 42 -1.64 15.75 -4.08
C GLY A 42 -0.17 16.10 -4.14
N THR A 43 0.67 15.08 -4.20
CA THR A 43 2.12 15.28 -4.25
C THR A 43 2.69 14.89 -5.62
N LYS A 44 3.97 15.15 -5.82
CA LYS A 44 4.63 14.82 -7.07
C LYS A 44 5.62 13.68 -6.88
N VAL A 45 5.99 13.03 -7.98
CA VAL A 45 6.93 11.93 -7.94
C VAL A 45 7.99 12.05 -9.03
N GLN A 46 9.22 11.65 -8.70
CA GLN A 46 10.32 11.73 -9.66
C GLN A 46 10.75 10.34 -10.10
N HIS A 47 10.97 10.17 -11.40
CA HIS A 47 11.39 8.88 -11.95
C HIS A 47 12.69 8.42 -11.31
N CYS A 48 12.72 7.17 -10.87
CA CYS A 48 13.91 6.60 -10.24
C CYS A 48 14.87 6.06 -11.29
N HIS A 49 16.16 6.08 -10.97
CA HIS A 49 17.18 5.59 -11.89
C HIS A 49 17.66 4.21 -11.47
N TYR A 50 17.96 4.05 -10.18
CA TYR A 50 18.43 2.78 -9.65
C TYR A 50 17.76 1.61 -10.37
N CYS A 51 16.43 1.57 -10.31
CA CYS A 51 15.67 0.50 -10.95
C CYS A 51 15.14 0.96 -12.30
N GLY A 52 14.76 2.22 -12.39
CA GLY A 52 14.23 2.76 -13.64
C GLY A 52 12.75 2.47 -13.82
N GLY A 53 12.06 2.20 -12.72
CA GLY A 53 10.65 1.91 -12.79
C GLY A 53 10.35 0.42 -12.69
N SER A 54 11.08 -0.27 -11.82
CA SER A 54 10.91 -1.71 -11.64
C SER A 54 10.80 -2.06 -10.17
N GLY A 55 11.56 -1.34 -9.34
CA GLY A 55 11.55 -1.59 -7.91
C GLY A 55 12.59 -2.62 -7.49
N MET A 56 13.68 -2.68 -8.23
CA MET A 56 14.76 -3.61 -7.93
C MET A 56 16.12 -3.05 -8.34
N GLU A 57 17.11 -3.21 -7.47
CA GLU A 57 18.45 -2.72 -7.73
C GLU A 57 19.38 -3.84 -8.16
N THR A 58 20.40 -3.50 -8.93
CA THR A 58 21.36 -4.49 -9.41
C THR A 58 22.76 -4.19 -8.91
N ILE A 59 23.40 -5.18 -8.30
CA ILE A 59 24.75 -5.02 -7.79
C ILE A 59 25.77 -5.74 -8.65
N ASN A 60 26.39 -5.00 -9.57
CA ASN A 60 27.39 -5.58 -10.46
C ASN A 60 28.75 -5.68 -9.77
N THR A 61 29.10 -6.90 -9.34
CA THR A 61 30.36 -7.13 -8.66
C THR A 61 31.14 -8.25 -9.34
N GLY A 62 32.29 -7.91 -9.91
CA GLY A 62 33.12 -8.91 -10.58
C GLY A 62 32.41 -9.55 -11.76
N PRO A 63 32.79 -10.79 -12.07
CA PRO A 63 32.20 -11.54 -13.18
C PRO A 63 30.76 -11.96 -12.90
N PHE A 64 30.24 -11.54 -11.76
CA PHE A 64 28.88 -11.87 -11.37
C PHE A 64 28.13 -10.62 -10.90
N VAL A 65 26.82 -10.76 -10.73
CA VAL A 65 25.98 -9.65 -10.29
C VAL A 65 24.85 -10.14 -9.39
N MET A 66 24.56 -9.36 -8.34
CA MET A 66 23.50 -9.71 -7.41
C MET A 66 22.22 -8.93 -7.72
N ARG A 67 21.15 -9.27 -7.02
CA ARG A 67 19.86 -8.60 -7.23
C ARG A 67 19.17 -8.36 -5.89
N SER A 68 19.02 -7.08 -5.53
CA SER A 68 18.37 -6.72 -4.28
C SER A 68 17.42 -5.55 -4.49
N THR A 69 16.32 -5.54 -3.74
CA THR A 69 15.33 -4.49 -3.84
C THR A 69 15.98 -3.11 -3.84
N CYS A 70 15.44 -2.20 -4.65
CA CYS A 70 15.98 -0.84 -4.74
C CYS A 70 16.11 -0.22 -3.36
N ARG A 71 16.83 0.89 -3.29
CA ARG A 71 17.03 1.59 -2.02
C ARG A 71 16.56 3.05 -2.12
N ARG A 72 16.79 3.66 -3.27
CA ARG A 72 16.38 5.04 -3.50
C ARG A 72 14.86 5.18 -3.42
N CYS A 73 14.16 4.38 -4.21
CA CYS A 73 12.71 4.41 -4.23
C CYS A 73 12.12 3.48 -3.17
N GLY A 74 12.70 2.28 -3.06
CA GLY A 74 12.23 1.32 -2.08
C GLY A 74 11.37 0.24 -2.71
N GLY A 75 11.67 -0.11 -3.95
CA GLY A 75 10.92 -1.13 -4.64
C GLY A 75 9.59 -0.62 -5.16
N ARG A 76 9.59 0.59 -5.69
CA ARG A 76 8.37 1.20 -6.22
C ARG A 76 8.56 1.59 -7.68
N GLY A 77 9.73 2.13 -8.00
CA GLY A 77 10.00 2.54 -9.36
C GLY A 77 10.25 4.04 -9.48
N SER A 78 9.90 4.78 -8.43
CA SER A 78 10.08 6.23 -8.43
C SER A 78 10.34 6.73 -7.01
N ILE A 79 10.77 7.98 -6.90
CA ILE A 79 11.05 8.59 -5.61
C ILE A 79 9.85 9.40 -5.11
N ILE A 80 9.33 9.01 -3.96
CA ILE A 80 8.18 9.69 -3.37
C ILE A 80 8.64 10.79 -2.42
N ILE A 81 8.55 12.04 -2.88
CA ILE A 81 8.94 13.18 -2.07
C ILE A 81 8.14 13.25 -0.78
N SER A 82 6.89 12.80 -0.84
CA SER A 82 6.02 12.82 0.33
C SER A 82 5.26 11.49 0.44
N PRO A 83 5.63 10.67 1.44
CA PRO A 83 4.99 9.38 1.68
C PRO A 83 3.57 9.53 2.20
N CYS A 84 2.68 8.65 1.73
CA CYS A 84 1.28 8.68 2.15
C CYS A 84 1.16 8.94 3.65
N VAL A 85 -0.01 9.38 4.07
CA VAL A 85 -0.26 9.67 5.49
C VAL A 85 -1.18 8.62 6.10
N VAL A 86 -1.66 7.69 5.28
CA VAL A 86 -2.56 6.64 5.74
C VAL A 86 -1.83 5.31 5.83
N CYS A 87 -1.22 4.90 4.72
CA CYS A 87 -0.49 3.64 4.66
C CYS A 87 1.01 3.87 4.81
N ARG A 88 1.39 5.13 4.97
CA ARG A 88 2.80 5.49 5.12
C ARG A 88 3.66 4.74 4.11
N GLY A 89 3.22 4.75 2.84
CA GLY A 89 3.97 4.07 1.80
C GLY A 89 3.99 2.56 1.99
N ALA A 90 2.86 2.01 2.42
CA ALA A 90 2.75 0.57 2.64
C ALA A 90 1.99 -0.10 1.50
N GLY A 91 1.11 0.65 0.85
CA GLY A 91 0.33 0.11 -0.25
C GLY A 91 -1.00 -0.46 0.21
N GLN A 92 -1.15 -0.65 1.51
CA GLN A 92 -2.38 -1.19 2.07
C GLN A 92 -2.67 -0.58 3.44
N ALA A 93 -3.93 -0.64 3.85
CA ALA A 93 -4.34 -0.11 5.14
C ALA A 93 -5.37 -1.01 5.81
N LYS A 94 -5.77 -0.64 7.02
CA LYS A 94 -6.76 -1.42 7.77
C LYS A 94 -8.17 -0.91 7.48
N GLN A 95 -8.91 -1.67 6.67
CA GLN A 95 -10.28 -1.30 6.32
C GLN A 95 -11.27 -1.95 7.28
N LYS A 96 -11.49 -1.31 8.43
CA LYS A 96 -12.43 -1.82 9.42
C LYS A 96 -13.82 -1.96 8.83
N LYS A 97 -14.38 -0.86 8.38
CA LYS A 97 -15.72 -0.86 7.78
C LYS A 97 -15.65 -1.13 6.28
N ARG A 98 -15.86 -2.39 5.89
CA ARG A 98 -15.82 -2.77 4.49
C ARG A 98 -17.03 -3.63 4.14
N SER A 99 -17.50 -4.42 5.09
CA SER A 99 -18.65 -5.29 4.88
C SER A 99 -19.13 -5.89 6.19
N GLY A 100 -20.34 -5.49 6.60
CA GLY A 100 -20.90 -6.00 7.84
C GLY A 100 -22.40 -6.12 7.79
N PRO A 101 -22.90 -7.23 7.23
CA PRO A 101 -24.34 -7.49 7.11
C PRO A 101 -24.99 -7.76 8.46
N SER A 102 -24.34 -8.57 9.28
CA SER A 102 -24.87 -8.90 10.60
C SER A 102 -23.73 -9.31 11.54
N SER A 103 -24.08 -9.50 12.82
CA SER A 103 -23.09 -9.88 13.82
C SER A 103 -22.68 -11.34 13.66
N GLY A 104 -21.40 -11.61 13.91
CA GLY A 104 -20.89 -12.97 13.78
C GLY A 104 -19.46 -13.10 14.25
N GLY A 1 -51.84 -0.11 23.67
CA GLY A 1 -50.42 0.22 23.74
C GLY A 1 -49.55 -0.89 23.20
N SER A 2 -48.24 -0.66 23.24
CA SER A 2 -47.28 -1.65 22.75
C SER A 2 -45.85 -1.25 23.12
N SER A 3 -44.89 -2.11 22.77
CA SER A 3 -43.49 -1.86 23.06
C SER A 3 -42.59 -2.75 22.21
N GLY A 4 -41.29 -2.53 22.32
CA GLY A 4 -40.33 -3.32 21.56
C GLY A 4 -38.92 -3.21 22.10
N SER A 5 -37.97 -3.77 21.37
CA SER A 5 -36.57 -3.73 21.78
C SER A 5 -35.65 -4.16 20.64
N SER A 6 -34.34 -4.00 20.85
CA SER A 6 -33.36 -4.36 19.83
C SER A 6 -32.02 -4.69 20.47
N GLY A 7 -31.05 -5.08 19.65
CA GLY A 7 -29.73 -5.41 20.15
C GLY A 7 -28.61 -4.90 19.25
N MET A 8 -27.38 -5.10 19.67
CA MET A 8 -26.22 -4.66 18.90
C MET A 8 -25.53 -5.84 18.24
N GLU A 9 -25.65 -7.02 18.85
CA GLU A 9 -25.02 -8.22 18.32
C GLU A 9 -23.59 -7.95 17.86
N LEU A 10 -22.81 -7.33 18.74
CA LEU A 10 -21.43 -7.01 18.44
C LEU A 10 -20.65 -8.26 18.03
N THR A 11 -19.38 -8.07 17.69
CA THR A 11 -18.53 -9.19 17.29
C THR A 11 -17.31 -9.30 18.20
N PHE A 12 -16.56 -10.40 18.04
CA PHE A 12 -15.37 -10.64 18.85
C PHE A 12 -14.53 -11.76 18.26
N ASN A 13 -13.22 -11.61 18.33
CA ASN A 13 -12.30 -12.62 17.80
C ASN A 13 -11.42 -13.20 18.92
N GLN A 14 -10.85 -14.36 18.65
CA GLN A 14 -9.99 -15.02 19.63
C GLN A 14 -8.56 -14.47 19.56
N ALA A 15 -8.26 -13.51 20.43
CA ALA A 15 -6.94 -12.89 20.46
C ALA A 15 -6.55 -12.52 21.89
N ALA A 16 -5.25 -12.35 22.11
CA ALA A 16 -4.76 -11.99 23.43
C ALA A 16 -4.74 -10.47 23.62
N LYS A 17 -5.83 -9.83 23.20
CA LYS A 17 -5.95 -8.37 23.32
C LYS A 17 -7.42 -7.96 23.39
N GLY A 18 -7.68 -6.86 24.10
CA GLY A 18 -9.05 -6.38 24.22
C GLY A 18 -9.53 -5.68 22.97
N VAL A 19 -10.64 -6.16 22.42
CA VAL A 19 -11.21 -5.58 21.22
C VAL A 19 -12.69 -5.26 21.40
N ASN A 20 -13.05 -4.82 22.59
CA ASN A 20 -14.44 -4.49 22.90
C ASN A 20 -15.02 -3.54 21.84
N LYS A 21 -14.31 -2.45 21.59
CA LYS A 21 -14.76 -1.46 20.61
C LYS A 21 -15.25 -2.15 19.34
N GLU A 22 -16.16 -1.48 18.63
CA GLU A 22 -16.71 -2.02 17.40
C GLU A 22 -15.61 -2.36 16.40
N PHE A 23 -14.85 -1.35 16.00
CA PHE A 23 -13.76 -1.54 15.05
C PHE A 23 -13.05 -2.87 15.29
N THR A 24 -12.83 -3.62 14.22
CA THR A 24 -12.16 -4.92 14.32
C THR A 24 -10.69 -4.81 13.95
N VAL A 25 -9.87 -5.69 14.50
CA VAL A 25 -8.44 -5.70 14.23
C VAL A 25 -8.15 -6.34 12.87
N ASN A 26 -8.94 -7.34 12.51
CA ASN A 26 -8.75 -8.04 11.24
C ASN A 26 -9.31 -7.21 10.09
N ILE A 27 -8.86 -5.97 9.99
CA ILE A 27 -9.31 -5.07 8.93
C ILE A 27 -8.13 -4.44 8.21
N MET A 28 -7.74 -5.05 7.09
CA MET A 28 -6.62 -4.55 6.30
C MET A 28 -6.87 -4.78 4.81
N ASP A 29 -6.99 -3.68 4.07
CA ASP A 29 -7.23 -3.75 2.62
C ASP A 29 -6.52 -2.62 1.91
N THR A 30 -6.48 -2.71 0.57
CA THR A 30 -5.82 -1.69 -0.23
C THR A 30 -6.14 -0.29 0.27
N CYS A 31 -5.09 0.52 0.46
CA CYS A 31 -5.27 1.89 0.94
C CYS A 31 -6.34 2.61 0.14
N GLU A 32 -6.84 3.72 0.70
CA GLU A 32 -7.86 4.51 0.04
C GLU A 32 -7.33 5.90 -0.32
N ARG A 33 -6.39 6.39 0.47
CA ARG A 33 -5.80 7.70 0.23
C ARG A 33 -4.87 7.68 -0.98
N CYS A 34 -4.03 6.66 -1.06
CA CYS A 34 -3.10 6.52 -2.16
C CYS A 34 -3.61 5.51 -3.19
N ASN A 35 -4.63 4.76 -2.80
CA ASN A 35 -5.22 3.75 -3.67
C ASN A 35 -4.21 2.66 -4.01
N GLY A 36 -3.45 2.23 -2.99
CA GLY A 36 -2.46 1.20 -3.19
C GLY A 36 -1.29 1.67 -4.04
N LYS A 37 -0.97 2.95 -3.93
CA LYS A 37 0.13 3.53 -4.69
C LYS A 37 1.35 3.76 -3.80
N GLY A 38 1.13 4.37 -2.64
CA GLY A 38 2.21 4.63 -1.72
C GLY A 38 2.67 6.08 -1.78
N ASN A 39 1.75 6.99 -2.05
CA ASN A 39 2.08 8.41 -2.14
C ASN A 39 0.83 9.26 -1.91
N GLU A 40 1.04 10.49 -1.45
CA GLU A 40 -0.06 11.41 -1.18
C GLU A 40 -0.82 11.73 -2.47
N PRO A 41 -2.15 11.78 -2.37
CA PRO A 41 -3.02 12.07 -3.50
C PRO A 41 -2.91 13.52 -3.96
N GLY A 42 -1.91 14.22 -3.46
CA GLY A 42 -1.71 15.60 -3.82
C GLY A 42 -0.25 16.03 -3.71
N THR A 43 0.66 15.14 -4.08
CA THR A 43 2.08 15.43 -4.02
C THR A 43 2.78 15.08 -5.32
N LYS A 44 4.09 15.29 -5.36
CA LYS A 44 4.87 15.00 -6.57
C LYS A 44 5.83 13.83 -6.32
N VAL A 45 6.23 13.18 -7.41
CA VAL A 45 7.15 12.05 -7.31
C VAL A 45 8.10 12.01 -8.50
N GLN A 46 9.29 11.44 -8.29
CA GLN A 46 10.28 11.33 -9.34
C GLN A 46 10.43 9.89 -9.82
N HIS A 47 11.03 9.71 -10.99
CA HIS A 47 11.24 8.38 -11.55
C HIS A 47 12.59 7.82 -11.13
N CYS A 48 12.57 6.69 -10.41
CA CYS A 48 13.79 6.05 -9.95
C CYS A 48 14.50 5.33 -11.09
N HIS A 49 15.74 5.73 -11.37
CA HIS A 49 16.52 5.12 -12.44
C HIS A 49 17.15 3.82 -11.97
N TYR A 50 17.52 3.76 -10.69
CA TYR A 50 18.13 2.57 -10.12
C TYR A 50 17.46 1.30 -10.65
N CYS A 51 16.15 1.20 -10.42
CA CYS A 51 15.39 0.05 -10.88
C CYS A 51 14.65 0.35 -12.18
N GLY A 52 14.13 1.57 -12.28
CA GLY A 52 13.41 1.97 -13.47
C GLY A 52 11.92 1.72 -13.36
N GLY A 53 11.44 1.54 -12.13
CA GLY A 53 10.02 1.29 -11.91
C GLY A 53 9.73 -0.17 -11.61
N SER A 54 10.79 -0.94 -11.39
CA SER A 54 10.64 -2.37 -11.11
C SER A 54 10.73 -2.63 -9.60
N GLY A 55 11.40 -1.73 -8.88
CA GLY A 55 11.54 -1.87 -7.45
C GLY A 55 12.65 -2.85 -7.08
N MET A 56 13.65 -2.97 -7.95
CA MET A 56 14.76 -3.87 -7.70
C MET A 56 16.07 -3.26 -8.22
N GLU A 57 17.13 -3.43 -7.43
CA GLU A 57 18.44 -2.90 -7.81
C GLU A 57 19.39 -4.02 -8.23
N THR A 58 20.42 -3.66 -9.00
CA THR A 58 21.38 -4.64 -9.48
C THR A 58 22.80 -4.23 -9.10
N ILE A 59 23.54 -5.15 -8.49
CA ILE A 59 24.91 -4.88 -8.09
C ILE A 59 25.91 -5.57 -9.02
N ASN A 60 26.39 -4.82 -10.00
CA ASN A 60 27.36 -5.37 -10.96
C ASN A 60 28.76 -5.40 -10.36
N THR A 61 29.17 -6.58 -9.89
CA THR A 61 30.48 -6.74 -9.29
C THR A 61 31.26 -7.87 -9.97
N GLY A 62 32.41 -7.52 -10.55
CA GLY A 62 33.22 -8.51 -11.23
C GLY A 62 32.47 -9.21 -12.36
N PRO A 63 32.91 -10.43 -12.69
CA PRO A 63 32.29 -11.22 -13.77
C PRO A 63 30.89 -11.71 -13.40
N PHE A 64 30.43 -11.30 -12.22
CA PHE A 64 29.11 -11.70 -11.74
C PHE A 64 28.29 -10.48 -11.31
N VAL A 65 27.03 -10.71 -10.98
CA VAL A 65 26.14 -9.63 -10.53
C VAL A 65 25.15 -10.13 -9.50
N MET A 66 24.85 -9.27 -8.53
CA MET A 66 23.90 -9.63 -7.46
C MET A 66 22.56 -8.94 -7.68
N ARG A 67 21.58 -9.30 -6.86
CA ARG A 67 20.25 -8.72 -6.96
C ARG A 67 19.66 -8.43 -5.58
N SER A 68 19.44 -7.15 -5.30
CA SER A 68 18.88 -6.75 -4.01
C SER A 68 17.90 -5.60 -4.18
N THR A 69 16.87 -5.57 -3.32
CA THR A 69 15.86 -4.53 -3.37
C THR A 69 16.50 -3.15 -3.52
N CYS A 70 15.92 -2.33 -4.38
CA CYS A 70 16.43 -0.98 -4.60
C CYS A 70 16.61 -0.23 -3.28
N ARG A 71 17.50 0.75 -3.27
CA ARG A 71 17.76 1.53 -2.08
C ARG A 71 17.26 2.97 -2.24
N ARG A 72 17.28 3.45 -3.48
CA ARG A 72 16.83 4.80 -3.78
C ARG A 72 15.33 4.94 -3.52
N CYS A 73 14.54 4.07 -4.15
CA CYS A 73 13.10 4.11 -3.99
C CYS A 73 12.65 3.19 -2.85
N GLY A 74 13.29 2.02 -2.75
CA GLY A 74 12.95 1.08 -1.70
C GLY A 74 11.98 0.01 -2.19
N GLY A 75 12.09 -0.36 -3.46
CA GLY A 75 11.21 -1.37 -4.01
C GLY A 75 9.85 -0.81 -4.38
N ARG A 76 9.83 0.43 -4.85
CA ARG A 76 8.59 1.08 -5.25
C ARG A 76 8.58 1.37 -6.75
N GLY A 77 9.71 1.82 -7.26
CA GLY A 77 9.81 2.12 -8.68
C GLY A 77 9.82 3.61 -8.95
N SER A 78 9.75 4.41 -7.89
CA SER A 78 9.75 5.86 -8.03
C SER A 78 10.06 6.53 -6.68
N ILE A 79 10.55 7.77 -6.74
CA ILE A 79 10.88 8.51 -5.53
C ILE A 79 9.72 9.40 -5.11
N ILE A 80 8.95 8.93 -4.12
CA ILE A 80 7.81 9.68 -3.61
C ILE A 80 8.25 10.73 -2.59
N ILE A 81 8.50 11.94 -3.07
CA ILE A 81 8.92 13.03 -2.21
C ILE A 81 8.08 13.09 -0.94
N SER A 82 6.82 12.66 -1.06
CA SER A 82 5.91 12.67 0.08
C SER A 82 5.15 11.35 0.17
N PRO A 83 5.61 10.46 1.06
CA PRO A 83 4.99 9.15 1.26
C PRO A 83 3.62 9.25 1.94
N CYS A 84 2.69 8.43 1.49
CA CYS A 84 1.34 8.43 2.04
C CYS A 84 1.37 8.69 3.54
N VAL A 85 0.27 9.23 4.06
CA VAL A 85 0.17 9.53 5.49
C VAL A 85 -0.73 8.53 6.20
N VAL A 86 -1.33 7.63 5.43
CA VAL A 86 -2.21 6.61 5.98
C VAL A 86 -1.52 5.25 6.04
N CYS A 87 -0.88 4.89 4.93
CA CYS A 87 -0.18 3.61 4.86
C CYS A 87 1.34 3.82 4.91
N ARG A 88 1.76 5.07 4.78
CA ARG A 88 3.18 5.40 4.82
C ARG A 88 3.94 4.64 3.74
N GLY A 89 3.34 4.51 2.57
CA GLY A 89 3.98 3.81 1.48
C GLY A 89 3.98 2.30 1.68
N ALA A 90 2.89 1.78 2.22
CA ALA A 90 2.76 0.35 2.45
C ALA A 90 1.93 -0.32 1.37
N GLY A 91 0.89 0.36 0.92
CA GLY A 91 0.04 -0.18 -0.12
C GLY A 91 -1.29 -0.68 0.43
N GLN A 92 -1.39 -0.73 1.75
CA GLN A 92 -2.61 -1.20 2.40
C GLN A 92 -2.91 -0.40 3.67
N ALA A 93 -4.17 -0.32 4.04
CA ALA A 93 -4.58 0.41 5.23
C ALA A 93 -5.76 -0.26 5.92
N LYS A 94 -6.25 0.35 6.99
CA LYS A 94 -7.38 -0.19 7.74
C LYS A 94 -8.68 -0.02 6.95
N GLN A 95 -8.93 -0.95 6.04
CA GLN A 95 -10.14 -0.91 5.22
C GLN A 95 -11.01 -2.12 5.47
N LYS A 96 -12.22 -1.88 5.97
CA LYS A 96 -13.16 -2.96 6.26
C LYS A 96 -13.02 -4.09 5.25
N LYS A 97 -12.54 -5.25 5.71
CA LYS A 97 -12.36 -6.40 4.85
C LYS A 97 -13.69 -7.07 4.55
N ARG A 98 -13.83 -7.61 3.35
CA ARG A 98 -15.06 -8.27 2.93
C ARG A 98 -14.90 -8.91 1.55
N SER A 99 -15.06 -10.22 1.48
CA SER A 99 -14.92 -10.95 0.22
C SER A 99 -13.60 -10.62 -0.46
N GLY A 100 -12.54 -10.57 0.33
CA GLY A 100 -11.23 -10.25 -0.21
C GLY A 100 -10.27 -11.43 -0.13
N PRO A 101 -9.95 -12.01 -1.29
CA PRO A 101 -9.04 -13.15 -1.37
C PRO A 101 -7.60 -12.78 -1.04
N SER A 102 -6.72 -13.78 -1.01
CA SER A 102 -5.32 -13.56 -0.70
C SER A 102 -4.45 -14.71 -1.23
N SER A 103 -3.34 -14.35 -1.86
CA SER A 103 -2.43 -15.35 -2.41
C SER A 103 -1.16 -14.69 -2.95
N GLY A 104 -0.23 -15.51 -3.44
CA GLY A 104 1.01 -14.99 -3.98
C GLY A 104 1.14 -15.25 -5.46
N GLY A 1 -43.19 26.60 40.94
CA GLY A 1 -41.75 26.61 40.81
C GLY A 1 -41.24 25.49 39.92
N SER A 2 -39.94 25.52 39.62
CA SER A 2 -39.34 24.50 38.76
C SER A 2 -37.83 24.44 38.98
N SER A 3 -37.19 23.48 38.33
CA SER A 3 -35.74 23.31 38.44
C SER A 3 -35.20 22.43 37.32
N GLY A 4 -33.88 22.32 37.25
CA GLY A 4 -33.26 21.50 36.22
C GLY A 4 -31.92 20.94 36.66
N SER A 5 -31.27 20.21 35.76
CA SER A 5 -29.97 19.61 36.06
C SER A 5 -29.38 18.94 34.82
N SER A 6 -28.12 18.53 34.92
CA SER A 6 -27.44 17.88 33.81
C SER A 6 -26.30 17.00 34.31
N GLY A 7 -25.65 16.31 33.38
CA GLY A 7 -24.55 15.43 33.76
C GLY A 7 -23.66 15.09 32.57
N MET A 8 -22.69 14.21 32.80
CA MET A 8 -21.77 13.81 31.75
C MET A 8 -21.15 12.44 32.06
N GLU A 9 -20.68 11.76 31.03
CA GLU A 9 -20.07 10.45 31.19
C GLU A 9 -18.58 10.50 30.84
N LEU A 10 -17.84 9.50 31.31
CA LEU A 10 -16.41 9.41 31.03
C LEU A 10 -15.89 7.99 31.22
N THR A 11 -14.64 7.77 30.85
CA THR A 11 -14.02 6.45 30.97
C THR A 11 -12.83 6.48 31.92
N PHE A 12 -12.26 5.31 32.19
CA PHE A 12 -11.10 5.22 33.08
C PHE A 12 -10.53 3.80 33.06
N ASN A 13 -9.20 3.71 33.08
CA ASN A 13 -8.52 2.43 33.05
C ASN A 13 -7.02 2.60 33.24
N GLN A 14 -6.34 1.52 33.60
CA GLN A 14 -4.89 1.55 33.81
C GLN A 14 -4.18 2.07 32.56
N ALA A 15 -2.94 2.52 32.74
CA ALA A 15 -2.15 3.04 31.63
C ALA A 15 -1.23 1.97 31.07
N ALA A 16 -1.51 1.53 29.85
CA ALA A 16 -0.70 0.50 29.20
C ALA A 16 0.23 1.11 28.16
N LYS A 17 1.42 0.53 28.03
CA LYS A 17 2.40 1.01 27.07
C LYS A 17 2.70 -0.05 26.01
N GLY A 18 1.66 -0.76 25.57
CA GLY A 18 1.84 -1.78 24.57
C GLY A 18 0.69 -1.82 23.57
N VAL A 19 0.74 -2.80 22.66
CA VAL A 19 -0.30 -2.93 21.66
C VAL A 19 -1.35 -3.96 22.08
N ASN A 20 -2.62 -3.63 21.85
CA ASN A 20 -3.72 -4.52 22.21
C ASN A 20 -3.49 -5.92 21.65
N LYS A 21 -3.74 -6.93 22.47
CA LYS A 21 -3.56 -8.32 22.06
C LYS A 21 -4.88 -8.93 21.60
N GLU A 22 -4.82 -9.75 20.57
CA GLU A 22 -6.02 -10.40 20.03
C GLU A 22 -5.65 -11.40 18.94
N PHE A 23 -5.98 -12.66 19.16
CA PHE A 23 -5.68 -13.71 18.19
C PHE A 23 -6.84 -13.88 17.22
N THR A 24 -7.28 -12.78 16.62
CA THR A 24 -8.38 -12.81 15.67
C THR A 24 -8.07 -11.95 14.45
N VAL A 25 -8.05 -12.57 13.27
CA VAL A 25 -7.78 -11.87 12.03
C VAL A 25 -8.32 -10.45 12.07
N ASN A 26 -7.54 -9.50 11.55
CA ASN A 26 -7.95 -8.10 11.53
C ASN A 26 -8.31 -7.66 10.12
N ILE A 27 -9.02 -6.55 10.01
CA ILE A 27 -9.42 -6.01 8.72
C ILE A 27 -8.26 -5.30 8.02
N MET A 28 -7.92 -5.77 6.82
CA MET A 28 -6.83 -5.18 6.06
C MET A 28 -7.15 -5.19 4.57
N ASP A 29 -7.35 -4.01 4.00
CA ASP A 29 -7.66 -3.87 2.58
C ASP A 29 -6.75 -2.84 1.92
N THR A 30 -6.97 -2.62 0.63
CA THR A 30 -6.17 -1.66 -0.13
C THR A 30 -6.44 -0.23 0.33
N CYS A 31 -5.37 0.50 0.64
CA CYS A 31 -5.50 1.88 1.09
C CYS A 31 -6.50 2.64 0.22
N GLU A 32 -6.97 3.77 0.73
CA GLU A 32 -7.93 4.60 -0.01
C GLU A 32 -7.33 5.96 -0.35
N ARG A 33 -6.45 6.44 0.52
CA ARG A 33 -5.79 7.74 0.31
C ARG A 33 -4.81 7.66 -0.86
N CYS A 34 -4.02 6.60 -0.90
CA CYS A 34 -3.04 6.41 -1.95
C CYS A 34 -3.54 5.39 -2.98
N ASN A 35 -4.61 4.68 -2.63
CA ASN A 35 -5.18 3.68 -3.52
C ASN A 35 -4.18 2.55 -3.79
N GLY A 36 -3.45 2.16 -2.76
CA GLY A 36 -2.47 1.10 -2.90
C GLY A 36 -1.27 1.53 -3.71
N LYS A 37 -0.91 2.80 -3.60
CA LYS A 37 0.23 3.33 -4.34
C LYS A 37 1.42 3.57 -3.41
N GLY A 38 1.14 4.17 -2.25
CA GLY A 38 2.19 4.45 -1.29
C GLY A 38 2.67 5.89 -1.36
N ASN A 39 1.78 6.79 -1.77
CA ASN A 39 2.11 8.20 -1.88
C ASN A 39 0.88 9.08 -1.67
N GLU A 40 1.10 10.26 -1.11
CA GLU A 40 0.00 11.19 -0.85
C GLU A 40 -0.66 11.63 -2.16
N PRO A 41 -1.99 11.73 -2.14
CA PRO A 41 -2.78 12.14 -3.31
C PRO A 41 -2.56 13.61 -3.66
N GLY A 42 -1.62 14.25 -2.98
CA GLY A 42 -1.33 15.65 -3.23
C GLY A 42 0.15 15.93 -3.33
N THR A 43 0.94 14.92 -3.68
CA THR A 43 2.38 15.06 -3.80
C THR A 43 2.86 14.63 -5.18
N LYS A 44 4.10 14.97 -5.50
CA LYS A 44 4.69 14.62 -6.78
C LYS A 44 5.59 13.39 -6.66
N VAL A 45 6.15 12.96 -7.78
CA VAL A 45 7.04 11.80 -7.79
C VAL A 45 8.16 11.97 -8.80
N GLN A 46 9.32 11.40 -8.49
CA GLN A 46 10.48 11.50 -9.38
C GLN A 46 10.83 10.13 -9.96
N HIS A 47 11.08 10.09 -11.26
CA HIS A 47 11.44 8.84 -11.94
C HIS A 47 12.77 8.31 -11.43
N CYS A 48 12.75 7.07 -10.93
CA CYS A 48 13.95 6.44 -10.41
C CYS A 48 14.81 5.88 -11.54
N HIS A 49 16.11 6.11 -11.46
CA HIS A 49 17.04 5.62 -12.48
C HIS A 49 17.60 4.25 -12.09
N TYR A 50 17.84 4.07 -10.79
CA TYR A 50 18.39 2.81 -10.29
C TYR A 50 17.77 1.62 -11.02
N CYS A 51 16.45 1.49 -10.91
CA CYS A 51 15.74 0.39 -11.56
C CYS A 51 15.19 0.83 -12.92
N GLY A 52 14.70 2.06 -12.98
CA GLY A 52 14.15 2.58 -14.22
C GLY A 52 12.67 2.29 -14.37
N GLY A 53 12.01 2.05 -13.24
CA GLY A 53 10.58 1.77 -13.27
C GLY A 53 10.29 0.27 -13.28
N SER A 54 11.14 -0.49 -12.60
CA SER A 54 10.97 -1.95 -12.54
C SER A 54 10.98 -2.43 -11.10
N GLY A 55 11.68 -1.68 -10.24
CA GLY A 55 11.76 -2.06 -8.84
C GLY A 55 12.84 -3.10 -8.58
N MET A 56 13.89 -3.07 -9.38
CA MET A 56 14.99 -4.01 -9.23
C MET A 56 16.33 -3.32 -9.45
N GLU A 57 17.24 -3.46 -8.49
CA GLU A 57 18.56 -2.85 -8.58
C GLU A 57 19.60 -3.88 -8.98
N THR A 58 20.64 -3.43 -9.69
CA THR A 58 21.71 -4.31 -10.15
C THR A 58 23.02 -4.00 -9.44
N ILE A 59 23.55 -4.98 -8.73
CA ILE A 59 24.81 -4.81 -8.01
C ILE A 59 25.97 -5.43 -8.77
N ASN A 60 26.69 -4.60 -9.53
CA ASN A 60 27.82 -5.08 -10.31
C ASN A 60 29.06 -5.23 -9.43
N THR A 61 29.33 -6.47 -9.01
CA THR A 61 30.48 -6.76 -8.16
C THR A 61 31.38 -7.82 -8.78
N GLY A 62 32.55 -7.40 -9.24
CA GLY A 62 33.48 -8.34 -9.85
C GLY A 62 32.95 -8.93 -11.14
N PRO A 63 33.37 -10.16 -11.45
CA PRO A 63 32.94 -10.87 -12.66
C PRO A 63 31.47 -11.28 -12.60
N PHE A 64 30.86 -11.13 -11.43
CA PHE A 64 29.46 -11.48 -11.25
C PHE A 64 28.64 -10.26 -10.83
N VAL A 65 27.33 -10.43 -10.78
CA VAL A 65 26.43 -9.34 -10.40
C VAL A 65 25.28 -9.86 -9.54
N MET A 66 24.96 -9.11 -8.49
CA MET A 66 23.88 -9.49 -7.58
C MET A 66 22.64 -8.65 -7.85
N ARG A 67 21.47 -9.27 -7.67
CA ARG A 67 20.19 -8.59 -7.89
C ARG A 67 19.43 -8.43 -6.59
N SER A 68 19.23 -7.19 -6.16
CA SER A 68 18.51 -6.91 -4.92
C SER A 68 17.51 -5.77 -5.12
N THR A 69 16.41 -5.83 -4.39
CA THR A 69 15.37 -4.80 -4.49
C THR A 69 15.97 -3.41 -4.38
N CYS A 70 15.61 -2.54 -5.32
CA CYS A 70 16.10 -1.17 -5.34
C CYS A 70 16.07 -0.56 -3.94
N ARG A 71 17.02 0.33 -3.66
CA ARG A 71 17.10 0.98 -2.36
C ARG A 71 16.63 2.43 -2.45
N ARG A 72 16.83 3.05 -3.60
CA ARG A 72 16.43 4.43 -3.81
C ARG A 72 14.91 4.57 -3.76
N CYS A 73 14.23 3.81 -4.61
CA CYS A 73 12.76 3.84 -4.66
C CYS A 73 12.16 2.83 -3.69
N GLY A 74 12.79 1.66 -3.59
CA GLY A 74 12.30 0.63 -2.70
C GLY A 74 11.43 -0.39 -3.41
N GLY A 75 11.72 -0.63 -4.68
CA GLY A 75 10.94 -1.59 -5.45
C GLY A 75 9.62 -1.02 -5.91
N ARG A 76 9.64 0.23 -6.37
CA ARG A 76 8.43 0.89 -6.84
C ARG A 76 8.62 1.42 -8.25
N GLY A 77 9.82 1.92 -8.55
CA GLY A 77 10.10 2.45 -9.87
C GLY A 77 10.37 3.94 -9.85
N SER A 78 9.95 4.60 -8.77
CA SER A 78 10.14 6.04 -8.63
C SER A 78 10.35 6.42 -7.17
N ILE A 79 10.87 7.62 -6.95
CA ILE A 79 11.12 8.11 -5.60
C ILE A 79 9.95 8.95 -5.10
N ILE A 80 9.32 8.50 -4.02
CA ILE A 80 8.19 9.21 -3.44
C ILE A 80 8.66 10.29 -2.46
N ILE A 81 8.64 11.54 -2.90
CA ILE A 81 9.08 12.65 -2.07
C ILE A 81 8.31 12.66 -0.75
N SER A 82 7.02 12.33 -0.80
CA SER A 82 6.18 12.30 0.38
C SER A 82 5.31 11.05 0.40
N PRO A 83 5.68 10.10 1.29
CA PRO A 83 4.95 8.85 1.44
C PRO A 83 3.57 9.03 2.07
N CYS A 84 2.66 8.11 1.78
CA CYS A 84 1.31 8.18 2.31
C CYS A 84 1.33 8.44 3.82
N VAL A 85 0.20 8.90 4.35
CA VAL A 85 0.09 9.18 5.78
C VAL A 85 -0.82 8.17 6.47
N VAL A 86 -1.45 7.30 5.67
CA VAL A 86 -2.35 6.29 6.21
C VAL A 86 -1.68 4.92 6.24
N CYS A 87 -1.12 4.51 5.11
CA CYS A 87 -0.45 3.22 5.01
C CYS A 87 1.07 3.40 5.08
N ARG A 88 1.51 4.65 5.04
CA ARG A 88 2.94 4.95 5.09
C ARG A 88 3.70 4.15 4.04
N GLY A 89 3.14 4.05 2.85
CA GLY A 89 3.78 3.32 1.78
C GLY A 89 3.74 1.82 1.99
N ALA A 90 2.61 1.33 2.51
CA ALA A 90 2.45 -0.09 2.77
C ALA A 90 1.62 -0.77 1.68
N GLY A 91 0.68 0.00 1.11
CA GLY A 91 -0.17 -0.54 0.06
C GLY A 91 -1.52 -0.98 0.58
N GLN A 92 -1.65 -1.06 1.90
CA GLN A 92 -2.91 -1.47 2.53
C GLN A 92 -3.15 -0.70 3.82
N ALA A 93 -4.41 -0.61 4.23
CA ALA A 93 -4.78 0.09 5.45
C ALA A 93 -6.06 -0.46 6.04
N LYS A 94 -6.36 -0.06 7.27
CA LYS A 94 -7.58 -0.52 7.95
C LYS A 94 -8.82 0.04 7.27
N GLN A 95 -9.66 -0.86 6.77
CA GLN A 95 -10.89 -0.46 6.09
C GLN A 95 -12.12 -0.78 6.95
N LYS A 96 -12.71 0.26 7.53
CA LYS A 96 -13.90 0.09 8.37
C LYS A 96 -13.57 -0.79 9.57
N LYS A 97 -12.52 -0.44 10.29
CA LYS A 97 -12.11 -1.20 11.47
C LYS A 97 -12.75 -0.64 12.73
N ARG A 98 -13.25 -1.52 13.59
CA ARG A 98 -13.89 -1.11 14.82
C ARG A 98 -13.29 -1.85 16.02
N SER A 99 -11.99 -1.67 16.23
CA SER A 99 -11.30 -2.32 17.33
C SER A 99 -11.46 -1.53 18.63
N GLY A 100 -10.86 -0.35 18.67
CA GLY A 100 -10.95 0.49 19.85
C GLY A 100 -12.36 0.60 20.38
N PRO A 101 -12.51 0.55 21.70
CA PRO A 101 -13.82 0.64 22.36
C PRO A 101 -14.42 2.03 22.25
N SER A 102 -13.61 3.05 22.50
CA SER A 102 -14.08 4.43 22.42
C SER A 102 -13.87 5.00 21.02
N SER A 103 -14.87 4.84 20.16
CA SER A 103 -14.79 5.33 18.79
C SER A 103 -15.90 6.35 18.52
N GLY A 104 -15.51 7.61 18.36
CA GLY A 104 -16.48 8.65 18.09
C GLY A 104 -16.82 8.77 16.62
N GLY A 1 -38.79 28.33 57.33
CA GLY A 1 -37.95 28.32 56.15
C GLY A 1 -37.29 26.98 55.92
N SER A 2 -37.16 26.59 54.65
CA SER A 2 -36.55 25.32 54.29
C SER A 2 -35.92 25.40 52.91
N SER A 3 -35.17 24.35 52.54
CA SER A 3 -34.51 24.29 51.25
C SER A 3 -34.51 22.87 50.70
N GLY A 4 -34.74 22.74 49.41
CA GLY A 4 -34.75 21.43 48.78
C GLY A 4 -34.28 21.46 47.34
N SER A 5 -34.08 20.28 46.76
CA SER A 5 -33.61 20.18 45.38
C SER A 5 -33.94 18.82 44.79
N SER A 6 -34.32 18.80 43.52
CA SER A 6 -34.67 17.57 42.84
C SER A 6 -33.63 17.21 41.79
N GLY A 7 -33.45 18.09 40.81
CA GLY A 7 -32.48 17.84 39.75
C GLY A 7 -33.00 16.92 38.68
N MET A 8 -32.43 17.01 37.49
CA MET A 8 -32.85 16.16 36.38
C MET A 8 -31.89 16.30 35.19
N GLU A 9 -32.11 15.51 34.16
CA GLU A 9 -31.27 15.54 32.98
C GLU A 9 -31.82 14.63 31.88
N LEU A 10 -31.20 14.69 30.70
CA LEU A 10 -31.64 13.87 29.57
C LEU A 10 -30.47 13.58 28.63
N THR A 11 -30.27 12.31 28.31
CA THR A 11 -29.20 11.89 27.43
C THR A 11 -29.71 10.95 26.34
N PHE A 12 -29.44 11.29 25.09
CA PHE A 12 -29.88 10.47 23.96
C PHE A 12 -28.88 9.35 23.69
N ASN A 13 -27.63 9.73 23.44
CA ASN A 13 -26.58 8.76 23.16
C ASN A 13 -27.05 7.71 22.15
N GLN A 14 -27.72 8.18 21.10
CA GLN A 14 -28.22 7.29 20.06
C GLN A 14 -27.32 7.32 18.83
N ALA A 15 -26.54 6.25 18.65
CA ALA A 15 -25.63 6.16 17.51
C ALA A 15 -26.40 6.00 16.21
N ALA A 16 -26.37 7.05 15.39
CA ALA A 16 -27.07 7.04 14.11
C ALA A 16 -26.60 5.86 13.25
N LYS A 17 -27.49 4.90 13.06
CA LYS A 17 -27.19 3.71 12.27
C LYS A 17 -28.44 2.87 12.04
N GLY A 18 -28.43 2.07 10.97
CA GLY A 18 -29.56 1.23 10.66
C GLY A 18 -29.23 -0.25 10.76
N VAL A 19 -29.48 -0.98 9.68
CA VAL A 19 -29.20 -2.42 9.65
C VAL A 19 -27.81 -2.70 9.09
N ASN A 20 -26.95 -3.25 9.92
CA ASN A 20 -25.58 -3.57 9.52
C ASN A 20 -24.94 -4.57 10.48
N LYS A 21 -23.86 -5.21 10.02
CA LYS A 21 -23.16 -6.19 10.83
C LYS A 21 -21.66 -6.13 10.59
N GLU A 22 -20.87 -6.32 11.64
CA GLU A 22 -19.42 -6.29 11.53
C GLU A 22 -18.76 -6.86 12.79
N PHE A 23 -17.66 -7.59 12.60
CA PHE A 23 -16.95 -8.19 13.71
C PHE A 23 -15.54 -7.63 13.82
N THR A 24 -14.88 -7.91 14.94
CA THR A 24 -13.53 -7.43 15.18
C THR A 24 -12.49 -8.40 14.62
N VAL A 25 -12.19 -8.26 13.33
CA VAL A 25 -11.22 -9.13 12.67
C VAL A 25 -10.09 -8.31 12.06
N ASN A 26 -9.19 -8.99 11.36
CA ASN A 26 -8.05 -8.33 10.72
C ASN A 26 -8.43 -7.83 9.33
N ILE A 27 -8.90 -6.59 9.25
CA ILE A 27 -9.29 -6.01 7.97
C ILE A 27 -8.12 -5.28 7.33
N MET A 28 -7.71 -5.77 6.15
CA MET A 28 -6.59 -5.18 5.42
C MET A 28 -6.93 -5.04 3.94
N ASP A 29 -7.24 -3.82 3.53
CA ASP A 29 -7.58 -3.56 2.13
C ASP A 29 -6.64 -2.51 1.53
N THR A 30 -6.94 -2.09 0.30
CA THR A 30 -6.11 -1.10 -0.38
C THR A 30 -6.35 0.30 0.17
N CYS A 31 -5.26 1.00 0.49
CA CYS A 31 -5.36 2.35 1.02
C CYS A 31 -6.22 3.23 0.12
N GLU A 32 -6.81 4.27 0.70
CA GLU A 32 -7.65 5.20 -0.05
C GLU A 32 -6.97 6.54 -0.22
N ARG A 33 -6.21 6.95 0.80
CA ARG A 33 -5.50 8.22 0.76
C ARG A 33 -4.49 8.25 -0.38
N CYS A 34 -3.82 7.12 -0.61
CA CYS A 34 -2.83 7.02 -1.67
C CYS A 34 -3.29 6.04 -2.75
N ASN A 35 -4.42 5.40 -2.52
CA ASN A 35 -4.97 4.44 -3.48
C ASN A 35 -4.02 3.27 -3.65
N GLY A 36 -3.50 2.75 -2.55
CA GLY A 36 -2.60 1.62 -2.61
C GLY A 36 -1.33 1.94 -3.39
N LYS A 37 -0.89 3.19 -3.31
CA LYS A 37 0.31 3.62 -4.02
C LYS A 37 1.47 3.80 -3.05
N GLY A 38 1.25 4.58 -2.00
CA GLY A 38 2.28 4.82 -1.02
C GLY A 38 2.79 6.25 -1.04
N ASN A 39 1.99 7.14 -1.61
CA ASN A 39 2.37 8.55 -1.69
C ASN A 39 1.19 9.45 -1.33
N GLU A 40 1.49 10.61 -0.76
CA GLU A 40 0.46 11.56 -0.37
C GLU A 40 -0.31 12.06 -1.58
N PRO A 41 -1.63 12.22 -1.42
CA PRO A 41 -2.51 12.70 -2.48
C PRO A 41 -2.27 14.17 -2.82
N GLY A 42 -1.19 14.73 -2.29
CA GLY A 42 -0.87 16.12 -2.54
C GLY A 42 0.59 16.33 -2.89
N THR A 43 1.29 15.23 -3.17
CA THR A 43 2.71 15.30 -3.51
C THR A 43 2.94 14.84 -4.96
N LYS A 44 4.21 14.76 -5.34
CA LYS A 44 4.57 14.33 -6.68
C LYS A 44 5.42 13.06 -6.64
N VAL A 45 5.82 12.58 -7.82
CA VAL A 45 6.64 11.38 -7.92
C VAL A 45 7.60 11.47 -9.09
N GLN A 46 8.81 10.96 -8.91
CA GLN A 46 9.82 10.99 -9.96
C GLN A 46 10.11 9.58 -10.46
N HIS A 47 10.61 9.48 -11.69
CA HIS A 47 10.93 8.19 -12.29
C HIS A 47 12.29 7.70 -11.82
N CYS A 48 12.29 6.57 -11.10
CA CYS A 48 13.53 6.00 -10.59
C CYS A 48 14.28 5.25 -11.70
N HIS A 49 15.57 5.52 -11.81
CA HIS A 49 16.40 4.87 -12.82
C HIS A 49 17.01 3.59 -12.29
N TYR A 50 17.42 3.61 -11.02
CA TYR A 50 18.03 2.44 -10.40
C TYR A 50 17.37 1.16 -10.90
N CYS A 51 16.08 1.00 -10.62
CA CYS A 51 15.34 -0.17 -11.04
C CYS A 51 14.66 0.06 -12.39
N GLY A 52 14.15 1.28 -12.59
CA GLY A 52 13.49 1.61 -13.83
C GLY A 52 12.01 1.29 -13.80
N GLY A 53 11.45 1.19 -12.60
CA GLY A 53 10.04 0.88 -12.45
C GLY A 53 9.79 -0.59 -12.18
N SER A 54 10.74 -1.23 -11.51
CA SER A 54 10.62 -2.65 -11.18
C SER A 54 10.79 -2.88 -9.69
N GLY A 55 11.54 -2.00 -9.04
CA GLY A 55 11.77 -2.12 -7.60
C GLY A 55 12.90 -3.07 -7.28
N MET A 56 13.86 -3.19 -8.19
CA MET A 56 15.00 -4.08 -8.00
C MET A 56 16.29 -3.41 -8.45
N GLU A 57 17.33 -3.50 -7.62
CA GLU A 57 18.62 -2.91 -7.93
C GLU A 57 19.62 -3.98 -8.34
N THR A 58 20.52 -3.62 -9.27
CA THR A 58 21.53 -4.56 -9.74
C THR A 58 22.93 -4.09 -9.33
N ILE A 59 23.65 -4.99 -8.64
CA ILE A 59 25.01 -4.67 -8.19
C ILE A 59 26.05 -5.36 -9.06
N ASN A 60 26.59 -4.61 -10.03
CA ASN A 60 27.60 -5.15 -10.93
C ASN A 60 28.97 -5.18 -10.26
N THR A 61 29.38 -6.34 -9.79
CA THR A 61 30.68 -6.50 -9.14
C THR A 61 31.48 -7.64 -9.75
N GLY A 62 32.50 -7.30 -10.52
CA GLY A 62 33.32 -8.30 -11.16
C GLY A 62 32.57 -9.08 -12.22
N PRO A 63 33.02 -10.32 -12.48
CA PRO A 63 32.41 -11.19 -13.48
C PRO A 63 31.03 -11.68 -13.06
N PHE A 64 30.57 -11.21 -11.90
CA PHE A 64 29.27 -11.60 -11.37
C PHE A 64 28.45 -10.37 -10.98
N VAL A 65 27.18 -10.58 -10.66
CA VAL A 65 26.30 -9.49 -10.27
C VAL A 65 25.30 -9.95 -9.20
N MET A 66 25.04 -9.08 -8.23
CA MET A 66 24.11 -9.39 -7.15
C MET A 66 22.75 -8.74 -7.40
N ARG A 67 21.78 -9.08 -6.57
CA ARG A 67 20.43 -8.52 -6.69
C ARG A 67 19.86 -8.17 -5.33
N SER A 68 19.61 -6.88 -5.10
CA SER A 68 19.07 -6.41 -3.84
C SER A 68 18.00 -5.33 -4.06
N THR A 69 17.02 -5.28 -3.18
CA THR A 69 15.95 -4.30 -3.28
C THR A 69 16.50 -2.90 -3.49
N CYS A 70 15.87 -2.15 -4.38
CA CYS A 70 16.30 -0.79 -4.67
C CYS A 70 16.48 0.01 -3.39
N ARG A 71 17.21 1.12 -3.49
CA ARG A 71 17.46 1.97 -2.33
C ARG A 71 16.95 3.39 -2.58
N ARG A 72 16.99 3.82 -3.84
CA ARG A 72 16.53 5.15 -4.21
C ARG A 72 15.01 5.28 -4.04
N CYS A 73 14.28 4.33 -4.60
CA CYS A 73 12.82 4.34 -4.50
C CYS A 73 12.35 3.51 -3.32
N GLY A 74 12.94 2.32 -3.16
CA GLY A 74 12.56 1.45 -2.06
C GLY A 74 11.70 0.29 -2.51
N GLY A 75 11.91 -0.17 -3.74
CA GLY A 75 11.15 -1.27 -4.26
C GLY A 75 9.77 -0.85 -4.73
N ARG A 76 9.69 0.32 -5.34
CA ARG A 76 8.42 0.85 -5.83
C ARG A 76 8.50 1.15 -7.33
N GLY A 77 9.66 1.63 -7.76
CA GLY A 77 9.85 1.95 -9.17
C GLY A 77 9.89 3.44 -9.42
N SER A 78 9.61 4.22 -8.39
CA SER A 78 9.62 5.68 -8.51
C SER A 78 9.96 6.33 -7.17
N ILE A 79 10.33 7.61 -7.22
CA ILE A 79 10.68 8.34 -6.01
C ILE A 79 9.47 9.10 -5.45
N ILE A 80 9.10 8.79 -4.22
CA ILE A 80 7.97 9.44 -3.57
C ILE A 80 8.44 10.57 -2.66
N ILE A 81 8.38 11.80 -3.18
CA ILE A 81 8.79 12.97 -2.41
C ILE A 81 8.36 12.85 -0.96
N SER A 82 7.16 12.32 -0.74
CA SER A 82 6.63 12.15 0.61
C SER A 82 5.76 10.90 0.70
N PRO A 83 6.13 10.00 1.63
CA PRO A 83 5.40 8.75 1.85
C PRO A 83 4.02 8.98 2.45
N CYS A 84 3.04 8.20 2.00
CA CYS A 84 1.67 8.32 2.50
C CYS A 84 1.66 8.51 4.01
N VAL A 85 0.55 9.02 4.53
CA VAL A 85 0.41 9.26 5.96
C VAL A 85 -0.61 8.30 6.58
N VAL A 86 -1.24 7.50 5.73
CA VAL A 86 -2.25 6.54 6.19
C VAL A 86 -1.65 5.15 6.32
N CYS A 87 -1.03 4.67 5.24
CA CYS A 87 -0.41 3.34 5.24
C CYS A 87 1.10 3.45 5.36
N ARG A 88 1.63 4.65 5.15
CA ARG A 88 3.06 4.88 5.24
C ARG A 88 3.80 4.12 4.15
N GLY A 89 3.31 4.22 2.91
CA GLY A 89 3.93 3.53 1.81
C GLY A 89 3.84 2.03 1.93
N ALA A 90 2.68 1.54 2.36
CA ALA A 90 2.46 0.11 2.52
C ALA A 90 1.61 -0.45 1.38
N GLY A 91 0.67 0.36 0.90
CA GLY A 91 -0.20 -0.07 -0.18
C GLY A 91 -1.54 -0.58 0.31
N GLN A 92 -1.61 -0.90 1.61
CA GLN A 92 -2.84 -1.40 2.21
C GLN A 92 -2.98 -0.93 3.65
N ALA A 93 -4.22 -0.70 4.07
CA ALA A 93 -4.49 -0.24 5.42
C ALA A 93 -5.78 -0.85 5.97
N LYS A 94 -6.06 -0.58 7.24
CA LYS A 94 -7.27 -1.11 7.87
C LYS A 94 -8.51 -0.35 7.39
N GLN A 95 -9.36 -1.04 6.63
CA GLN A 95 -10.58 -0.43 6.12
C GLN A 95 -11.79 -0.94 6.88
N LYS A 96 -12.95 -0.33 6.61
CA LYS A 96 -14.19 -0.72 7.27
C LYS A 96 -15.04 -1.59 6.35
N LYS A 97 -14.40 -2.59 5.73
CA LYS A 97 -15.11 -3.50 4.83
C LYS A 97 -15.14 -4.91 5.40
N ARG A 98 -16.22 -5.64 5.11
CA ARG A 98 -16.38 -7.00 5.60
C ARG A 98 -15.95 -8.01 4.53
N SER A 99 -14.72 -8.51 4.67
CA SER A 99 -14.19 -9.48 3.71
C SER A 99 -15.03 -10.75 3.71
N GLY A 100 -14.67 -11.69 2.84
CA GLY A 100 -15.39 -12.95 2.75
C GLY A 100 -15.82 -13.27 1.33
N PRO A 101 -16.08 -14.56 1.07
CA PRO A 101 -16.50 -15.02 -0.25
C PRO A 101 -17.92 -14.57 -0.61
N SER A 102 -18.72 -14.30 0.41
CA SER A 102 -20.09 -13.85 0.21
C SER A 102 -20.12 -12.46 -0.43
N SER A 103 -20.04 -12.43 -1.76
CA SER A 103 -20.06 -11.17 -2.49
C SER A 103 -21.22 -11.13 -3.49
N GLY A 104 -21.22 -12.10 -4.40
CA GLY A 104 -22.27 -12.16 -5.40
C GLY A 104 -21.86 -12.95 -6.63
N GLY A 1 -54.46 -39.51 23.19
CA GLY A 1 -55.38 -38.44 22.85
C GLY A 1 -54.96 -37.69 21.59
N SER A 2 -55.79 -36.76 21.15
CA SER A 2 -55.50 -35.97 19.96
C SER A 2 -55.97 -34.53 20.12
N SER A 3 -55.36 -33.62 19.37
CA SER A 3 -55.72 -32.21 19.44
C SER A 3 -56.05 -31.67 18.05
N GLY A 4 -55.08 -31.77 17.14
CA GLY A 4 -55.29 -31.29 15.79
C GLY A 4 -55.36 -29.78 15.71
N SER A 5 -54.84 -29.22 14.62
CA SER A 5 -54.84 -27.78 14.43
C SER A 5 -54.36 -27.41 13.03
N SER A 6 -54.41 -26.12 12.71
CA SER A 6 -54.00 -25.64 11.40
C SER A 6 -53.26 -24.31 11.51
N GLY A 7 -52.74 -23.83 10.39
CA GLY A 7 -52.01 -22.57 10.39
C GLY A 7 -52.08 -21.86 9.04
N MET A 8 -51.27 -20.83 8.89
CA MET A 8 -51.24 -20.07 7.64
C MET A 8 -49.81 -19.92 7.12
N GLU A 9 -49.69 -19.81 5.80
CA GLU A 9 -48.37 -19.67 5.18
C GLU A 9 -48.07 -18.21 4.86
N LEU A 10 -46.86 -17.95 4.40
CA LEU A 10 -46.43 -16.59 4.05
C LEU A 10 -45.26 -16.61 3.10
N THR A 11 -44.87 -15.44 2.62
CA THR A 11 -43.74 -15.32 1.69
C THR A 11 -42.57 -14.59 2.35
N PHE A 12 -41.36 -14.92 1.90
CA PHE A 12 -40.15 -14.30 2.44
C PHE A 12 -38.95 -14.58 1.55
N ASN A 13 -37.98 -13.66 1.57
CA ASN A 13 -36.77 -13.81 0.76
C ASN A 13 -35.55 -13.31 1.51
N GLN A 14 -34.39 -13.87 1.21
CA GLN A 14 -33.15 -13.48 1.85
C GLN A 14 -31.95 -13.86 0.99
N ALA A 15 -30.76 -13.47 1.45
CA ALA A 15 -29.53 -13.77 0.72
C ALA A 15 -28.51 -14.46 1.62
N ALA A 16 -27.43 -14.94 1.02
CA ALA A 16 -26.38 -15.63 1.76
C ALA A 16 -25.23 -14.68 2.07
N LYS A 17 -25.40 -13.86 3.10
CA LYS A 17 -24.37 -12.91 3.51
C LYS A 17 -23.98 -13.11 4.97
N GLY A 18 -22.79 -12.65 5.32
CA GLY A 18 -22.33 -12.79 6.69
C GLY A 18 -20.81 -12.75 6.80
N VAL A 19 -20.29 -11.77 7.52
CA VAL A 19 -18.85 -11.62 7.70
C VAL A 19 -18.30 -12.68 8.64
N ASN A 20 -16.99 -12.77 8.71
CA ASN A 20 -16.33 -13.75 9.59
C ASN A 20 -15.62 -13.04 10.75
N LYS A 21 -15.49 -13.75 11.87
CA LYS A 21 -14.83 -13.20 13.05
C LYS A 21 -13.85 -14.20 13.64
N GLU A 22 -12.66 -14.26 13.06
CA GLU A 22 -11.63 -15.18 13.52
C GLU A 22 -10.83 -14.57 14.67
N PHE A 23 -10.00 -15.37 15.32
CA PHE A 23 -9.18 -14.92 16.43
C PHE A 23 -8.08 -13.98 15.93
N THR A 24 -7.22 -14.48 15.07
CA THR A 24 -6.12 -13.70 14.52
C THR A 24 -6.49 -13.10 13.16
N VAL A 25 -7.08 -11.91 13.19
CA VAL A 25 -7.47 -11.23 11.96
C VAL A 25 -8.00 -9.83 12.25
N ASN A 26 -7.89 -8.95 11.25
CA ASN A 26 -8.35 -7.57 11.41
C ASN A 26 -8.65 -6.95 10.04
N ILE A 27 -9.61 -6.02 10.02
CA ILE A 27 -9.98 -5.35 8.79
C ILE A 27 -8.75 -4.85 8.03
N MET A 28 -8.47 -5.48 6.89
CA MET A 28 -7.33 -5.10 6.08
C MET A 28 -7.71 -5.02 4.60
N ASP A 29 -7.76 -3.80 4.07
CA ASP A 29 -8.11 -3.59 2.67
C ASP A 29 -7.18 -2.56 2.02
N THR A 30 -7.24 -2.47 0.70
CA THR A 30 -6.42 -1.53 -0.04
C THR A 30 -6.63 -0.10 0.45
N CYS A 31 -5.53 0.60 0.70
CA CYS A 31 -5.60 1.98 1.18
C CYS A 31 -6.57 2.80 0.32
N GLU A 32 -7.16 3.83 0.93
CA GLU A 32 -8.10 4.69 0.23
C GLU A 32 -7.46 6.03 -0.12
N ARG A 33 -6.52 6.46 0.70
CA ARG A 33 -5.82 7.72 0.48
C ARG A 33 -4.95 7.66 -0.77
N CYS A 34 -4.06 6.66 -0.81
CA CYS A 34 -3.16 6.49 -1.94
C CYS A 34 -3.76 5.52 -2.96
N ASN A 35 -4.83 4.84 -2.56
CA ASN A 35 -5.49 3.89 -3.44
C ASN A 35 -4.56 2.73 -3.78
N GLY A 36 -3.79 2.28 -2.80
CA GLY A 36 -2.87 1.18 -3.02
C GLY A 36 -1.69 1.57 -3.88
N LYS A 37 -1.33 2.84 -3.83
CA LYS A 37 -0.21 3.36 -4.63
C LYS A 37 1.05 3.49 -3.77
N GLY A 38 0.90 4.07 -2.58
CA GLY A 38 2.03 4.24 -1.70
C GLY A 38 2.49 5.68 -1.60
N ASN A 39 1.68 6.59 -2.14
CA ASN A 39 2.01 8.01 -2.12
C ASN A 39 0.76 8.85 -1.83
N GLU A 40 0.97 10.06 -1.35
CA GLU A 40 -0.14 10.96 -1.04
C GLU A 40 -0.94 11.31 -2.29
N PRO A 41 -2.26 11.38 -2.15
CA PRO A 41 -3.16 11.69 -3.25
C PRO A 41 -3.05 13.15 -3.71
N GLY A 42 -1.98 13.81 -3.26
CA GLY A 42 -1.77 15.20 -3.62
C GLY A 42 -0.32 15.62 -3.48
N THR A 43 0.60 14.74 -3.90
CA THR A 43 2.02 15.03 -3.81
C THR A 43 2.71 14.77 -5.14
N LYS A 44 4.04 14.90 -5.14
CA LYS A 44 4.83 14.67 -6.35
C LYS A 44 5.78 13.50 -6.16
N VAL A 45 6.18 12.88 -7.27
CA VAL A 45 7.10 11.75 -7.23
C VAL A 45 8.02 11.74 -8.44
N GLN A 46 9.21 11.18 -8.28
CA GLN A 46 10.18 11.11 -9.36
C GLN A 46 10.35 9.67 -9.84
N HIS A 47 10.90 9.52 -11.05
CA HIS A 47 11.11 8.19 -11.63
C HIS A 47 12.47 7.65 -11.22
N CYS A 48 12.46 6.53 -10.49
CA CYS A 48 13.70 5.91 -10.03
C CYS A 48 14.46 5.28 -11.20
N HIS A 49 15.74 5.62 -11.31
CA HIS A 49 16.58 5.09 -12.38
C HIS A 49 17.21 3.77 -11.99
N TYR A 50 17.66 3.68 -10.73
CA TYR A 50 18.28 2.47 -10.23
C TYR A 50 17.60 1.23 -10.79
N CYS A 51 16.32 1.07 -10.47
CA CYS A 51 15.54 -0.07 -10.93
C CYS A 51 14.81 0.27 -12.24
N GLY A 52 14.32 1.49 -12.33
CA GLY A 52 13.61 1.91 -13.52
C GLY A 52 12.12 1.62 -13.44
N GLY A 53 11.62 1.41 -12.23
CA GLY A 53 10.21 1.13 -12.05
C GLY A 53 9.94 -0.35 -11.86
N SER A 54 10.88 -1.05 -11.23
CA SER A 54 10.74 -2.49 -11.00
C SER A 54 10.99 -2.83 -9.54
N GLY A 55 11.82 -2.01 -8.88
CA GLY A 55 12.12 -2.24 -7.48
C GLY A 55 13.26 -3.23 -7.29
N MET A 56 14.18 -3.27 -8.25
CA MET A 56 15.31 -4.17 -8.19
C MET A 56 16.60 -3.47 -8.62
N GLU A 57 17.61 -3.51 -7.76
CA GLU A 57 18.88 -2.87 -8.04
C GLU A 57 19.90 -3.89 -8.57
N THR A 58 20.81 -3.42 -9.41
CA THR A 58 21.83 -4.28 -10.00
C THR A 58 23.21 -3.94 -9.46
N ILE A 59 23.88 -4.94 -8.90
CA ILE A 59 25.22 -4.74 -8.35
C ILE A 59 26.28 -5.41 -9.22
N ASN A 60 26.88 -4.63 -10.10
CA ASN A 60 27.92 -5.14 -11.00
C ASN A 60 29.25 -5.29 -10.26
N THR A 61 29.57 -6.52 -9.88
CA THR A 61 30.81 -6.80 -9.17
C THR A 61 31.64 -7.86 -9.90
N GLY A 62 32.78 -7.44 -10.44
CA GLY A 62 33.64 -8.37 -11.15
C GLY A 62 32.94 -9.02 -12.33
N PRO A 63 33.36 -10.25 -12.67
CA PRO A 63 32.79 -11.00 -13.79
C PRO A 63 31.36 -11.46 -13.51
N PHE A 64 30.84 -11.07 -12.35
CA PHE A 64 29.49 -11.45 -11.95
C PHE A 64 28.69 -10.23 -11.52
N VAL A 65 27.40 -10.43 -11.25
CA VAL A 65 26.52 -9.35 -10.83
C VAL A 65 25.50 -9.84 -9.81
N MET A 66 25.31 -9.06 -8.75
CA MET A 66 24.35 -9.42 -7.71
C MET A 66 23.07 -8.58 -7.83
N ARG A 67 21.96 -9.15 -7.37
CA ARG A 67 20.68 -8.45 -7.43
C ARG A 67 20.10 -8.27 -6.04
N SER A 68 19.99 -7.01 -5.61
CA SER A 68 19.45 -6.70 -4.29
C SER A 68 18.39 -5.61 -4.39
N THR A 69 17.42 -5.65 -3.46
CA THR A 69 16.34 -4.67 -3.44
C THR A 69 16.88 -3.25 -3.58
N CYS A 70 16.23 -2.45 -4.41
CA CYS A 70 16.64 -1.07 -4.62
C CYS A 70 16.77 -0.33 -3.30
N ARG A 71 17.63 0.69 -3.27
CA ARG A 71 17.84 1.48 -2.07
C ARG A 71 17.35 2.91 -2.25
N ARG A 72 17.40 3.39 -3.49
CA ARG A 72 16.95 4.74 -3.80
C ARG A 72 15.45 4.88 -3.57
N CYS A 73 14.69 3.92 -4.08
CA CYS A 73 13.24 3.93 -3.93
C CYS A 73 12.79 3.00 -2.80
N GLY A 74 13.42 1.83 -2.72
CA GLY A 74 13.08 0.87 -1.69
C GLY A 74 12.12 -0.19 -2.17
N GLY A 75 12.29 -0.61 -3.43
CA GLY A 75 11.42 -1.63 -3.99
C GLY A 75 10.05 -1.09 -4.34
N ARG A 76 10.01 0.12 -4.89
CA ARG A 76 8.75 0.75 -5.27
C ARG A 76 8.71 1.05 -6.76
N GLY A 77 9.84 1.51 -7.29
CA GLY A 77 9.92 1.82 -8.70
C GLY A 77 9.96 3.31 -8.95
N SER A 78 9.79 4.10 -7.90
CA SER A 78 9.81 5.56 -8.01
C SER A 78 10.06 6.20 -6.66
N ILE A 79 10.60 7.42 -6.69
CA ILE A 79 10.91 8.15 -5.46
C ILE A 79 9.75 9.06 -5.06
N ILE A 80 8.95 8.61 -4.10
CA ILE A 80 7.80 9.39 -3.62
C ILE A 80 8.24 10.45 -2.63
N ILE A 81 8.52 11.65 -3.13
CA ILE A 81 8.94 12.76 -2.29
C ILE A 81 8.13 12.80 -1.00
N SER A 82 6.86 12.44 -1.09
CA SER A 82 5.98 12.43 0.07
C SER A 82 5.16 11.15 0.14
N PRO A 83 5.62 10.20 0.98
CA PRO A 83 4.94 8.91 1.15
C PRO A 83 3.60 9.04 1.87
N CYS A 84 2.66 8.18 1.51
CA CYS A 84 1.33 8.20 2.12
C CYS A 84 1.43 8.34 3.64
N VAL A 85 0.41 8.95 4.24
CA VAL A 85 0.38 9.15 5.68
C VAL A 85 -0.65 8.23 6.34
N VAL A 86 -1.25 7.35 5.55
CA VAL A 86 -2.25 6.42 6.05
C VAL A 86 -1.69 5.02 6.15
N CYS A 87 -0.99 4.58 5.11
CA CYS A 87 -0.40 3.25 5.06
C CYS A 87 1.13 3.33 5.14
N ARG A 88 1.66 4.53 4.89
CA ARG A 88 3.11 4.74 4.92
C ARG A 88 3.80 3.97 3.80
N GLY A 89 3.28 4.14 2.57
CA GLY A 89 3.85 3.47 1.43
C GLY A 89 3.77 1.95 1.54
N ALA A 90 2.63 1.46 2.01
CA ALA A 90 2.43 0.02 2.16
C ALA A 90 1.47 -0.51 1.10
N GLY A 91 0.45 0.28 0.76
CA GLY A 91 -0.51 -0.14 -0.23
C GLY A 91 -1.80 -0.64 0.38
N GLN A 92 -1.75 -0.99 1.67
CA GLN A 92 -2.92 -1.48 2.38
C GLN A 92 -3.15 -0.72 3.67
N ALA A 93 -4.38 -0.77 4.18
CA ALA A 93 -4.73 -0.07 5.40
C ALA A 93 -6.10 -0.50 5.92
N LYS A 94 -6.42 -0.11 7.14
CA LYS A 94 -7.70 -0.46 7.75
C LYS A 94 -8.82 0.39 7.15
N GLN A 95 -9.63 -0.23 6.30
CA GLN A 95 -10.74 0.47 5.65
C GLN A 95 -12.08 -0.11 6.11
N LYS A 96 -12.64 0.47 7.17
CA LYS A 96 -13.92 0.01 7.70
C LYS A 96 -14.87 -0.39 6.58
N LYS A 97 -14.98 0.48 5.58
CA LYS A 97 -15.86 0.22 4.44
C LYS A 97 -15.05 -0.15 3.20
N ARG A 98 -15.53 -1.14 2.45
CA ARG A 98 -14.85 -1.58 1.25
C ARG A 98 -15.44 -0.92 0.01
N SER A 99 -14.59 -0.29 -0.78
CA SER A 99 -15.04 0.40 -2.00
C SER A 99 -14.24 -0.08 -3.21
N GLY A 100 -14.96 -0.64 -4.18
CA GLY A 100 -14.31 -1.14 -5.39
C GLY A 100 -13.68 -2.51 -5.18
N PRO A 101 -13.97 -3.43 -6.11
CA PRO A 101 -13.45 -4.80 -6.06
C PRO A 101 -11.94 -4.86 -6.32
N SER A 102 -11.39 -6.06 -6.31
CA SER A 102 -9.97 -6.26 -6.54
C SER A 102 -9.52 -5.51 -7.80
N SER A 103 -8.37 -4.83 -7.70
CA SER A 103 -7.84 -4.08 -8.83
C SER A 103 -6.93 -4.96 -9.68
N GLY A 104 -6.66 -4.50 -10.91
CA GLY A 104 -5.82 -5.26 -11.80
C GLY A 104 -4.38 -5.34 -11.33
N GLY A 1 19.88 39.09 50.75
CA GLY A 1 18.48 39.34 50.50
C GLY A 1 18.04 38.90 49.13
N SER A 2 16.76 38.53 49.00
CA SER A 2 16.22 38.08 47.72
C SER A 2 14.70 38.21 47.70
N SER A 3 14.19 38.97 46.73
CA SER A 3 12.76 39.17 46.60
C SER A 3 12.06 37.90 46.12
N GLY A 4 12.56 37.34 45.02
CA GLY A 4 11.97 36.13 44.48
C GLY A 4 11.06 36.40 43.29
N SER A 5 10.44 35.35 42.78
CA SER A 5 9.54 35.48 41.64
C SER A 5 8.53 34.34 41.61
N SER A 6 7.55 34.43 40.71
CA SER A 6 6.53 33.41 40.58
C SER A 6 5.88 33.48 39.19
N GLY A 7 4.98 32.54 38.93
CA GLY A 7 4.29 32.50 37.66
C GLY A 7 2.99 31.74 37.71
N MET A 8 2.38 31.51 36.55
CA MET A 8 1.12 30.78 36.47
C MET A 8 1.02 30.00 35.17
N GLU A 9 0.18 28.97 35.17
CA GLU A 9 -0.01 28.14 33.99
C GLU A 9 -1.42 27.58 33.93
N LEU A 10 -2.15 27.90 32.88
CA LEU A 10 -3.52 27.42 32.70
C LEU A 10 -3.61 26.39 31.59
N THR A 11 -2.99 26.70 30.46
CA THR A 11 -2.99 25.80 29.31
C THR A 11 -4.37 25.19 29.10
N PHE A 12 -5.40 26.05 29.06
CA PHE A 12 -6.76 25.59 28.86
C PHE A 12 -6.82 24.44 27.85
N ASN A 13 -7.75 23.52 28.07
CA ASN A 13 -7.90 22.37 27.18
C ASN A 13 -9.36 22.00 27.02
N GLN A 14 -9.66 21.16 26.03
CA GLN A 14 -11.03 20.72 25.78
C GLN A 14 -11.09 19.22 25.55
N ALA A 15 -11.82 18.52 26.40
CA ALA A 15 -11.96 17.07 26.29
C ALA A 15 -12.26 16.65 24.86
N ALA A 16 -11.25 16.13 24.18
CA ALA A 16 -11.39 15.70 22.80
C ALA A 16 -11.35 14.17 22.69
N LYS A 17 -12.45 13.59 22.23
CA LYS A 17 -12.54 12.14 22.07
C LYS A 17 -12.88 11.77 20.64
N GLY A 18 -12.01 10.97 20.02
CA GLY A 18 -12.23 10.55 18.65
C GLY A 18 -11.33 9.41 18.24
N VAL A 19 -11.72 8.19 18.59
CA VAL A 19 -10.92 7.01 18.26
C VAL A 19 -11.80 5.90 17.69
N ASN A 20 -11.45 5.42 16.50
CA ASN A 20 -12.21 4.36 15.85
C ASN A 20 -11.38 3.09 15.73
N LYS A 21 -10.13 3.24 15.31
CA LYS A 21 -9.23 2.11 15.16
C LYS A 21 -7.83 2.45 15.67
N GLU A 22 -7.25 1.54 16.46
CA GLU A 22 -5.92 1.76 17.01
C GLU A 22 -5.04 0.53 16.78
N PHE A 23 -5.40 -0.58 17.41
CA PHE A 23 -4.65 -1.82 17.29
C PHE A 23 -4.87 -2.45 15.91
N THR A 24 -4.14 -3.52 15.63
CA THR A 24 -4.26 -4.21 14.35
C THR A 24 -5.09 -5.49 14.50
N VAL A 25 -6.41 -5.33 14.47
CA VAL A 25 -7.31 -6.47 14.60
C VAL A 25 -8.37 -6.45 13.50
N ASN A 26 -8.91 -5.26 13.22
CA ASN A 26 -9.94 -5.12 12.20
C ASN A 26 -9.35 -5.36 10.81
N ILE A 27 -10.17 -5.91 9.92
CA ILE A 27 -9.73 -6.19 8.56
C ILE A 27 -9.05 -4.98 7.93
N MET A 28 -8.01 -5.23 7.15
CA MET A 28 -7.27 -4.15 6.49
C MET A 28 -7.16 -4.42 4.99
N ASP A 29 -7.69 -3.50 4.20
CA ASP A 29 -7.64 -3.63 2.74
C ASP A 29 -6.74 -2.56 2.13
N THR A 30 -6.78 -2.45 0.80
CA THR A 30 -5.97 -1.47 0.10
C THR A 30 -6.26 -0.05 0.59
N CYS A 31 -5.21 0.72 0.80
CA CYS A 31 -5.35 2.10 1.27
C CYS A 31 -6.34 2.87 0.40
N GLU A 32 -6.86 3.97 0.93
CA GLU A 32 -7.80 4.80 0.20
C GLU A 32 -7.19 6.15 -0.17
N ARG A 33 -6.31 6.64 0.69
CA ARG A 33 -5.64 7.91 0.46
C ARG A 33 -4.74 7.84 -0.77
N CYS A 34 -3.90 6.82 -0.81
CA CYS A 34 -2.97 6.63 -1.92
C CYS A 34 -3.52 5.62 -2.92
N ASN A 35 -4.58 4.93 -2.53
CA ASN A 35 -5.20 3.92 -3.39
C ASN A 35 -4.23 2.80 -3.70
N GLY A 36 -3.45 2.39 -2.69
CA GLY A 36 -2.49 1.33 -2.88
C GLY A 36 -1.29 1.76 -3.70
N LYS A 37 -0.94 3.05 -3.60
CA LYS A 37 0.19 3.59 -4.34
C LYS A 37 1.42 3.71 -3.44
N GLY A 38 1.23 4.34 -2.29
CA GLY A 38 2.33 4.52 -1.36
C GLY A 38 2.81 5.96 -1.29
N ASN A 39 1.91 6.89 -1.58
CA ASN A 39 2.25 8.31 -1.54
C ASN A 39 0.99 9.17 -1.47
N GLU A 40 1.14 10.42 -1.05
CA GLU A 40 0.01 11.35 -0.94
C GLU A 40 -0.61 11.60 -2.32
N PRO A 41 -1.95 11.56 -2.37
CA PRO A 41 -2.70 11.79 -3.61
C PRO A 41 -2.62 13.24 -4.07
N GLY A 42 -1.85 14.05 -3.36
CA GLY A 42 -1.70 15.45 -3.71
C GLY A 42 -0.25 15.87 -3.83
N THR A 43 0.64 14.89 -3.98
CA THR A 43 2.07 15.16 -4.09
C THR A 43 2.61 14.72 -5.45
N LYS A 44 3.86 15.05 -5.72
CA LYS A 44 4.50 14.68 -6.98
C LYS A 44 5.40 13.47 -6.80
N VAL A 45 6.00 13.01 -7.89
CA VAL A 45 6.89 11.85 -7.86
C VAL A 45 8.02 12.00 -8.86
N GLN A 46 9.21 11.52 -8.49
CA GLN A 46 10.37 11.60 -9.35
C GLN A 46 10.76 10.22 -9.88
N HIS A 47 11.27 10.19 -11.10
CA HIS A 47 11.68 8.94 -11.72
C HIS A 47 12.97 8.40 -11.08
N CYS A 48 13.01 7.10 -10.85
CA CYS A 48 14.18 6.46 -10.24
C CYS A 48 15.11 5.90 -11.32
N HIS A 49 16.40 6.09 -11.12
CA HIS A 49 17.40 5.60 -12.07
C HIS A 49 17.88 4.21 -11.67
N TYR A 50 18.11 4.01 -10.38
CA TYR A 50 18.58 2.72 -9.87
C TYR A 50 18.00 1.57 -10.68
N CYS A 51 16.67 1.50 -10.71
CA CYS A 51 15.98 0.44 -11.45
C CYS A 51 15.51 0.94 -12.80
N GLY A 52 15.02 2.18 -12.83
CA GLY A 52 14.55 2.76 -14.08
C GLY A 52 13.06 2.53 -14.29
N GLY A 53 12.36 2.14 -13.23
CA GLY A 53 10.94 1.89 -13.33
C GLY A 53 10.61 0.41 -13.33
N SER A 54 11.42 -0.37 -12.63
CA SER A 54 11.21 -1.81 -12.55
C SER A 54 11.12 -2.27 -11.10
N GLY A 55 11.75 -1.51 -10.20
CA GLY A 55 11.72 -1.86 -8.80
C GLY A 55 12.77 -2.90 -8.44
N MET A 56 13.87 -2.92 -9.19
CA MET A 56 14.94 -3.87 -8.95
C MET A 56 16.31 -3.21 -9.15
N GLU A 57 17.24 -3.48 -8.25
CA GLU A 57 18.58 -2.92 -8.34
C GLU A 57 19.59 -3.99 -8.74
N THR A 58 20.70 -3.54 -9.34
CA THR A 58 21.74 -4.46 -9.77
C THR A 58 23.05 -4.20 -9.04
N ILE A 59 23.64 -5.25 -8.49
CA ILE A 59 24.90 -5.12 -7.76
C ILE A 59 26.07 -5.68 -8.58
N ASN A 60 26.78 -4.78 -9.25
CA ASN A 60 27.92 -5.18 -10.07
C ASN A 60 29.16 -5.38 -9.21
N THR A 61 29.45 -6.64 -8.88
CA THR A 61 30.61 -6.97 -8.06
C THR A 61 31.53 -7.94 -8.79
N GLY A 62 32.70 -7.45 -9.20
CA GLY A 62 33.66 -8.28 -9.90
C GLY A 62 33.11 -8.81 -11.21
N PRO A 63 33.57 -10.00 -11.61
CA PRO A 63 33.15 -10.64 -12.87
C PRO A 63 31.70 -11.11 -12.82
N PHE A 64 31.09 -11.02 -11.63
CA PHE A 64 29.71 -11.44 -11.44
C PHE A 64 28.85 -10.27 -10.97
N VAL A 65 27.53 -10.46 -11.02
CA VAL A 65 26.60 -9.42 -10.60
C VAL A 65 25.37 -10.03 -9.92
N MET A 66 24.95 -9.42 -8.81
CA MET A 66 23.79 -9.90 -8.08
C MET A 66 22.55 -9.09 -8.43
N ARG A 67 21.39 -9.56 -7.99
CA ARG A 67 20.13 -8.88 -8.25
C ARG A 67 19.27 -8.81 -6.99
N SER A 68 19.04 -7.60 -6.51
CA SER A 68 18.24 -7.40 -5.30
C SER A 68 17.28 -6.22 -5.48
N THR A 69 16.19 -6.23 -4.72
CA THR A 69 15.20 -5.17 -4.80
C THR A 69 15.85 -3.80 -4.66
N CYS A 70 15.33 -2.82 -5.40
CA CYS A 70 15.86 -1.47 -5.37
C CYS A 70 15.93 -0.94 -3.94
N ARG A 71 16.67 0.14 -3.74
CA ARG A 71 16.82 0.74 -2.42
C ARG A 71 16.35 2.20 -2.43
N ARG A 72 16.65 2.89 -3.51
CA ARG A 72 16.27 4.30 -3.65
C ARG A 72 14.75 4.46 -3.63
N CYS A 73 14.07 3.71 -4.49
CA CYS A 73 12.62 3.76 -4.57
C CYS A 73 11.98 2.76 -3.61
N GLY A 74 12.53 1.55 -3.57
CA GLY A 74 12.01 0.52 -2.69
C GLY A 74 11.12 -0.47 -3.42
N GLY A 75 11.42 -0.68 -4.70
CA GLY A 75 10.62 -1.61 -5.50
C GLY A 75 9.35 -1.00 -6.02
N ARG A 76 9.44 0.24 -6.50
CA ARG A 76 8.29 0.95 -7.02
C ARG A 76 8.57 1.49 -8.42
N GLY A 77 9.80 1.97 -8.63
CA GLY A 77 10.18 2.51 -9.92
C GLY A 77 10.39 4.01 -9.89
N SER A 78 9.97 4.64 -8.79
CA SER A 78 10.11 6.07 -8.63
C SER A 78 10.32 6.45 -7.18
N ILE A 79 10.76 7.68 -6.95
CA ILE A 79 11.01 8.16 -5.58
C ILE A 79 9.84 8.99 -5.08
N ILE A 80 9.24 8.54 -3.97
CA ILE A 80 8.10 9.25 -3.38
C ILE A 80 8.58 10.38 -2.46
N ILE A 81 8.61 11.60 -3.02
CA ILE A 81 9.04 12.76 -2.25
C ILE A 81 8.30 12.84 -0.92
N SER A 82 7.01 12.50 -0.93
CA SER A 82 6.19 12.54 0.27
C SER A 82 5.34 11.27 0.40
N PRO A 83 5.71 10.41 1.36
CA PRO A 83 5.00 9.16 1.61
C PRO A 83 3.61 9.38 2.19
N CYS A 84 2.71 8.45 1.91
CA CYS A 84 1.33 8.55 2.40
C CYS A 84 1.32 8.97 3.87
N VAL A 85 0.14 9.32 4.37
CA VAL A 85 -0.02 9.75 5.76
C VAL A 85 -0.95 8.81 6.52
N VAL A 86 -1.55 7.87 5.80
CA VAL A 86 -2.47 6.91 6.41
C VAL A 86 -1.86 5.52 6.45
N CYS A 87 -1.14 5.15 5.39
CA CYS A 87 -0.50 3.85 5.32
C CYS A 87 1.01 3.98 5.44
N ARG A 88 1.51 5.20 5.30
CA ARG A 88 2.94 5.46 5.41
C ARG A 88 3.72 4.66 4.36
N GLY A 89 3.20 4.66 3.13
CA GLY A 89 3.86 3.93 2.06
C GLY A 89 3.79 2.43 2.25
N ALA A 90 2.64 1.94 2.72
CA ALA A 90 2.45 0.52 2.96
C ALA A 90 1.65 -0.12 1.83
N GLY A 91 0.68 0.62 1.31
CA GLY A 91 -0.15 0.12 0.24
C GLY A 91 -1.50 -0.38 0.72
N GLN A 92 -1.61 -0.57 2.03
CA GLN A 92 -2.85 -1.05 2.63
C GLN A 92 -3.14 -0.33 3.94
N ALA A 93 -4.41 -0.34 4.36
CA ALA A 93 -4.81 0.32 5.59
C ALA A 93 -6.02 -0.37 6.20
N LYS A 94 -6.18 -0.23 7.51
CA LYS A 94 -7.30 -0.84 8.22
C LYS A 94 -8.62 -0.18 7.84
N GLN A 95 -9.36 -0.81 6.93
CA GLN A 95 -10.63 -0.28 6.49
C GLN A 95 -11.79 -0.83 7.33
N LYS A 96 -12.19 -2.07 7.02
CA LYS A 96 -13.28 -2.70 7.75
C LYS A 96 -13.50 -4.12 7.25
N LYS A 97 -14.05 -4.98 8.11
CA LYS A 97 -14.32 -6.36 7.75
C LYS A 97 -15.61 -6.48 6.94
N ARG A 98 -15.50 -7.01 5.74
CA ARG A 98 -16.66 -7.18 4.86
C ARG A 98 -17.24 -8.58 4.99
N SER A 99 -18.29 -8.70 5.80
CA SER A 99 -18.95 -9.99 6.02
C SER A 99 -19.72 -10.41 4.78
N GLY A 100 -19.40 -11.60 4.26
CA GLY A 100 -20.07 -12.11 3.08
C GLY A 100 -19.11 -12.40 1.95
N PRO A 101 -19.30 -11.73 0.81
CA PRO A 101 -18.46 -11.91 -0.38
C PRO A 101 -17.05 -11.37 -0.17
N SER A 102 -16.17 -12.20 0.40
CA SER A 102 -14.80 -11.81 0.65
C SER A 102 -13.98 -11.80 -0.64
N SER A 103 -13.73 -10.61 -1.16
CA SER A 103 -12.96 -10.47 -2.40
C SER A 103 -12.27 -9.11 -2.47
N GLY A 104 -11.17 -9.04 -3.20
CA GLY A 104 -10.43 -7.81 -3.33
C GLY A 104 -10.76 -7.06 -4.60
N GLY A 1 -73.29 -35.51 -21.57
CA GLY A 1 -71.85 -35.53 -21.75
C GLY A 1 -71.27 -34.14 -21.93
N SER A 2 -69.96 -34.03 -21.77
CA SER A 2 -69.28 -32.74 -21.91
C SER A 2 -67.76 -32.92 -21.89
N SER A 3 -67.05 -31.83 -22.12
CA SER A 3 -65.58 -31.86 -22.13
C SER A 3 -65.01 -30.49 -21.80
N GLY A 4 -63.69 -30.42 -21.70
CA GLY A 4 -63.03 -29.16 -21.39
C GLY A 4 -61.76 -28.96 -22.20
N SER A 5 -60.91 -28.05 -21.73
CA SER A 5 -59.66 -27.76 -22.42
C SER A 5 -58.60 -27.24 -21.44
N SER A 6 -57.40 -26.99 -21.96
CA SER A 6 -56.31 -26.49 -21.13
C SER A 6 -55.48 -25.47 -21.89
N GLY A 7 -54.70 -24.68 -21.15
CA GLY A 7 -53.87 -23.66 -21.77
C GLY A 7 -52.40 -23.84 -21.44
N MET A 8 -51.61 -22.81 -21.73
CA MET A 8 -50.17 -22.86 -21.45
C MET A 8 -49.65 -21.48 -21.05
N GLU A 9 -48.38 -21.43 -20.67
CA GLU A 9 -47.76 -20.18 -20.26
C GLU A 9 -46.25 -20.34 -20.07
N LEU A 10 -45.51 -19.28 -20.34
CA LEU A 10 -44.06 -19.31 -20.20
C LEU A 10 -43.57 -18.14 -19.35
N THR A 11 -42.49 -18.38 -18.60
CA THR A 11 -41.93 -17.36 -17.73
C THR A 11 -40.48 -17.66 -17.40
N PHE A 12 -39.66 -16.61 -17.28
CA PHE A 12 -38.25 -16.77 -16.97
C PHE A 12 -38.01 -16.68 -15.46
N ASN A 13 -36.94 -17.32 -15.01
CA ASN A 13 -36.60 -17.32 -13.58
C ASN A 13 -35.47 -16.32 -13.30
N GLN A 14 -35.12 -16.20 -12.02
CA GLN A 14 -34.07 -15.28 -11.61
C GLN A 14 -33.05 -15.99 -10.71
N ALA A 15 -31.92 -15.33 -10.47
CA ALA A 15 -30.88 -15.88 -9.63
C ALA A 15 -30.41 -14.88 -8.58
N ALA A 16 -30.04 -15.38 -7.41
CA ALA A 16 -29.58 -14.52 -6.32
C ALA A 16 -28.07 -14.66 -6.12
N LYS A 17 -27.62 -15.87 -5.82
CA LYS A 17 -26.21 -16.14 -5.61
C LYS A 17 -25.53 -14.95 -4.94
N GLY A 18 -26.21 -14.35 -3.97
CA GLY A 18 -25.66 -13.21 -3.27
C GLY A 18 -25.44 -13.48 -1.79
N VAL A 19 -24.49 -14.37 -1.49
CA VAL A 19 -24.18 -14.72 -0.12
C VAL A 19 -22.95 -13.96 0.39
N ASN A 20 -23.02 -13.47 1.62
CA ASN A 20 -21.92 -12.74 2.21
C ASN A 20 -21.98 -12.80 3.73
N LYS A 21 -20.84 -13.03 4.36
CA LYS A 21 -20.75 -13.11 5.81
C LYS A 21 -19.65 -12.20 6.35
N GLU A 22 -19.51 -12.17 7.67
CA GLU A 22 -18.50 -11.34 8.32
C GLU A 22 -18.11 -11.91 9.68
N PHE A 23 -16.84 -12.28 9.82
CA PHE A 23 -16.34 -12.84 11.07
C PHE A 23 -15.18 -12.01 11.61
N THR A 24 -14.95 -12.11 12.92
CA THR A 24 -13.87 -11.37 13.56
C THR A 24 -12.51 -11.78 13.00
N VAL A 25 -12.14 -11.18 11.88
CA VAL A 25 -10.85 -11.48 11.24
C VAL A 25 -10.11 -10.20 10.88
N ASN A 26 -8.79 -10.24 11.05
CA ASN A 26 -7.95 -9.08 10.75
C ASN A 26 -8.38 -8.43 9.44
N ILE A 27 -9.07 -7.29 9.55
CA ILE A 27 -9.53 -6.57 8.37
C ILE A 27 -8.42 -5.71 7.78
N MET A 28 -7.96 -6.09 6.60
CA MET A 28 -6.89 -5.37 5.92
C MET A 28 -7.21 -5.21 4.43
N ASP A 29 -7.52 -3.99 4.01
CA ASP A 29 -7.83 -3.72 2.61
C ASP A 29 -6.82 -2.74 2.02
N THR A 30 -7.03 -2.40 0.75
CA THR A 30 -6.13 -1.47 0.05
C THR A 30 -6.42 -0.03 0.44
N CYS A 31 -5.36 0.71 0.74
CA CYS A 31 -5.50 2.12 1.12
C CYS A 31 -6.40 2.87 0.14
N GLU A 32 -7.15 3.83 0.65
CA GLU A 32 -8.05 4.63 -0.18
C GLU A 32 -7.44 6.00 -0.48
N ARG A 33 -6.66 6.51 0.46
CA ARG A 33 -6.02 7.81 0.30
C ARG A 33 -5.03 7.79 -0.86
N CYS A 34 -4.16 6.79 -0.87
CA CYS A 34 -3.16 6.66 -1.92
C CYS A 34 -3.58 5.61 -2.94
N ASN A 35 -4.64 4.88 -2.62
CA ASN A 35 -5.15 3.84 -3.52
C ASN A 35 -4.11 2.73 -3.70
N GLY A 36 -3.45 2.36 -2.62
CA GLY A 36 -2.44 1.32 -2.68
C GLY A 36 -1.21 1.75 -3.46
N LYS A 37 -0.93 3.05 -3.46
CA LYS A 37 0.21 3.59 -4.17
C LYS A 37 1.39 3.82 -3.22
N GLY A 38 1.11 4.48 -2.11
CA GLY A 38 2.15 4.76 -1.13
C GLY A 38 2.65 6.18 -1.20
N ASN A 39 1.82 7.08 -1.70
CA ASN A 39 2.19 8.49 -1.82
C ASN A 39 0.95 9.38 -1.71
N GLU A 40 1.17 10.63 -1.30
CA GLU A 40 0.08 11.59 -1.14
C GLU A 40 -0.57 11.87 -2.49
N PRO A 41 -1.92 11.95 -2.49
CA PRO A 41 -2.69 12.21 -3.70
C PRO A 41 -2.52 13.65 -4.20
N GLY A 42 -1.69 14.41 -3.50
CA GLY A 42 -1.44 15.79 -3.88
C GLY A 42 0.03 16.15 -3.87
N THR A 43 0.88 15.16 -4.18
CA THR A 43 2.32 15.38 -4.21
C THR A 43 2.93 14.91 -5.51
N LYS A 44 4.19 15.26 -5.74
CA LYS A 44 4.89 14.88 -6.96
C LYS A 44 5.70 13.60 -6.74
N VAL A 45 6.35 13.13 -7.80
CA VAL A 45 7.17 11.92 -7.71
C VAL A 45 8.39 12.02 -8.61
N GLN A 46 9.47 11.33 -8.23
CA GLN A 46 10.70 11.35 -9.00
C GLN A 46 10.95 10.00 -9.66
N HIS A 47 11.29 10.02 -10.94
CA HIS A 47 11.56 8.80 -11.69
C HIS A 47 12.86 8.15 -11.22
N CYS A 48 12.76 6.95 -10.65
CA CYS A 48 13.93 6.24 -10.18
C CYS A 48 14.76 5.71 -11.34
N HIS A 49 16.08 5.91 -11.26
CA HIS A 49 16.98 5.45 -12.30
C HIS A 49 17.49 4.05 -12.00
N TYR A 50 17.82 3.79 -10.74
CA TYR A 50 18.32 2.48 -10.33
C TYR A 50 17.65 1.37 -11.12
N CYS A 51 16.34 1.24 -10.97
CA CYS A 51 15.57 0.22 -11.68
C CYS A 51 15.00 0.76 -12.97
N GLY A 52 14.59 2.03 -12.94
CA GLY A 52 14.03 2.65 -14.13
C GLY A 52 12.53 2.41 -14.25
N GLY A 53 11.90 2.06 -13.14
CA GLY A 53 10.47 1.81 -13.15
C GLY A 53 10.14 0.33 -13.22
N SER A 54 11.00 -0.50 -12.64
CA SER A 54 10.80 -1.94 -12.64
C SER A 54 10.82 -2.49 -11.22
N GLY A 55 11.44 -1.75 -10.32
CA GLY A 55 11.52 -2.19 -8.93
C GLY A 55 12.59 -3.24 -8.71
N MET A 56 13.67 -3.14 -9.48
CA MET A 56 14.77 -4.09 -9.36
C MET A 56 16.12 -3.39 -9.47
N GLU A 57 17.05 -3.74 -8.58
CA GLU A 57 18.37 -3.13 -8.57
C GLU A 57 19.44 -4.16 -8.94
N THR A 58 20.51 -3.69 -9.55
CA THR A 58 21.61 -4.56 -9.96
C THR A 58 22.90 -4.22 -9.20
N ILE A 59 23.50 -5.23 -8.59
CA ILE A 59 24.73 -5.03 -7.83
C ILE A 59 25.93 -5.52 -8.63
N ASN A 60 26.66 -4.58 -9.23
CA ASN A 60 27.84 -4.92 -10.02
C ASN A 60 29.08 -5.02 -9.14
N THR A 61 29.52 -6.25 -8.88
CA THR A 61 30.69 -6.48 -8.05
C THR A 61 31.63 -7.50 -8.69
N GLY A 62 32.79 -7.03 -9.13
CA GLY A 62 33.76 -7.91 -9.76
C GLY A 62 33.26 -8.47 -11.07
N PRO A 63 33.78 -9.66 -11.44
CA PRO A 63 33.39 -10.33 -12.68
C PRO A 63 31.96 -10.85 -12.64
N PHE A 64 31.32 -10.74 -11.48
CA PHE A 64 29.95 -11.20 -11.31
C PHE A 64 29.04 -10.05 -10.89
N VAL A 65 27.73 -10.30 -10.92
CA VAL A 65 26.76 -9.29 -10.52
C VAL A 65 25.55 -9.92 -9.84
N MET A 66 25.11 -9.30 -8.75
CA MET A 66 23.96 -9.81 -8.00
C MET A 66 22.69 -9.05 -8.38
N ARG A 67 21.56 -9.51 -7.85
CA ARG A 67 20.27 -8.87 -8.13
C ARG A 67 19.41 -8.82 -6.88
N SER A 68 19.09 -7.60 -6.43
CA SER A 68 18.28 -7.40 -5.24
C SER A 68 17.31 -6.24 -5.44
N THR A 69 16.15 -6.34 -4.79
CA THR A 69 15.14 -5.29 -4.88
C THR A 69 15.76 -3.91 -4.72
N CYS A 70 15.31 -2.96 -5.53
CA CYS A 70 15.83 -1.60 -5.48
C CYS A 70 15.80 -1.07 -4.05
N ARG A 71 16.61 -0.05 -3.79
CA ARG A 71 16.69 0.55 -2.47
C ARG A 71 16.27 2.02 -2.52
N ARG A 72 16.59 2.68 -3.61
CA ARG A 72 16.25 4.09 -3.78
C ARG A 72 14.73 4.29 -3.76
N CYS A 73 14.03 3.48 -4.54
CA CYS A 73 12.57 3.57 -4.61
C CYS A 73 11.92 2.57 -3.64
N GLY A 74 12.51 1.40 -3.51
CA GLY A 74 11.98 0.38 -2.63
C GLY A 74 11.13 -0.64 -3.35
N GLY A 75 11.43 -0.86 -4.63
CA GLY A 75 10.68 -1.81 -5.42
C GLY A 75 9.35 -1.25 -5.90
N ARG A 76 9.35 0.03 -6.27
CA ARG A 76 8.14 0.68 -6.76
C ARG A 76 8.34 1.21 -8.17
N GLY A 77 9.52 1.76 -8.43
CA GLY A 77 9.82 2.30 -9.75
C GLY A 77 10.12 3.78 -9.71
N SER A 78 9.79 4.43 -8.59
CA SER A 78 10.02 5.85 -8.44
C SER A 78 10.18 6.22 -6.97
N ILE A 79 10.71 7.41 -6.71
CA ILE A 79 10.90 7.89 -5.35
C ILE A 79 9.74 8.77 -4.89
N ILE A 80 9.07 8.35 -3.83
CA ILE A 80 7.95 9.10 -3.30
C ILE A 80 8.42 10.23 -2.38
N ILE A 81 8.49 11.44 -2.93
CA ILE A 81 8.93 12.60 -2.16
C ILE A 81 8.14 12.71 -0.86
N SER A 82 6.90 12.26 -0.88
CA SER A 82 6.05 12.32 0.30
C SER A 82 5.26 11.03 0.47
N PRO A 83 5.66 10.21 1.45
CA PRO A 83 5.01 8.93 1.74
C PRO A 83 3.63 9.11 2.33
N CYS A 84 2.66 8.36 1.81
CA CYS A 84 1.29 8.43 2.28
C CYS A 84 1.24 8.67 3.79
N VAL A 85 0.18 9.34 4.24
CA VAL A 85 0.02 9.63 5.66
C VAL A 85 -1.01 8.71 6.30
N VAL A 86 -1.53 7.77 5.51
CA VAL A 86 -2.53 6.83 5.99
C VAL A 86 -1.91 5.45 6.25
N CYS A 87 -1.31 4.88 5.20
CA CYS A 87 -0.67 3.57 5.30
C CYS A 87 0.83 3.71 5.47
N ARG A 88 1.34 4.92 5.27
CA ARG A 88 2.77 5.18 5.39
C ARG A 88 3.55 4.42 4.33
N GLY A 89 3.11 4.53 3.08
CA GLY A 89 3.78 3.85 1.99
C GLY A 89 3.79 2.33 2.17
N ALA A 90 2.66 1.77 2.57
CA ALA A 90 2.54 0.34 2.79
C ALA A 90 1.75 -0.32 1.67
N GLY A 91 0.76 0.41 1.15
CA GLY A 91 -0.06 -0.12 0.07
C GLY A 91 -1.42 -0.58 0.56
N GLN A 92 -1.54 -0.83 1.86
CA GLN A 92 -2.79 -1.28 2.45
C GLN A 92 -3.08 -0.51 3.74
N ALA A 93 -4.35 -0.51 4.14
CA ALA A 93 -4.77 0.18 5.35
C ALA A 93 -5.99 -0.49 5.97
N LYS A 94 -6.37 -0.03 7.16
CA LYS A 94 -7.52 -0.60 7.86
C LYS A 94 -8.81 0.09 7.41
N GLN A 95 -9.63 -0.64 6.66
CA GLN A 95 -10.90 -0.10 6.17
C GLN A 95 -12.02 -0.38 7.16
N LYS A 96 -12.17 0.52 8.14
CA LYS A 96 -13.20 0.36 9.15
C LYS A 96 -12.87 -0.76 10.13
N LYS A 97 -11.67 -0.70 10.69
CA LYS A 97 -11.22 -1.71 11.64
C LYS A 97 -10.93 -1.09 13.00
N ARG A 98 -11.86 -1.28 13.95
CA ARG A 98 -11.71 -0.73 15.29
C ARG A 98 -11.78 -1.85 16.33
N SER A 99 -11.05 -2.93 16.09
CA SER A 99 -11.03 -4.06 17.01
C SER A 99 -9.63 -4.28 17.57
N GLY A 100 -9.57 -5.02 18.68
CA GLY A 100 -8.28 -5.29 19.30
C GLY A 100 -8.17 -4.70 20.69
N PRO A 101 -7.13 -5.11 21.44
CA PRO A 101 -6.89 -4.61 22.80
C PRO A 101 -6.47 -3.15 22.82
N SER A 102 -6.77 -2.47 23.92
CA SER A 102 -6.42 -1.06 24.07
C SER A 102 -5.00 -0.91 24.61
N SER A 103 -4.33 0.16 24.21
CA SER A 103 -2.97 0.43 24.65
C SER A 103 -2.92 0.63 26.16
N GLY A 104 -1.71 0.64 26.70
CA GLY A 104 -1.54 0.83 28.14
C GLY A 104 -0.61 1.97 28.47
N GLY A 1 -61.48 10.50 27.61
CA GLY A 1 -60.76 10.26 26.37
C GLY A 1 -61.39 9.16 25.53
N SER A 2 -60.85 8.94 24.33
CA SER A 2 -61.38 7.93 23.43
C SER A 2 -60.24 7.09 22.85
N SER A 3 -60.42 5.77 22.90
CA SER A 3 -59.40 4.86 22.38
C SER A 3 -60.05 3.73 21.57
N GLY A 4 -59.36 3.28 20.53
CA GLY A 4 -59.88 2.22 19.70
C GLY A 4 -59.24 2.19 18.33
N SER A 5 -59.24 1.02 17.70
CA SER A 5 -58.65 0.86 16.37
C SER A 5 -59.12 -0.44 15.73
N SER A 6 -58.91 -0.53 14.41
CA SER A 6 -59.31 -1.72 13.66
C SER A 6 -58.64 -1.76 12.30
N GLY A 7 -58.68 -2.93 11.66
CA GLY A 7 -58.07 -3.08 10.36
C GLY A 7 -58.01 -4.53 9.91
N MET A 8 -57.15 -4.82 8.94
CA MET A 8 -57.01 -6.17 8.41
C MET A 8 -55.78 -6.28 7.52
N GLU A 9 -55.35 -7.52 7.26
CA GLU A 9 -54.18 -7.75 6.43
C GLU A 9 -54.37 -7.15 5.04
N LEU A 10 -53.36 -6.46 4.55
CA LEU A 10 -53.41 -5.83 3.24
C LEU A 10 -52.23 -6.26 2.38
N THR A 11 -51.02 -5.91 2.82
CA THR A 11 -49.81 -6.26 2.09
C THR A 11 -48.69 -6.66 3.04
N PHE A 12 -47.66 -7.30 2.49
CA PHE A 12 -46.53 -7.75 3.30
C PHE A 12 -45.34 -6.81 3.12
N ASN A 13 -44.42 -6.84 4.08
CA ASN A 13 -43.23 -5.99 4.04
C ASN A 13 -42.07 -6.72 3.39
N GLN A 14 -41.06 -5.95 2.97
CA GLN A 14 -39.89 -6.53 2.33
C GLN A 14 -38.94 -7.13 3.36
N ALA A 15 -38.27 -8.22 2.99
CA ALA A 15 -37.34 -8.88 3.89
C ALA A 15 -35.99 -9.10 3.21
N ALA A 16 -34.99 -9.50 3.99
CA ALA A 16 -33.66 -9.75 3.46
C ALA A 16 -32.99 -10.91 4.18
N LYS A 17 -32.08 -11.58 3.49
CA LYS A 17 -31.37 -12.73 4.05
C LYS A 17 -29.98 -12.32 4.53
N GLY A 18 -29.86 -12.06 5.83
CA GLY A 18 -28.57 -11.66 6.38
C GLY A 18 -27.69 -12.85 6.71
N VAL A 19 -26.38 -12.63 6.66
CA VAL A 19 -25.42 -13.70 6.95
C VAL A 19 -25.46 -14.08 8.42
N ASN A 20 -26.08 -13.23 9.24
CA ASN A 20 -26.18 -13.47 10.67
C ASN A 20 -24.84 -13.92 11.25
N LYS A 21 -23.78 -13.21 10.88
CA LYS A 21 -22.44 -13.52 11.36
C LYS A 21 -21.42 -12.51 10.84
N GLU A 22 -20.42 -12.22 11.66
CA GLU A 22 -19.38 -11.26 11.28
C GLU A 22 -18.11 -11.49 12.09
N PHE A 23 -16.96 -11.25 11.47
CA PHE A 23 -15.67 -11.44 12.12
C PHE A 23 -14.61 -10.54 11.49
N THR A 24 -13.93 -9.75 12.33
CA THR A 24 -12.90 -8.85 11.87
C THR A 24 -11.66 -8.92 12.76
N VAL A 25 -10.50 -9.05 12.13
CA VAL A 25 -9.24 -9.13 12.86
C VAL A 25 -8.04 -9.03 11.92
N ASN A 26 -7.12 -8.13 12.25
CA ASN A 26 -5.93 -7.93 11.42
C ASN A 26 -6.30 -7.57 9.99
N ILE A 27 -7.35 -6.77 9.84
CA ILE A 27 -7.82 -6.36 8.52
C ILE A 27 -6.72 -5.61 7.76
N MET A 28 -6.38 -6.10 6.58
CA MET A 28 -5.35 -5.49 5.76
C MET A 28 -5.75 -5.48 4.29
N ASP A 29 -6.14 -4.31 3.79
CA ASP A 29 -6.55 -4.17 2.40
C ASP A 29 -5.72 -3.10 1.69
N THR A 30 -6.08 -2.83 0.43
CA THR A 30 -5.37 -1.82 -0.35
C THR A 30 -5.70 -0.42 0.12
N CYS A 31 -4.67 0.37 0.39
CA CYS A 31 -4.85 1.74 0.85
C CYS A 31 -5.81 2.51 -0.06
N GLU A 32 -6.59 3.41 0.53
CA GLU A 32 -7.55 4.21 -0.24
C GLU A 32 -7.02 5.61 -0.47
N ARG A 33 -6.22 6.11 0.47
CA ARG A 33 -5.66 7.45 0.37
C ARG A 33 -4.72 7.55 -0.81
N CYS A 34 -3.88 6.53 -0.99
CA CYS A 34 -2.91 6.51 -2.09
C CYS A 34 -3.30 5.46 -3.13
N ASN A 35 -4.35 4.70 -2.82
CA ASN A 35 -4.82 3.66 -3.73
C ASN A 35 -3.75 2.61 -3.95
N GLY A 36 -3.09 2.19 -2.87
CA GLY A 36 -2.06 1.19 -2.96
C GLY A 36 -0.86 1.66 -3.76
N LYS A 37 -0.56 2.96 -3.66
CA LYS A 37 0.57 3.54 -4.37
C LYS A 37 1.73 3.80 -3.42
N GLY A 38 1.50 4.65 -2.42
CA GLY A 38 2.54 4.96 -1.47
C GLY A 38 2.90 6.44 -1.46
N ASN A 39 2.03 7.26 -2.05
CA ASN A 39 2.25 8.70 -2.11
C ASN A 39 0.97 9.47 -1.82
N GLU A 40 1.11 10.67 -1.29
CA GLU A 40 -0.04 11.51 -0.96
C GLU A 40 -0.83 11.86 -2.22
N PRO A 41 -2.17 11.85 -2.10
CA PRO A 41 -3.06 12.17 -3.23
C PRO A 41 -3.00 13.64 -3.61
N GLY A 42 -1.91 14.30 -3.24
CA GLY A 42 -1.75 15.72 -3.55
C GLY A 42 -0.31 16.17 -3.49
N THR A 43 0.61 15.30 -3.92
CA THR A 43 2.03 15.62 -3.90
C THR A 43 2.67 15.32 -5.25
N LYS A 44 3.99 15.51 -5.32
CA LYS A 44 4.72 15.26 -6.55
C LYS A 44 5.76 14.16 -6.35
N VAL A 45 6.17 13.54 -7.45
CA VAL A 45 7.16 12.46 -7.38
C VAL A 45 8.04 12.46 -8.64
N GLN A 46 9.27 11.99 -8.49
CA GLN A 46 10.21 11.94 -9.61
C GLN A 46 10.44 10.50 -10.04
N HIS A 47 10.92 10.34 -11.27
CA HIS A 47 11.19 9.01 -11.82
C HIS A 47 12.51 8.45 -11.28
N CYS A 48 12.51 7.17 -10.95
CA CYS A 48 13.70 6.52 -10.42
C CYS A 48 14.53 5.90 -11.54
N HIS A 49 15.83 6.18 -11.54
CA HIS A 49 16.72 5.65 -12.56
C HIS A 49 17.26 4.28 -12.16
N TYR A 50 17.51 4.10 -10.87
CA TYR A 50 18.02 2.84 -10.35
C TYR A 50 17.38 1.66 -11.08
N CYS A 51 16.07 1.52 -10.92
CA CYS A 51 15.33 0.43 -11.56
C CYS A 51 14.84 0.84 -12.94
N GLY A 52 14.41 2.09 -13.06
CA GLY A 52 13.92 2.59 -14.33
C GLY A 52 12.43 2.38 -14.50
N GLY A 53 11.74 2.14 -13.39
CA GLY A 53 10.30 1.92 -13.45
C GLY A 53 9.94 0.45 -13.33
N SER A 54 10.80 -0.33 -12.69
CA SER A 54 10.56 -1.75 -12.51
C SER A 54 10.60 -2.13 -11.03
N GLY A 55 11.17 -1.25 -10.22
CA GLY A 55 11.25 -1.51 -8.79
C GLY A 55 12.30 -2.57 -8.46
N MET A 56 13.30 -2.70 -9.32
CA MET A 56 14.36 -3.68 -9.11
C MET A 56 15.73 -3.03 -9.21
N GLU A 57 16.63 -3.41 -8.32
CA GLU A 57 17.98 -2.85 -8.31
C GLU A 57 19.01 -3.94 -8.64
N THR A 58 20.13 -3.52 -9.23
CA THR A 58 21.19 -4.44 -9.60
C THR A 58 22.47 -4.15 -8.83
N ILE A 59 23.06 -5.19 -8.25
CA ILE A 59 24.29 -5.04 -7.48
C ILE A 59 25.46 -5.69 -8.20
N ASN A 60 26.23 -4.88 -8.93
CA ASN A 60 27.39 -5.37 -9.66
C ASN A 60 28.56 -5.60 -8.73
N THR A 61 28.84 -6.87 -8.43
CA THR A 61 29.95 -7.22 -7.55
C THR A 61 30.82 -8.29 -8.18
N GLY A 62 32.05 -7.92 -8.54
CA GLY A 62 32.97 -8.87 -9.15
C GLY A 62 32.46 -9.39 -10.48
N PRO A 63 32.89 -10.61 -10.84
CA PRO A 63 32.49 -11.25 -12.10
C PRO A 63 31.02 -11.65 -12.11
N PHE A 64 30.34 -11.41 -10.99
CA PHE A 64 28.93 -11.74 -10.86
C PHE A 64 28.11 -10.51 -10.49
N VAL A 65 26.79 -10.67 -10.45
CA VAL A 65 25.90 -9.58 -10.10
C VAL A 65 24.68 -10.09 -9.35
N MET A 66 24.28 -9.36 -8.31
CA MET A 66 23.12 -9.74 -7.50
C MET A 66 21.89 -8.93 -7.90
N ARG A 67 20.73 -9.33 -7.38
CA ARG A 67 19.48 -8.63 -7.67
C ARG A 67 18.64 -8.47 -6.41
N SER A 68 18.44 -7.23 -6.00
CA SER A 68 17.65 -6.93 -4.81
C SER A 68 16.72 -5.74 -5.04
N THR A 69 15.58 -5.75 -4.37
CA THR A 69 14.60 -4.67 -4.51
C THR A 69 15.28 -3.31 -4.42
N CYS A 70 14.87 -2.40 -5.30
CA CYS A 70 15.44 -1.06 -5.32
C CYS A 70 15.36 -0.40 -3.95
N ARG A 71 16.21 0.59 -3.71
CA ARG A 71 16.22 1.29 -2.44
C ARG A 71 15.88 2.77 -2.62
N ARG A 72 16.23 3.30 -3.79
CA ARG A 72 15.96 4.71 -4.09
C ARG A 72 14.46 4.98 -4.14
N CYS A 73 13.73 4.14 -4.86
CA CYS A 73 12.29 4.28 -4.98
C CYS A 73 11.56 3.42 -3.95
N GLY A 74 12.04 2.19 -3.78
CA GLY A 74 11.42 1.29 -2.82
C GLY A 74 10.60 0.21 -3.49
N GLY A 75 10.93 -0.09 -4.75
CA GLY A 75 10.21 -1.12 -5.48
C GLY A 75 8.95 -0.58 -6.13
N ARG A 76 9.00 0.66 -6.60
CA ARG A 76 7.85 1.29 -7.24
C ARG A 76 8.22 1.79 -8.63
N GLY A 77 9.40 2.41 -8.74
CA GLY A 77 9.84 2.93 -10.02
C GLY A 77 9.96 4.44 -10.01
N SER A 78 9.64 5.05 -8.87
CA SER A 78 9.71 6.50 -8.75
C SER A 78 10.04 6.91 -7.32
N ILE A 79 10.67 8.07 -7.16
CA ILE A 79 11.05 8.58 -5.86
C ILE A 79 9.98 9.50 -5.29
N ILE A 80 9.16 8.96 -4.38
CA ILE A 80 8.09 9.74 -3.77
C ILE A 80 8.65 10.72 -2.73
N ILE A 81 8.48 12.00 -2.98
CA ILE A 81 8.97 13.04 -2.07
C ILE A 81 8.20 12.99 -0.75
N SER A 82 6.90 12.73 -0.83
CA SER A 82 6.07 12.67 0.37
C SER A 82 5.38 11.31 0.48
N PRO A 83 5.87 10.46 1.39
CA PRO A 83 5.33 9.13 1.62
C PRO A 83 3.95 9.16 2.26
N CYS A 84 3.02 8.39 1.71
CA CYS A 84 1.66 8.35 2.23
C CYS A 84 1.64 8.48 3.75
N VAL A 85 0.55 9.01 4.28
CA VAL A 85 0.41 9.19 5.73
C VAL A 85 -0.54 8.16 6.32
N VAL A 86 -1.08 7.30 5.48
CA VAL A 86 -1.99 6.25 5.92
C VAL A 86 -1.30 4.90 5.99
N CYS A 87 -0.50 4.61 4.96
CA CYS A 87 0.22 3.33 4.91
C CYS A 87 1.72 3.56 4.96
N ARG A 88 2.14 4.80 4.67
CA ARG A 88 3.56 5.15 4.69
C ARG A 88 4.31 4.40 3.58
N GLY A 89 3.79 4.49 2.36
CA GLY A 89 4.43 3.81 1.24
C GLY A 89 4.43 2.31 1.39
N ALA A 90 3.33 1.76 1.88
CA ALA A 90 3.21 0.31 2.07
C ALA A 90 2.34 -0.31 0.98
N GLY A 91 1.31 0.41 0.55
CA GLY A 91 0.43 -0.09 -0.48
C GLY A 91 -0.85 -0.69 0.08
N GLN A 92 -0.86 -0.92 1.40
CA GLN A 92 -2.03 -1.49 2.06
C GLN A 92 -2.25 -0.84 3.42
N ALA A 93 -3.50 -0.81 3.86
CA ALA A 93 -3.84 -0.22 5.14
C ALA A 93 -5.04 -0.93 5.76
N LYS A 94 -5.41 -0.50 6.97
CA LYS A 94 -6.55 -1.10 7.68
C LYS A 94 -7.87 -0.58 7.12
N GLN A 95 -8.58 -1.44 6.40
CA GLN A 95 -9.86 -1.07 5.82
C GLN A 95 -11.00 -1.86 6.46
N LYS A 96 -11.55 -1.33 7.53
CA LYS A 96 -12.66 -1.98 8.24
C LYS A 96 -13.93 -1.92 7.42
N LYS A 97 -13.96 -2.65 6.31
CA LYS A 97 -15.13 -2.69 5.44
C LYS A 97 -15.51 -4.13 5.10
N ARG A 98 -16.80 -4.36 4.93
CA ARG A 98 -17.29 -5.69 4.61
C ARG A 98 -17.16 -5.97 3.11
N SER A 99 -15.94 -5.84 2.60
CA SER A 99 -15.67 -6.08 1.18
C SER A 99 -14.45 -6.96 1.00
N GLY A 100 -14.47 -7.78 -0.06
CA GLY A 100 -13.36 -8.67 -0.32
C GLY A 100 -12.10 -7.92 -0.71
N PRO A 101 -10.93 -8.49 -0.38
CA PRO A 101 -9.64 -7.90 -0.69
C PRO A 101 -9.33 -7.91 -2.19
N SER A 102 -8.31 -7.15 -2.58
CA SER A 102 -7.92 -7.08 -3.99
C SER A 102 -6.47 -7.50 -4.17
N SER A 103 -6.18 -8.15 -5.29
CA SER A 103 -4.83 -8.61 -5.58
C SER A 103 -4.35 -8.08 -6.93
N GLY A 104 -3.45 -7.11 -6.89
CA GLY A 104 -2.93 -6.53 -8.12
C GLY A 104 -1.95 -7.45 -8.82
N GLY A 1 -36.39 17.50 60.20
CA GLY A 1 -35.31 17.73 59.27
C GLY A 1 -35.77 18.46 58.02
N SER A 2 -34.82 19.05 57.30
CA SER A 2 -35.13 19.79 56.08
C SER A 2 -34.60 19.06 54.85
N SER A 3 -34.93 19.57 53.67
CA SER A 3 -34.51 18.96 52.42
C SER A 3 -34.85 19.86 51.24
N GLY A 4 -34.33 19.49 50.06
CA GLY A 4 -34.60 20.28 48.86
C GLY A 4 -34.96 19.42 47.68
N SER A 5 -34.80 19.97 46.47
CA SER A 5 -35.13 19.24 45.25
C SER A 5 -34.41 19.84 44.06
N SER A 6 -34.55 19.21 42.90
CA SER A 6 -33.91 19.69 41.68
C SER A 6 -34.37 18.88 40.47
N GLY A 7 -33.98 19.32 39.28
CA GLY A 7 -34.37 18.63 38.07
C GLY A 7 -33.85 19.31 36.81
N MET A 8 -33.87 18.60 35.70
CA MET A 8 -33.40 19.15 34.43
C MET A 8 -33.75 18.22 33.27
N GLU A 9 -33.43 18.65 32.06
CA GLU A 9 -33.71 17.86 30.87
C GLU A 9 -33.01 18.44 29.65
N LEU A 10 -32.64 17.57 28.71
CA LEU A 10 -31.96 18.00 27.49
C LEU A 10 -31.94 16.88 26.45
N THR A 11 -31.64 17.24 25.21
CA THR A 11 -31.59 16.26 24.13
C THR A 11 -30.62 16.69 23.04
N PHE A 12 -29.78 15.76 22.59
CA PHE A 12 -28.80 16.04 21.55
C PHE A 12 -28.21 14.75 20.99
N ASN A 13 -27.66 14.84 19.78
CA ASN A 13 -27.06 13.68 19.13
C ASN A 13 -25.67 14.01 18.60
N GLN A 14 -24.96 12.98 18.14
CA GLN A 14 -23.62 13.16 17.60
C GLN A 14 -23.33 12.17 16.49
N ALA A 15 -22.31 12.45 15.68
CA ALA A 15 -21.95 11.58 14.57
C ALA A 15 -20.70 10.78 14.91
N ALA A 16 -20.46 9.70 14.16
CA ALA A 16 -19.31 8.85 14.37
C ALA A 16 -18.42 8.80 13.14
N LYS A 17 -17.47 9.72 13.05
CA LYS A 17 -16.55 9.78 11.92
C LYS A 17 -15.29 8.97 12.20
N GLY A 18 -14.43 8.87 11.19
CA GLY A 18 -13.19 8.13 11.35
C GLY A 18 -12.30 8.71 12.43
N VAL A 19 -12.53 8.28 13.67
CA VAL A 19 -11.73 8.76 14.80
C VAL A 19 -10.73 7.71 15.25
N ASN A 20 -9.65 8.17 15.89
CA ASN A 20 -8.61 7.26 16.37
C ASN A 20 -8.89 6.83 17.80
N LYS A 21 -8.76 5.54 18.07
CA LYS A 21 -9.00 5.00 19.39
C LYS A 21 -7.98 3.92 19.73
N GLU A 22 -7.94 3.51 21.00
CA GLU A 22 -7.00 2.48 21.44
C GLU A 22 -7.34 1.14 20.81
N PHE A 23 -8.63 0.88 20.64
CA PHE A 23 -9.09 -0.38 20.05
C PHE A 23 -8.38 -0.64 18.72
N THR A 24 -8.29 -1.91 18.35
CA THR A 24 -7.64 -2.30 17.10
C THR A 24 -8.64 -2.91 16.12
N VAL A 25 -8.72 -2.33 14.93
CA VAL A 25 -9.63 -2.82 13.91
C VAL A 25 -9.09 -4.08 13.24
N ASN A 26 -9.89 -5.15 13.27
CA ASN A 26 -9.49 -6.41 12.68
C ASN A 26 -9.78 -6.43 11.18
N ILE A 27 -9.41 -5.34 10.50
CA ILE A 27 -9.61 -5.22 9.06
C ILE A 27 -8.33 -4.83 8.36
N MET A 28 -8.09 -5.43 7.20
CA MET A 28 -6.89 -5.14 6.41
C MET A 28 -7.20 -5.17 4.91
N ASP A 29 -7.16 -3.99 4.28
CA ASP A 29 -7.43 -3.88 2.86
C ASP A 29 -6.47 -2.91 2.20
N THR A 30 -6.70 -2.65 0.91
CA THR A 30 -5.85 -1.72 0.16
C THR A 30 -6.17 -0.28 0.51
N CYS A 31 -5.14 0.47 0.89
CA CYS A 31 -5.30 1.88 1.25
C CYS A 31 -6.23 2.59 0.27
N GLU A 32 -6.70 3.77 0.65
CA GLU A 32 -7.59 4.54 -0.20
C GLU A 32 -6.99 5.90 -0.54
N ARG A 33 -6.23 6.45 0.40
CA ARG A 33 -5.60 7.75 0.21
C ARG A 33 -4.53 7.68 -0.88
N CYS A 34 -3.79 6.58 -0.91
CA CYS A 34 -2.74 6.38 -1.89
C CYS A 34 -3.15 5.32 -2.91
N ASN A 35 -4.22 4.59 -2.62
CA ASN A 35 -4.71 3.55 -3.51
C ASN A 35 -3.69 2.43 -3.63
N GLY A 36 -3.09 2.05 -2.52
CA GLY A 36 -2.09 0.99 -2.53
C GLY A 36 -0.84 1.38 -3.29
N LYS A 37 -0.46 2.64 -3.19
CA LYS A 37 0.72 3.15 -3.87
C LYS A 37 1.83 3.46 -2.87
N GLY A 38 1.47 4.18 -1.81
CA GLY A 38 2.45 4.54 -0.80
C GLY A 38 2.89 5.98 -0.91
N ASN A 39 2.02 6.83 -1.44
CA ASN A 39 2.34 8.25 -1.61
C ASN A 39 1.08 9.10 -1.42
N GLU A 40 1.29 10.35 -0.99
CA GLU A 40 0.18 11.27 -0.76
C GLU A 40 -0.56 11.55 -2.06
N PRO A 41 -1.90 11.59 -1.98
CA PRO A 41 -2.76 11.86 -3.14
C PRO A 41 -2.65 13.29 -3.63
N GLY A 42 -1.72 14.04 -3.04
CA GLY A 42 -1.52 15.43 -3.43
C GLY A 42 -0.06 15.83 -3.43
N THR A 43 0.81 14.90 -3.79
CA THR A 43 2.24 15.16 -3.83
C THR A 43 2.84 14.79 -5.19
N LYS A 44 4.09 15.16 -5.40
CA LYS A 44 4.78 14.87 -6.64
C LYS A 44 5.63 13.61 -6.52
N VAL A 45 6.11 13.11 -7.65
CA VAL A 45 6.94 11.91 -7.67
C VAL A 45 8.09 12.05 -8.66
N GLN A 46 9.21 11.39 -8.36
CA GLN A 46 10.37 11.43 -9.24
C GLN A 46 10.62 10.08 -9.88
N HIS A 47 11.06 10.09 -11.13
CA HIS A 47 11.34 8.86 -11.86
C HIS A 47 12.66 8.24 -11.40
N CYS A 48 12.58 7.03 -10.85
CA CYS A 48 13.77 6.34 -10.37
C CYS A 48 14.58 5.78 -11.54
N HIS A 49 15.90 5.97 -11.46
CA HIS A 49 16.80 5.50 -12.52
C HIS A 49 17.31 4.10 -12.19
N TYR A 50 17.67 3.88 -10.93
CA TYR A 50 18.19 2.59 -10.50
C TYR A 50 17.53 1.45 -11.27
N CYS A 51 16.21 1.37 -11.18
CA CYS A 51 15.46 0.34 -11.87
C CYS A 51 14.86 0.86 -13.17
N GLY A 52 14.35 2.09 -13.11
CA GLY A 52 13.76 2.70 -14.29
C GLY A 52 12.28 2.40 -14.41
N GLY A 53 11.66 2.04 -13.29
CA GLY A 53 10.24 1.74 -13.29
C GLY A 53 9.96 0.25 -13.28
N SER A 54 10.95 -0.54 -12.87
CA SER A 54 10.81 -1.99 -12.83
C SER A 54 10.80 -2.48 -11.38
N GLY A 55 11.50 -1.77 -10.50
CA GLY A 55 11.54 -2.16 -9.11
C GLY A 55 12.63 -3.18 -8.83
N MET A 56 13.71 -3.10 -9.58
CA MET A 56 14.82 -4.04 -9.40
C MET A 56 16.17 -3.32 -9.57
N GLU A 57 17.14 -3.71 -8.76
CA GLU A 57 18.47 -3.11 -8.82
C GLU A 57 19.54 -4.16 -9.16
N THR A 58 20.65 -3.70 -9.71
CA THR A 58 21.74 -4.59 -10.08
C THR A 58 23.04 -4.19 -9.38
N ILE A 59 23.63 -5.14 -8.67
CA ILE A 59 24.88 -4.89 -7.96
C ILE A 59 26.08 -5.45 -8.72
N ASN A 60 26.74 -4.58 -9.49
CA ASN A 60 27.90 -5.00 -10.27
C ASN A 60 29.14 -5.09 -9.39
N THR A 61 29.49 -6.31 -8.99
CA THR A 61 30.65 -6.53 -8.14
C THR A 61 31.59 -7.56 -8.75
N GLY A 62 32.82 -7.15 -9.03
CA GLY A 62 33.79 -8.05 -9.62
C GLY A 62 33.32 -8.62 -10.94
N PRO A 63 33.86 -9.79 -11.31
CA PRO A 63 33.50 -10.47 -12.56
C PRO A 63 32.08 -11.01 -12.55
N PHE A 64 31.38 -10.79 -11.44
CA PHE A 64 30.01 -11.25 -11.30
C PHE A 64 29.08 -10.11 -10.90
N VAL A 65 27.78 -10.39 -10.83
CA VAL A 65 26.80 -9.40 -10.47
C VAL A 65 25.65 -10.02 -9.68
N MET A 66 25.16 -9.29 -8.68
CA MET A 66 24.06 -9.77 -7.85
C MET A 66 22.74 -9.12 -8.27
N ARG A 67 21.65 -9.58 -7.67
CA ARG A 67 20.32 -9.05 -7.98
C ARG A 67 19.48 -8.90 -6.72
N SER A 68 19.13 -7.66 -6.39
CA SER A 68 18.34 -7.39 -5.20
C SER A 68 17.38 -6.22 -5.45
N THR A 69 16.22 -6.27 -4.80
CA THR A 69 15.21 -5.22 -4.95
C THR A 69 15.84 -3.84 -4.87
N CYS A 70 15.33 -2.92 -5.68
CA CYS A 70 15.84 -1.55 -5.69
C CYS A 70 15.95 -0.99 -4.28
N ARG A 71 16.65 0.13 -4.15
CA ARG A 71 16.83 0.77 -2.85
C ARG A 71 16.34 2.22 -2.88
N ARG A 72 16.60 2.90 -3.99
CA ARG A 72 16.18 4.28 -4.14
C ARG A 72 14.66 4.42 -4.05
N CYS A 73 13.96 3.63 -4.86
CA CYS A 73 12.50 3.66 -4.88
C CYS A 73 11.93 2.64 -3.90
N GLY A 74 12.49 1.43 -3.90
CA GLY A 74 12.04 0.39 -3.01
C GLY A 74 11.13 -0.61 -3.71
N GLY A 75 11.41 -0.88 -4.98
CA GLY A 75 10.60 -1.82 -5.73
C GLY A 75 9.27 -1.23 -6.15
N ARG A 76 9.28 0.03 -6.57
CA ARG A 76 8.06 0.71 -7.00
C ARG A 76 8.22 1.29 -8.40
N GLY A 77 9.41 1.79 -8.70
CA GLY A 77 9.67 2.37 -10.01
C GLY A 77 9.95 3.85 -9.94
N SER A 78 9.55 4.48 -8.84
CA SER A 78 9.76 5.91 -8.66
C SER A 78 10.00 6.25 -7.19
N ILE A 79 10.51 7.45 -6.94
CA ILE A 79 10.80 7.89 -5.59
C ILE A 79 9.67 8.76 -5.04
N ILE A 80 9.13 8.38 -3.89
CA ILE A 80 8.05 9.13 -3.26
C ILE A 80 8.59 10.18 -2.29
N ILE A 81 8.54 11.44 -2.73
CA ILE A 81 9.03 12.54 -1.90
C ILE A 81 8.27 12.62 -0.58
N SER A 82 6.98 12.31 -0.63
CA SER A 82 6.13 12.34 0.56
C SER A 82 5.35 11.04 0.71
N PRO A 83 5.74 10.22 1.69
CA PRO A 83 5.09 8.94 1.96
C PRO A 83 3.68 9.11 2.53
N CYS A 84 2.78 8.22 2.13
CA CYS A 84 1.40 8.28 2.60
C CYS A 84 1.34 8.46 4.11
N VAL A 85 0.29 9.12 4.58
CA VAL A 85 0.12 9.37 6.01
C VAL A 85 -0.91 8.42 6.61
N VAL A 86 -1.48 7.55 5.78
CA VAL A 86 -2.47 6.59 6.23
C VAL A 86 -1.86 5.20 6.36
N CYS A 87 -1.05 4.82 5.39
CA CYS A 87 -0.39 3.51 5.40
C CYS A 87 1.10 3.65 5.63
N ARG A 88 1.61 4.88 5.52
CA ARG A 88 3.03 5.14 5.72
C ARG A 88 3.87 4.42 4.67
N GLY A 89 3.42 4.48 3.42
CA GLY A 89 4.14 3.82 2.34
C GLY A 89 4.08 2.30 2.45
N ALA A 90 2.91 1.77 2.79
CA ALA A 90 2.73 0.33 2.92
C ALA A 90 1.82 -0.20 1.81
N GLY A 91 0.83 0.59 1.43
CA GLY A 91 -0.08 0.18 0.39
C GLY A 91 -1.36 -0.42 0.94
N GLN A 92 -1.32 -0.84 2.20
CA GLN A 92 -2.49 -1.42 2.85
C GLN A 92 -2.86 -0.65 4.11
N ALA A 93 -4.14 -0.69 4.47
CA ALA A 93 -4.62 0.00 5.66
C ALA A 93 -5.95 -0.58 6.13
N LYS A 94 -6.50 0.00 7.18
CA LYS A 94 -7.77 -0.45 7.74
C LYS A 94 -8.94 0.28 7.08
N GLN A 95 -9.71 -0.46 6.29
CA GLN A 95 -10.87 0.12 5.61
C GLN A 95 -12.17 -0.50 6.10
N LYS A 96 -12.77 0.12 7.10
CA LYS A 96 -14.02 -0.37 7.67
C LYS A 96 -15.04 -0.69 6.58
N LYS A 97 -15.13 0.20 5.60
CA LYS A 97 -16.06 0.01 4.48
C LYS A 97 -15.37 -0.66 3.31
N ARG A 98 -16.09 -1.56 2.63
CA ARG A 98 -15.53 -2.27 1.49
C ARG A 98 -14.47 -3.28 1.93
N SER A 99 -14.75 -3.98 3.02
CA SER A 99 -13.82 -4.97 3.55
C SER A 99 -14.41 -6.38 3.47
N GLY A 100 -14.31 -6.99 2.30
CA GLY A 100 -14.84 -8.32 2.11
C GLY A 100 -13.89 -9.40 2.59
N PRO A 101 -14.27 -10.10 3.67
CA PRO A 101 -13.45 -11.17 4.26
C PRO A 101 -13.39 -12.40 3.36
N SER A 102 -12.50 -12.37 2.37
CA SER A 102 -12.35 -13.49 1.46
C SER A 102 -11.58 -14.63 2.10
N SER A 103 -10.52 -14.29 2.83
CA SER A 103 -9.70 -15.29 3.50
C SER A 103 -9.17 -16.32 2.50
N GLY A 104 -8.57 -15.83 1.42
CA GLY A 104 -8.04 -16.73 0.41
C GLY A 104 -6.60 -16.41 0.06
N GLY A 1 11.21 -7.10 -56.75
CA GLY A 1 10.08 -6.86 -55.88
C GLY A 1 8.91 -7.78 -56.18
N SER A 2 8.11 -8.06 -55.15
CA SER A 2 6.94 -8.93 -55.32
C SER A 2 5.89 -8.62 -54.26
N SER A 3 4.74 -9.27 -54.38
CA SER A 3 3.65 -9.07 -53.43
C SER A 3 2.55 -10.11 -53.64
N GLY A 4 1.53 -10.08 -52.77
CA GLY A 4 0.44 -11.02 -52.87
C GLY A 4 -0.04 -11.52 -51.52
N SER A 5 -1.35 -11.56 -51.34
CA SER A 5 -1.93 -12.00 -50.08
C SER A 5 -3.45 -12.11 -50.20
N SER A 6 -4.08 -12.73 -49.19
CA SER A 6 -5.51 -12.90 -49.18
C SER A 6 -5.99 -13.36 -47.81
N GLY A 7 -7.29 -13.23 -47.57
CA GLY A 7 -7.86 -13.64 -46.29
C GLY A 7 -9.21 -13.01 -46.04
N MET A 8 -9.71 -13.15 -44.81
CA MET A 8 -11.01 -12.59 -44.44
C MET A 8 -11.18 -12.58 -42.92
N GLU A 9 -11.96 -11.63 -42.42
CA GLU A 9 -12.21 -11.51 -40.99
C GLU A 9 -13.59 -10.92 -40.73
N LEU A 10 -13.99 -10.93 -39.45
CA LEU A 10 -15.29 -10.40 -39.06
C LEU A 10 -15.27 -9.91 -37.62
N THR A 11 -16.30 -9.17 -37.23
CA THR A 11 -16.40 -8.65 -35.88
C THR A 11 -16.32 -9.76 -34.84
N PHE A 12 -15.88 -9.40 -33.64
CA PHE A 12 -15.75 -10.38 -32.55
C PHE A 12 -15.63 -9.68 -31.21
N ASN A 13 -15.84 -10.43 -30.13
CA ASN A 13 -15.75 -9.88 -28.78
C ASN A 13 -15.69 -11.00 -27.75
N GLN A 14 -15.08 -10.70 -26.61
CA GLN A 14 -14.95 -11.68 -25.53
C GLN A 14 -14.77 -10.99 -24.19
N ALA A 15 -15.37 -11.56 -23.14
CA ALA A 15 -15.26 -11.00 -21.80
C ALA A 15 -14.63 -11.99 -20.84
N ALA A 16 -13.75 -11.49 -19.98
CA ALA A 16 -13.07 -12.34 -19.01
C ALA A 16 -12.48 -11.51 -17.87
N LYS A 17 -12.80 -11.88 -16.64
CA LYS A 17 -12.30 -11.17 -15.47
C LYS A 17 -12.14 -12.12 -14.29
N GLY A 18 -11.62 -11.60 -13.18
CA GLY A 18 -11.43 -12.41 -12.00
C GLY A 18 -10.89 -11.60 -10.82
N VAL A 19 -10.94 -12.20 -9.64
CA VAL A 19 -10.44 -11.53 -8.43
C VAL A 19 -9.78 -12.53 -7.48
N ASN A 20 -8.82 -12.05 -6.70
CA ASN A 20 -8.12 -12.89 -5.75
C ASN A 20 -9.07 -13.41 -4.67
N LYS A 21 -8.55 -14.27 -3.80
CA LYS A 21 -9.35 -14.83 -2.72
C LYS A 21 -8.65 -14.65 -1.38
N GLU A 22 -7.34 -14.88 -1.36
CA GLU A 22 -6.56 -14.75 -0.13
C GLU A 22 -7.09 -13.61 0.73
N PHE A 23 -7.16 -13.85 2.03
CA PHE A 23 -7.64 -12.84 2.97
C PHE A 23 -6.90 -12.92 4.29
N THR A 24 -7.25 -12.03 5.22
CA THR A 24 -6.60 -11.99 6.53
C THR A 24 -7.64 -12.00 7.65
N VAL A 25 -7.36 -12.74 8.71
CA VAL A 25 -8.26 -12.83 9.84
C VAL A 25 -8.76 -11.45 10.26
N ASN A 26 -7.90 -10.45 10.11
CA ASN A 26 -8.26 -9.09 10.47
C ASN A 26 -8.71 -8.30 9.25
N ILE A 27 -9.14 -7.06 9.46
CA ILE A 27 -9.60 -6.21 8.38
C ILE A 27 -8.41 -5.57 7.65
N MET A 28 -8.16 -6.02 6.43
CA MET A 28 -7.07 -5.49 5.63
C MET A 28 -7.51 -5.27 4.17
N ASP A 29 -7.62 -4.00 3.78
CA ASP A 29 -8.03 -3.66 2.43
C ASP A 29 -7.09 -2.62 1.83
N THR A 30 -7.43 -2.15 0.63
CA THR A 30 -6.63 -1.14 -0.06
C THR A 30 -6.76 0.22 0.61
N CYS A 31 -5.66 0.96 0.70
CA CYS A 31 -5.65 2.28 1.30
C CYS A 31 -6.72 3.16 0.67
N GLU A 32 -7.25 4.09 1.46
CA GLU A 32 -8.28 5.01 0.98
C GLU A 32 -7.70 6.40 0.75
N ARG A 33 -6.61 6.71 1.44
CA ARG A 33 -5.96 8.01 1.31
C ARG A 33 -5.19 8.10 -0.01
N CYS A 34 -4.34 7.10 -0.27
CA CYS A 34 -3.55 7.06 -1.49
C CYS A 34 -4.21 6.21 -2.55
N ASN A 35 -5.23 5.46 -2.15
CA ASN A 35 -5.96 4.58 -3.06
C ASN A 35 -5.04 3.50 -3.62
N GLY A 36 -4.22 2.93 -2.75
CA GLY A 36 -3.30 1.89 -3.18
C GLY A 36 -2.16 2.43 -4.02
N LYS A 37 -1.91 3.73 -3.92
CA LYS A 37 -0.85 4.36 -4.68
C LYS A 37 0.47 4.28 -3.93
N GLY A 38 0.47 4.74 -2.69
CA GLY A 38 1.68 4.72 -1.88
C GLY A 38 2.26 6.09 -1.65
N ASN A 39 1.48 7.12 -1.96
CA ASN A 39 1.92 8.50 -1.78
C ASN A 39 0.75 9.40 -1.39
N GLU A 40 1.07 10.63 -1.01
CA GLU A 40 0.04 11.60 -0.63
C GLU A 40 -0.80 12.01 -1.84
N PRO A 41 -2.11 12.14 -1.61
CA PRO A 41 -3.06 12.54 -2.66
C PRO A 41 -2.88 13.98 -3.10
N GLY A 42 -1.76 14.58 -2.71
CA GLY A 42 -1.49 15.96 -3.06
C GLY A 42 -0.01 16.29 -3.02
N THR A 43 0.81 15.38 -3.52
CA THR A 43 2.26 15.58 -3.53
C THR A 43 2.85 15.23 -4.90
N LYS A 44 4.17 15.29 -5.00
CA LYS A 44 4.85 14.98 -6.25
C LYS A 44 5.77 13.78 -6.08
N VAL A 45 6.09 13.13 -7.19
CA VAL A 45 6.96 11.96 -7.17
C VAL A 45 7.82 11.89 -8.43
N GLN A 46 9.02 11.34 -8.28
CA GLN A 46 9.95 11.21 -9.41
C GLN A 46 10.07 9.75 -9.85
N HIS A 47 10.62 9.54 -11.04
CA HIS A 47 10.80 8.20 -11.57
C HIS A 47 12.18 7.65 -11.20
N CYS A 48 12.19 6.41 -10.70
CA CYS A 48 13.44 5.77 -10.30
C CYS A 48 14.13 5.15 -11.51
N HIS A 49 15.38 5.53 -11.72
CA HIS A 49 16.16 5.00 -12.85
C HIS A 49 16.78 3.66 -12.49
N TYR A 50 17.23 3.53 -11.25
CA TYR A 50 17.85 2.29 -10.79
C TYR A 50 17.16 1.08 -11.41
N CYS A 51 15.87 0.92 -11.12
CA CYS A 51 15.10 -0.20 -11.66
C CYS A 51 14.37 0.21 -12.93
N GLY A 52 13.85 1.43 -12.94
CA GLY A 52 13.12 1.92 -14.10
C GLY A 52 11.64 1.58 -14.04
N GLY A 53 11.16 1.24 -12.84
CA GLY A 53 9.76 0.90 -12.68
C GLY A 53 9.54 -0.59 -12.55
N SER A 54 10.56 -1.30 -12.07
CA SER A 54 10.47 -2.75 -11.90
C SER A 54 10.73 -3.14 -10.45
N GLY A 55 11.32 -2.21 -9.69
CA GLY A 55 11.61 -2.48 -8.29
C GLY A 55 12.75 -3.46 -8.12
N MET A 56 13.66 -3.48 -9.08
CA MET A 56 14.81 -4.38 -9.03
C MET A 56 16.10 -3.62 -9.32
N GLU A 57 17.14 -3.91 -8.53
CA GLU A 57 18.44 -3.26 -8.70
C GLU A 57 19.52 -4.28 -9.06
N THR A 58 20.62 -3.79 -9.63
CA THR A 58 21.72 -4.65 -10.03
C THR A 58 23.03 -4.16 -9.43
N ILE A 59 23.73 -5.05 -8.72
CA ILE A 59 25.00 -4.71 -8.10
C ILE A 59 26.17 -5.22 -8.95
N ASN A 60 27.11 -4.32 -9.25
CA ASN A 60 28.28 -4.67 -10.04
C ASN A 60 29.48 -4.95 -9.14
N THR A 61 29.73 -6.23 -8.87
CA THR A 61 30.85 -6.62 -8.03
C THR A 61 31.73 -7.66 -8.72
N GLY A 62 32.99 -7.29 -8.96
CA GLY A 62 33.91 -8.19 -9.62
C GLY A 62 33.41 -8.65 -10.96
N PRO A 63 33.94 -9.79 -11.44
CA PRO A 63 33.55 -10.37 -12.73
C PRO A 63 32.13 -10.92 -12.72
N PHE A 64 31.44 -10.75 -11.59
CA PHE A 64 30.08 -11.24 -11.44
C PHE A 64 29.13 -10.11 -11.08
N VAL A 65 27.84 -10.43 -10.96
CA VAL A 65 26.83 -9.43 -10.62
C VAL A 65 25.77 -10.02 -9.70
N MET A 66 25.32 -9.22 -8.74
CA MET A 66 24.30 -9.66 -7.79
C MET A 66 22.94 -9.09 -8.15
N ARG A 67 21.90 -9.51 -7.44
CA ARG A 67 20.55 -9.03 -7.68
C ARG A 67 19.79 -8.84 -6.38
N SER A 68 19.46 -7.59 -6.08
CA SER A 68 18.74 -7.27 -4.84
C SER A 68 17.74 -6.14 -5.08
N THR A 69 16.64 -6.16 -4.32
CA THR A 69 15.62 -5.14 -4.45
C THR A 69 16.23 -3.74 -4.50
N CYS A 70 15.64 -2.87 -5.31
CA CYS A 70 16.13 -1.50 -5.46
C CYS A 70 16.32 -0.85 -4.09
N ARG A 71 16.98 0.30 -4.08
CA ARG A 71 17.23 1.02 -2.84
C ARG A 71 16.72 2.46 -2.93
N ARG A 72 16.88 3.06 -4.11
CA ARG A 72 16.45 4.43 -4.33
C ARG A 72 14.95 4.58 -4.08
N CYS A 73 14.17 3.69 -4.69
CA CYS A 73 12.72 3.71 -4.54
C CYS A 73 12.27 2.71 -3.48
N GLY A 74 12.90 1.53 -3.48
CA GLY A 74 12.54 0.51 -2.52
C GLY A 74 11.58 -0.51 -3.08
N GLY A 75 11.69 -0.79 -4.38
CA GLY A 75 10.81 -1.74 -5.02
C GLY A 75 9.45 -1.17 -5.33
N ARG A 76 9.44 0.08 -5.81
CA ARG A 76 8.19 0.75 -6.15
C ARG A 76 8.18 1.18 -7.62
N GLY A 77 9.32 1.69 -8.08
CA GLY A 77 9.43 2.13 -9.46
C GLY A 77 9.49 3.64 -9.57
N SER A 78 9.25 4.33 -8.46
CA SER A 78 9.28 5.79 -8.44
C SER A 78 9.65 6.30 -7.06
N ILE A 79 10.31 7.46 -7.02
CA ILE A 79 10.74 8.06 -5.77
C ILE A 79 9.70 9.06 -5.27
N ILE A 80 8.87 8.62 -4.32
CA ILE A 80 7.84 9.47 -3.76
C ILE A 80 8.40 10.39 -2.68
N ILE A 81 8.63 11.64 -3.03
CA ILE A 81 9.18 12.62 -2.09
C ILE A 81 8.42 12.57 -0.76
N SER A 82 7.12 12.34 -0.84
CA SER A 82 6.28 12.27 0.36
C SER A 82 5.42 11.02 0.36
N PRO A 83 5.89 9.97 1.04
CA PRO A 83 5.18 8.70 1.13
C PRO A 83 3.91 8.79 1.98
N CYS A 84 2.85 8.13 1.50
CA CYS A 84 1.58 8.16 2.20
C CYS A 84 1.78 8.15 3.72
N VAL A 85 0.92 8.86 4.43
CA VAL A 85 1.01 8.93 5.89
C VAL A 85 0.03 7.97 6.55
N VAL A 86 -0.66 7.18 5.73
CA VAL A 86 -1.63 6.22 6.23
C VAL A 86 -1.11 4.79 6.10
N CYS A 87 -0.58 4.46 4.94
CA CYS A 87 -0.05 3.13 4.69
C CYS A 87 1.47 3.18 4.49
N ARG A 88 2.06 4.34 4.79
CA ARG A 88 3.50 4.52 4.65
C ARG A 88 4.01 3.86 3.37
N GLY A 89 3.28 4.07 2.28
CA GLY A 89 3.68 3.49 1.01
C GLY A 89 3.58 1.97 1.00
N ALA A 90 2.57 1.44 1.68
CA ALA A 90 2.37 0.00 1.74
C ALA A 90 1.39 -0.47 0.68
N GLY A 91 0.43 0.39 0.34
CA GLY A 91 -0.55 0.05 -0.66
C GLY A 91 -1.87 -0.39 -0.06
N GLN A 92 -1.83 -0.77 1.22
CA GLN A 92 -3.04 -1.22 1.92
C GLN A 92 -3.21 -0.45 3.23
N ALA A 93 -4.41 -0.53 3.79
CA ALA A 93 -4.72 0.15 5.05
C ALA A 93 -5.82 -0.56 5.81
N LYS A 94 -5.96 -0.23 7.08
CA LYS A 94 -6.98 -0.85 7.93
C LYS A 94 -8.34 -0.19 7.71
N GLN A 95 -8.99 -0.55 6.61
CA GLN A 95 -10.30 0.01 6.27
C GLN A 95 -11.21 0.04 7.50
N LYS A 96 -12.09 1.03 7.55
CA LYS A 96 -13.02 1.17 8.66
C LYS A 96 -13.41 -0.20 9.22
N LYS A 97 -13.16 -0.40 10.51
CA LYS A 97 -13.50 -1.66 11.16
C LYS A 97 -14.83 -1.55 11.91
N ARG A 98 -15.53 -2.67 12.02
CA ARG A 98 -16.81 -2.71 12.71
C ARG A 98 -16.65 -3.20 14.14
N SER A 99 -15.83 -4.22 14.33
CA SER A 99 -15.58 -4.78 15.65
C SER A 99 -14.20 -5.39 15.74
N GLY A 100 -13.66 -5.47 16.96
CA GLY A 100 -12.34 -6.04 17.16
C GLY A 100 -11.35 -5.03 17.72
N PRO A 101 -10.80 -5.34 18.90
CA PRO A 101 -9.83 -4.46 19.56
C PRO A 101 -8.49 -4.41 18.83
N SER A 102 -7.85 -3.25 18.84
CA SER A 102 -6.57 -3.07 18.18
C SER A 102 -5.80 -1.88 18.77
N SER A 103 -4.53 -2.09 19.06
CA SER A 103 -3.68 -1.04 19.63
C SER A 103 -2.79 -0.42 18.56
N GLY A 104 -2.11 -1.26 17.80
CA GLY A 104 -1.23 -0.79 16.75
C GLY A 104 0.24 -0.90 17.14
N GLY A 1 -76.03 13.36 22.70
CA GLY A 1 -75.05 14.36 22.29
C GLY A 1 -73.69 14.12 22.92
N SER A 2 -72.63 14.52 22.21
CA SER A 2 -71.28 14.35 22.71
C SER A 2 -70.39 15.52 22.28
N SER A 3 -69.15 15.52 22.75
CA SER A 3 -68.20 16.58 22.42
C SER A 3 -66.90 15.99 21.89
N GLY A 4 -66.03 16.87 21.38
CA GLY A 4 -64.75 16.42 20.85
C GLY A 4 -63.60 17.28 21.32
N SER A 5 -62.39 16.80 21.11
CA SER A 5 -61.19 17.54 21.51
C SER A 5 -59.93 16.92 20.91
N SER A 6 -58.99 17.76 20.50
CA SER A 6 -57.75 17.29 19.91
C SER A 6 -56.76 18.44 19.74
N GLY A 7 -55.47 18.14 19.86
CA GLY A 7 -54.46 19.16 19.72
C GLY A 7 -53.06 18.57 19.62
N MET A 8 -52.42 18.77 18.47
CA MET A 8 -51.07 18.26 18.25
C MET A 8 -50.37 19.00 17.12
N GLU A 9 -49.31 19.72 17.46
CA GLU A 9 -48.57 20.49 16.46
C GLU A 9 -47.07 20.24 16.61
N LEU A 10 -46.60 20.21 17.85
CA LEU A 10 -45.18 19.98 18.13
C LEU A 10 -44.58 18.99 17.12
N THR A 11 -43.74 19.50 16.24
CA THR A 11 -43.09 18.67 15.23
C THR A 11 -41.59 18.90 15.18
N PHE A 12 -40.84 17.83 14.98
CA PHE A 12 -39.38 17.93 14.91
C PHE A 12 -38.78 16.66 14.33
N ASN A 13 -37.51 16.73 13.96
CA ASN A 13 -36.81 15.58 13.40
C ASN A 13 -35.29 15.77 13.45
N GLN A 14 -34.57 14.69 13.66
CA GLN A 14 -33.12 14.73 13.74
C GLN A 14 -32.52 13.33 13.69
N ALA A 15 -31.19 13.26 13.68
CA ALA A 15 -30.50 11.97 13.64
C ALA A 15 -29.49 11.86 14.77
N ALA A 16 -28.78 10.74 14.81
CA ALA A 16 -27.78 10.51 15.85
C ALA A 16 -26.51 9.89 15.26
N LYS A 17 -25.49 9.73 16.10
CA LYS A 17 -24.23 9.15 15.66
C LYS A 17 -23.79 8.04 16.60
N GLY A 18 -22.64 7.43 16.30
CA GLY A 18 -22.12 6.36 17.12
C GLY A 18 -21.14 6.84 18.18
N VAL A 19 -20.32 5.93 18.68
CA VAL A 19 -19.33 6.28 19.70
C VAL A 19 -18.02 5.53 19.47
N ASN A 20 -17.01 5.86 20.26
CA ASN A 20 -15.71 5.23 20.13
C ASN A 20 -15.42 4.32 21.33
N LYS A 21 -15.25 3.03 21.08
CA LYS A 21 -14.97 2.08 22.14
C LYS A 21 -14.08 0.95 21.63
N GLU A 22 -13.29 0.36 22.54
CA GLU A 22 -12.39 -0.72 22.17
C GLU A 22 -13.02 -1.62 21.11
N PHE A 23 -12.24 -1.95 20.08
CA PHE A 23 -12.72 -2.80 19.00
C PHE A 23 -11.60 -3.70 18.48
N THR A 24 -11.93 -4.95 18.22
CA THR A 24 -10.96 -5.91 17.71
C THR A 24 -10.27 -5.39 16.46
N VAL A 25 -8.99 -5.72 16.31
CA VAL A 25 -8.21 -5.28 15.15
C VAL A 25 -9.08 -5.19 13.91
N ASN A 26 -9.05 -4.05 13.24
CA ASN A 26 -9.83 -3.84 12.03
C ASN A 26 -9.22 -4.58 10.85
N ILE A 27 -9.99 -4.71 9.77
CA ILE A 27 -9.51 -5.39 8.58
C ILE A 27 -8.20 -4.80 8.09
N MET A 28 -7.34 -5.65 7.55
CA MET A 28 -6.04 -5.21 7.03
C MET A 28 -5.87 -5.60 5.57
N ASP A 29 -6.02 -4.63 4.69
CA ASP A 29 -5.87 -4.87 3.25
C ASP A 29 -5.13 -3.73 2.58
N THR A 30 -5.04 -3.79 1.25
CA THR A 30 -4.34 -2.77 0.48
C THR A 30 -4.86 -1.37 0.82
N CYS A 31 -3.95 -0.45 1.10
CA CYS A 31 -4.33 0.92 1.43
C CYS A 31 -5.40 1.43 0.48
N GLU A 32 -6.09 2.49 0.89
CA GLU A 32 -7.15 3.08 0.07
C GLU A 32 -6.76 4.49 -0.38
N ARG A 33 -6.06 5.21 0.49
CA ARG A 33 -5.64 6.58 0.18
C ARG A 33 -4.63 6.58 -0.97
N CYS A 34 -3.66 5.66 -0.90
CA CYS A 34 -2.63 5.55 -1.92
C CYS A 34 -2.92 4.40 -2.88
N ASN A 35 -3.89 3.56 -2.50
CA ASN A 35 -4.27 2.42 -3.32
C ASN A 35 -3.10 1.45 -3.47
N GLY A 36 -2.34 1.29 -2.38
CA GLY A 36 -1.20 0.40 -2.41
C GLY A 36 -0.02 0.96 -3.18
N LYS A 37 0.11 2.28 -3.16
CA LYS A 37 1.20 2.95 -3.86
C LYS A 37 2.30 3.36 -2.89
N GLY A 38 1.91 4.06 -1.82
CA GLY A 38 2.88 4.50 -0.83
C GLY A 38 3.17 5.98 -0.92
N ASN A 39 2.30 6.71 -1.60
CA ASN A 39 2.46 8.15 -1.76
C ASN A 39 1.12 8.86 -1.75
N GLU A 40 1.12 10.13 -1.35
CA GLU A 40 -0.11 10.92 -1.30
C GLU A 40 -0.69 11.10 -2.70
N PRO A 41 -2.02 10.98 -2.79
CA PRO A 41 -2.74 11.14 -4.07
C PRO A 41 -2.73 12.58 -4.57
N GLY A 42 -2.02 13.44 -3.84
CA GLY A 42 -1.94 14.85 -4.23
C GLY A 42 -0.54 15.41 -4.11
N THR A 43 0.45 14.55 -4.33
CA THR A 43 1.85 14.96 -4.24
C THR A 43 2.58 14.72 -5.56
N LYS A 44 3.81 15.21 -5.65
CA LYS A 44 4.61 15.05 -6.85
C LYS A 44 5.53 13.84 -6.73
N VAL A 45 6.15 13.45 -7.84
CA VAL A 45 7.05 12.31 -7.85
C VAL A 45 8.21 12.54 -8.82
N GLN A 46 9.39 12.01 -8.47
CA GLN A 46 10.57 12.15 -9.31
C GLN A 46 11.00 10.81 -9.90
N HIS A 47 11.30 10.80 -11.19
CA HIS A 47 11.72 9.59 -11.87
C HIS A 47 13.01 9.05 -11.26
N CYS A 48 12.99 7.77 -10.88
CA CYS A 48 14.16 7.14 -10.29
C CYS A 48 15.10 6.60 -11.37
N HIS A 49 16.39 6.59 -11.06
CA HIS A 49 17.40 6.11 -12.01
C HIS A 49 17.81 4.69 -11.69
N TYR A 50 18.04 4.41 -10.41
CA TYR A 50 18.45 3.08 -9.96
C TYR A 50 17.78 2.00 -10.81
N CYS A 51 16.45 1.97 -10.76
CA CYS A 51 15.69 0.98 -11.53
C CYS A 51 15.26 1.56 -12.88
N GLY A 52 14.89 2.83 -12.88
CA GLY A 52 14.46 3.48 -14.11
C GLY A 52 12.97 3.33 -14.36
N GLY A 53 12.23 3.04 -13.29
CA GLY A 53 10.79 2.88 -13.41
C GLY A 53 10.38 1.43 -13.58
N SER A 54 11.11 0.53 -12.92
CA SER A 54 10.81 -0.89 -13.01
C SER A 54 10.66 -1.49 -11.61
N GLY A 55 11.38 -0.92 -10.64
CA GLY A 55 11.31 -1.41 -9.28
C GLY A 55 12.31 -2.51 -9.01
N MET A 56 13.41 -2.50 -9.75
CA MET A 56 14.45 -3.50 -9.59
C MET A 56 15.84 -2.87 -9.69
N GLU A 57 16.72 -3.25 -8.77
CA GLU A 57 18.08 -2.72 -8.76
C GLU A 57 19.09 -3.80 -9.10
N THR A 58 20.21 -3.40 -9.70
CA THR A 58 21.26 -4.34 -10.07
C THR A 58 22.54 -4.06 -9.31
N ILE A 59 23.07 -5.08 -8.64
CA ILE A 59 24.30 -4.94 -7.87
C ILE A 59 25.48 -5.56 -8.61
N ASN A 60 26.44 -4.72 -8.99
CA ASN A 60 27.62 -5.19 -9.70
C ASN A 60 28.72 -5.61 -8.72
N THR A 61 28.84 -6.91 -8.50
CA THR A 61 29.83 -7.44 -7.58
C THR A 61 30.68 -8.53 -8.26
N GLY A 62 31.97 -8.26 -8.43
CA GLY A 62 32.85 -9.22 -9.06
C GLY A 62 32.38 -9.62 -10.43
N PRO A 63 32.80 -10.81 -10.88
CA PRO A 63 32.43 -11.34 -12.20
C PRO A 63 30.96 -11.73 -12.27
N PHE A 64 30.23 -11.49 -11.18
CA PHE A 64 28.81 -11.82 -11.12
C PHE A 64 27.99 -10.60 -10.73
N VAL A 65 26.67 -10.75 -10.75
CA VAL A 65 25.77 -9.66 -10.39
C VAL A 65 24.57 -10.18 -9.60
N MET A 66 24.14 -9.39 -8.62
CA MET A 66 23.00 -9.76 -7.79
C MET A 66 21.74 -8.99 -8.21
N ARG A 67 20.61 -9.37 -7.64
CA ARG A 67 19.33 -8.72 -7.95
C ARG A 67 18.51 -8.50 -6.69
N SER A 68 18.32 -7.24 -6.33
CA SER A 68 17.54 -6.89 -5.15
C SER A 68 16.65 -5.68 -5.41
N THR A 69 15.58 -5.56 -4.63
CA THR A 69 14.65 -4.45 -4.79
C THR A 69 15.35 -3.11 -4.62
N CYS A 70 15.03 -2.17 -5.51
CA CYS A 70 15.64 -0.85 -5.45
C CYS A 70 15.65 -0.30 -4.03
N ARG A 71 16.46 0.73 -3.80
CA ARG A 71 16.56 1.34 -2.48
C ARG A 71 16.14 2.80 -2.52
N ARG A 72 16.47 3.47 -3.62
CA ARG A 72 16.12 4.88 -3.78
C ARG A 72 14.61 5.07 -3.82
N CYS A 73 13.95 4.29 -4.65
CA CYS A 73 12.50 4.36 -4.79
C CYS A 73 11.81 3.37 -3.85
N GLY A 74 12.35 2.16 -3.77
CA GLY A 74 11.78 1.14 -2.92
C GLY A 74 10.91 0.16 -3.67
N GLY A 75 11.26 -0.08 -4.93
CA GLY A 75 10.50 -1.01 -5.75
C GLY A 75 9.24 -0.37 -6.32
N ARG A 76 9.32 0.92 -6.64
CA ARG A 76 8.18 1.64 -7.19
C ARG A 76 8.50 2.19 -8.58
N GLY A 77 9.75 2.63 -8.76
CA GLY A 77 10.15 3.17 -10.04
C GLY A 77 10.50 4.64 -9.96
N SER A 78 10.06 5.29 -8.88
CA SER A 78 10.32 6.71 -8.70
C SER A 78 10.50 7.04 -7.22
N ILE A 79 11.01 8.24 -6.94
CA ILE A 79 11.24 8.67 -5.58
C ILE A 79 10.04 9.47 -5.04
N ILE A 80 9.39 8.92 -4.02
CA ILE A 80 8.23 9.56 -3.42
C ILE A 80 8.66 10.69 -2.48
N ILE A 81 8.39 11.92 -2.88
CA ILE A 81 8.73 13.08 -2.07
C ILE A 81 7.89 13.16 -0.81
N SER A 82 6.65 12.67 -0.90
CA SER A 82 5.74 12.68 0.23
C SER A 82 5.09 11.31 0.42
N PRO A 83 5.55 10.58 1.45
CA PRO A 83 5.03 9.24 1.76
C PRO A 83 3.60 9.29 2.30
N CYS A 84 2.78 8.33 1.88
CA CYS A 84 1.40 8.26 2.32
C CYS A 84 1.27 8.69 3.78
N VAL A 85 0.09 9.21 4.14
CA VAL A 85 -0.16 9.67 5.50
C VAL A 85 -1.05 8.68 6.25
N VAL A 86 -1.39 7.57 5.59
CA VAL A 86 -2.24 6.55 6.20
C VAL A 86 -1.44 5.29 6.49
N CYS A 87 -0.74 4.80 5.48
CA CYS A 87 0.07 3.59 5.63
C CYS A 87 1.54 3.93 5.79
N ARG A 88 1.90 5.17 5.48
CA ARG A 88 3.28 5.63 5.59
C ARG A 88 4.18 4.87 4.62
N GLY A 89 3.74 4.76 3.37
CA GLY A 89 4.51 4.06 2.36
C GLY A 89 4.65 2.57 2.67
N ALA A 90 3.58 1.98 3.21
CA ALA A 90 3.58 0.56 3.53
C ALA A 90 2.88 -0.26 2.45
N GLY A 91 1.79 0.30 1.92
CA GLY A 91 1.04 -0.39 0.88
C GLY A 91 -0.27 -0.97 1.40
N GLN A 92 -0.37 -1.12 2.71
CA GLN A 92 -1.57 -1.65 3.32
C GLN A 92 -2.19 -0.64 4.28
N ALA A 93 -3.43 -0.91 4.68
CA ALA A 93 -4.14 -0.03 5.61
C ALA A 93 -5.46 -0.64 6.06
N LYS A 94 -6.11 0.00 7.02
CA LYS A 94 -7.39 -0.47 7.53
C LYS A 94 -8.50 -0.27 6.50
N GLN A 95 -8.94 -1.36 5.89
CA GLN A 95 -10.00 -1.29 4.88
C GLN A 95 -11.36 -1.55 5.51
N LYS A 96 -12.38 -0.86 5.01
CA LYS A 96 -13.73 -1.01 5.53
C LYS A 96 -13.98 -2.44 6.00
N LYS A 97 -14.83 -2.58 7.02
CA LYS A 97 -15.15 -3.89 7.57
C LYS A 97 -16.23 -4.58 6.75
N ARG A 98 -15.92 -5.76 6.23
CA ARG A 98 -16.87 -6.52 5.43
C ARG A 98 -16.71 -8.01 5.67
N SER A 99 -17.77 -8.76 5.38
CA SER A 99 -17.76 -10.21 5.58
C SER A 99 -16.78 -10.87 4.62
N GLY A 100 -15.86 -11.66 5.18
CA GLY A 100 -14.88 -12.34 4.35
C GLY A 100 -13.61 -12.67 5.12
N PRO A 101 -13.26 -13.97 5.17
CA PRO A 101 -12.06 -14.43 5.88
C PRO A 101 -10.78 -14.01 5.17
N SER A 102 -9.65 -14.51 5.67
CA SER A 102 -8.36 -14.19 5.09
C SER A 102 -7.58 -15.45 4.72
N SER A 103 -6.48 -15.29 4.01
CA SER A 103 -5.66 -16.42 3.59
C SER A 103 -4.34 -15.93 2.98
N GLY A 104 -3.30 -16.76 3.10
CA GLY A 104 -2.00 -16.40 2.57
C GLY A 104 -0.88 -17.21 3.18
N GLY A 1 44.98 -17.18 20.13
CA GLY A 1 43.71 -17.88 20.16
C GLY A 1 42.57 -17.05 19.59
N SER A 2 41.34 -17.49 19.86
CA SER A 2 40.17 -16.78 19.36
C SER A 2 38.98 -16.99 20.30
N SER A 3 37.87 -16.31 19.99
CA SER A 3 36.66 -16.42 20.81
C SER A 3 35.41 -16.17 19.96
N GLY A 4 34.24 -16.30 20.59
CA GLY A 4 33.00 -16.08 19.88
C GLY A 4 31.79 -16.47 20.71
N SER A 5 30.62 -15.98 20.31
CA SER A 5 29.39 -16.29 21.03
C SER A 5 28.18 -15.73 20.27
N SER A 6 27.03 -16.36 20.45
CA SER A 6 25.80 -15.94 19.79
C SER A 6 24.60 -16.73 20.31
N GLY A 7 23.41 -16.21 20.08
CA GLY A 7 22.20 -16.89 20.51
C GLY A 7 21.08 -15.92 20.85
N MET A 8 19.88 -16.22 20.39
CA MET A 8 18.72 -15.37 20.65
C MET A 8 17.44 -16.02 20.13
N GLU A 9 16.38 -15.93 20.92
CA GLU A 9 15.09 -16.50 20.54
C GLU A 9 13.94 -15.77 21.22
N LEU A 10 12.76 -15.84 20.61
CA LEU A 10 11.58 -15.19 21.16
C LEU A 10 10.32 -15.61 20.41
N THR A 11 9.28 -15.94 21.17
CA THR A 11 8.01 -16.37 20.58
C THR A 11 6.89 -16.35 21.61
N PHE A 12 5.72 -15.89 21.19
CA PHE A 12 4.56 -15.82 22.06
C PHE A 12 3.26 -15.82 21.27
N ASN A 13 2.23 -16.43 21.84
CA ASN A 13 0.93 -16.51 21.19
C ASN A 13 -0.14 -17.03 22.14
N GLN A 14 -1.25 -16.31 22.25
CA GLN A 14 -2.34 -16.70 23.13
C GLN A 14 -3.56 -17.16 22.32
N ALA A 15 -3.62 -18.45 22.04
CA ALA A 15 -4.73 -19.01 21.29
C ALA A 15 -5.22 -20.32 21.90
N ALA A 16 -6.54 -20.52 21.90
CA ALA A 16 -7.13 -21.72 22.46
C ALA A 16 -7.81 -22.55 21.36
N LYS A 17 -8.64 -21.90 20.57
CA LYS A 17 -9.35 -22.58 19.48
C LYS A 17 -8.65 -22.34 18.14
N GLY A 18 -8.30 -21.09 17.88
CA GLY A 18 -7.63 -20.76 16.63
C GLY A 18 -8.28 -21.41 15.43
N VAL A 19 -9.51 -20.96 15.11
CA VAL A 19 -10.23 -21.51 13.98
C VAL A 19 -10.26 -20.53 12.81
N ASN A 20 -10.80 -19.33 13.06
CA ASN A 20 -10.89 -18.30 12.03
C ASN A 20 -10.45 -16.95 12.58
N LYS A 21 -9.31 -16.93 13.26
CA LYS A 21 -8.79 -15.70 13.84
C LYS A 21 -9.92 -14.78 14.28
N GLU A 22 -10.96 -15.37 14.89
CA GLU A 22 -12.11 -14.60 15.36
C GLU A 22 -11.71 -13.70 16.52
N PHE A 23 -10.89 -14.23 17.41
CA PHE A 23 -10.44 -13.48 18.58
C PHE A 23 -9.79 -12.16 18.17
N THR A 24 -8.87 -12.24 17.22
CA THR A 24 -8.17 -11.06 16.72
C THR A 24 -8.59 -10.73 15.29
N VAL A 25 -9.09 -9.51 15.09
CA VAL A 25 -9.52 -9.07 13.76
C VAL A 25 -8.32 -8.84 12.85
N ASN A 26 -8.46 -9.25 11.59
CA ASN A 26 -7.38 -9.08 10.61
C ASN A 26 -7.90 -8.39 9.36
N ILE A 27 -8.62 -7.29 9.56
CA ILE A 27 -9.16 -6.52 8.44
C ILE A 27 -8.09 -5.67 7.78
N MET A 28 -7.55 -6.16 6.68
CA MET A 28 -6.51 -5.44 5.95
C MET A 28 -6.85 -5.33 4.47
N ASP A 29 -7.11 -4.11 4.02
CA ASP A 29 -7.45 -3.87 2.61
C ASP A 29 -6.50 -2.87 1.99
N THR A 30 -6.74 -2.54 0.72
CA THR A 30 -5.91 -1.59 0.00
C THR A 30 -6.20 -0.15 0.44
N CYS A 31 -5.14 0.63 0.60
CA CYS A 31 -5.29 2.02 1.02
C CYS A 31 -6.31 2.75 0.15
N GLU A 32 -6.97 3.74 0.73
CA GLU A 32 -7.97 4.52 0.01
C GLU A 32 -7.43 5.90 -0.35
N ARG A 33 -6.57 6.44 0.51
CA ARG A 33 -5.99 7.76 0.28
C ARG A 33 -5.08 7.74 -0.95
N CYS A 34 -4.25 6.71 -1.06
CA CYS A 34 -3.33 6.58 -2.18
C CYS A 34 -3.85 5.56 -3.19
N ASN A 35 -4.89 4.83 -2.81
CA ASN A 35 -5.48 3.81 -3.67
C ASN A 35 -4.47 2.72 -3.99
N GLY A 36 -3.72 2.30 -2.97
CA GLY A 36 -2.73 1.25 -3.16
C GLY A 36 -1.54 1.72 -3.99
N LYS A 37 -1.20 3.00 -3.86
CA LYS A 37 -0.09 3.56 -4.60
C LYS A 37 1.14 3.73 -3.70
N GLY A 38 0.96 4.43 -2.59
CA GLY A 38 2.06 4.65 -1.66
C GLY A 38 2.52 6.10 -1.64
N ASN A 39 1.71 6.99 -2.20
CA ASN A 39 2.04 8.40 -2.24
C ASN A 39 0.81 9.26 -1.95
N GLU A 40 1.05 10.48 -1.48
CA GLU A 40 -0.04 11.40 -1.16
C GLU A 40 -0.84 11.76 -2.41
N PRO A 41 -2.17 11.82 -2.26
CA PRO A 41 -3.08 12.14 -3.37
C PRO A 41 -2.96 13.60 -3.80
N GLY A 42 -1.89 14.25 -3.38
CA GLY A 42 -1.67 15.65 -3.73
C GLY A 42 -0.22 16.06 -3.61
N THR A 43 0.67 15.18 -4.04
CA THR A 43 2.10 15.46 -3.98
C THR A 43 2.79 15.15 -5.31
N LYS A 44 4.10 15.32 -5.35
CA LYS A 44 4.87 15.06 -6.57
C LYS A 44 5.82 13.89 -6.36
N VAL A 45 6.18 13.22 -7.46
CA VAL A 45 7.08 12.08 -7.39
C VAL A 45 7.96 12.00 -8.64
N GLN A 46 9.22 11.64 -8.45
CA GLN A 46 10.15 11.52 -9.56
C GLN A 46 10.45 10.06 -9.89
N HIS A 47 10.87 9.80 -11.12
CA HIS A 47 11.19 8.44 -11.55
C HIS A 47 12.53 7.99 -10.99
N CYS A 48 12.63 6.71 -10.67
CA CYS A 48 13.87 6.15 -10.12
C CYS A 48 14.72 5.53 -11.23
N HIS A 49 16.03 5.53 -11.03
CA HIS A 49 16.96 4.97 -12.00
C HIS A 49 17.55 3.65 -11.50
N TYR A 50 17.84 3.59 -10.21
CA TYR A 50 18.41 2.40 -9.61
C TYR A 50 17.81 1.14 -10.23
N CYS A 51 16.49 1.00 -10.12
CA CYS A 51 15.80 -0.17 -10.68
C CYS A 51 15.22 0.16 -12.06
N GLY A 52 14.69 1.36 -12.20
CA GLY A 52 14.11 1.78 -13.47
C GLY A 52 12.62 1.49 -13.55
N GLY A 53 12.00 1.26 -12.39
CA GLY A 53 10.58 0.97 -12.35
C GLY A 53 10.29 -0.46 -11.97
N SER A 54 11.31 -1.31 -12.05
CA SER A 54 11.16 -2.72 -11.71
C SER A 54 11.15 -2.93 -10.20
N GLY A 55 11.62 -1.92 -9.48
CA GLY A 55 11.67 -2.01 -8.03
C GLY A 55 12.84 -2.82 -7.52
N MET A 56 13.65 -3.33 -8.45
CA MET A 56 14.81 -4.13 -8.11
C MET A 56 16.10 -3.44 -8.53
N GLU A 57 17.15 -3.59 -7.72
CA GLU A 57 18.43 -2.98 -8.02
C GLU A 57 19.44 -4.02 -8.49
N THR A 58 20.50 -3.56 -9.16
CA THR A 58 21.53 -4.44 -9.67
C THR A 58 22.88 -4.12 -9.08
N ILE A 59 23.57 -5.13 -8.58
CA ILE A 59 24.89 -4.95 -7.99
C ILE A 59 25.98 -5.59 -8.85
N ASN A 60 26.61 -4.78 -9.67
CA ASN A 60 27.68 -5.26 -10.56
C ASN A 60 28.97 -5.46 -9.77
N THR A 61 29.25 -6.71 -9.42
CA THR A 61 30.46 -7.05 -8.68
C THR A 61 31.28 -8.11 -9.39
N GLY A 62 32.49 -7.75 -9.80
CA GLY A 62 33.35 -8.68 -10.50
C GLY A 62 32.74 -9.18 -11.79
N PRO A 63 33.16 -10.38 -12.23
CA PRO A 63 32.65 -11.00 -13.46
C PRO A 63 31.20 -11.43 -13.35
N PHE A 64 30.59 -11.14 -12.20
CA PHE A 64 29.19 -11.51 -11.96
C PHE A 64 28.41 -10.32 -11.41
N VAL A 65 27.12 -10.51 -11.20
CA VAL A 65 26.26 -9.47 -10.67
C VAL A 65 25.19 -10.05 -9.74
N MET A 66 24.92 -9.34 -8.65
CA MET A 66 23.91 -9.79 -7.68
C MET A 66 22.60 -9.04 -7.89
N ARG A 67 21.58 -9.45 -7.14
CA ARG A 67 20.26 -8.82 -7.24
C ARG A 67 19.69 -8.54 -5.85
N SER A 68 19.29 -7.29 -5.64
CA SER A 68 18.72 -6.88 -4.35
C SER A 68 17.79 -5.69 -4.52
N THR A 69 16.75 -5.63 -3.69
CA THR A 69 15.79 -4.54 -3.74
C THR A 69 16.48 -3.21 -3.96
N CYS A 70 15.74 -2.23 -4.48
CA CYS A 70 16.29 -0.91 -4.74
C CYS A 70 16.66 -0.20 -3.44
N ARG A 71 17.42 0.88 -3.55
CA ARG A 71 17.85 1.64 -2.38
C ARG A 71 17.29 3.06 -2.43
N ARG A 72 17.19 3.62 -3.63
CA ARG A 72 16.67 4.96 -3.80
C ARG A 72 15.17 5.02 -3.51
N CYS A 73 14.41 4.21 -4.24
CA CYS A 73 12.96 4.17 -4.06
C CYS A 73 12.58 3.16 -2.99
N GLY A 74 13.16 1.97 -3.06
CA GLY A 74 12.87 0.93 -2.09
C GLY A 74 11.92 -0.12 -2.62
N GLY A 75 11.91 -0.30 -3.94
CA GLY A 75 11.03 -1.28 -4.55
C GLY A 75 9.70 -0.68 -4.96
N ARG A 76 9.75 0.49 -5.60
CA ARG A 76 8.53 1.17 -6.05
C ARG A 76 8.65 1.58 -7.51
N GLY A 77 9.85 2.03 -7.89
CA GLY A 77 10.06 2.45 -9.26
C GLY A 77 10.14 3.96 -9.39
N SER A 78 9.83 4.67 -8.31
CA SER A 78 9.86 6.12 -8.31
C SER A 78 10.10 6.66 -6.91
N ILE A 79 10.70 7.85 -6.82
CA ILE A 79 10.99 8.47 -5.55
C ILE A 79 9.86 9.42 -5.13
N ILE A 80 8.99 8.94 -4.24
CA ILE A 80 7.88 9.75 -3.76
C ILE A 80 8.33 10.76 -2.72
N ILE A 81 8.56 11.99 -3.17
CA ILE A 81 8.99 13.06 -2.27
C ILE A 81 8.15 13.10 -1.00
N SER A 82 6.89 12.72 -1.13
CA SER A 82 5.97 12.71 0.01
C SER A 82 5.21 11.39 0.09
N PRO A 83 5.70 10.47 0.93
CA PRO A 83 5.08 9.15 1.11
C PRO A 83 3.74 9.24 1.83
N CYS A 84 2.76 8.48 1.34
CA CYS A 84 1.43 8.47 1.94
C CYS A 84 1.51 8.60 3.45
N VAL A 85 0.46 9.15 4.05
CA VAL A 85 0.42 9.32 5.50
C VAL A 85 -0.54 8.33 6.15
N VAL A 86 -1.23 7.56 5.32
CA VAL A 86 -2.18 6.56 5.80
C VAL A 86 -1.54 5.18 5.86
N CYS A 87 -0.92 4.77 4.76
CA CYS A 87 -0.27 3.47 4.68
C CYS A 87 1.24 3.61 4.76
N ARG A 88 1.73 4.83 4.59
CA ARG A 88 3.16 5.10 4.64
C ARG A 88 3.89 4.34 3.53
N GLY A 89 3.35 4.39 2.32
CA GLY A 89 3.97 3.71 1.20
C GLY A 89 3.93 2.20 1.35
N ALA A 90 2.82 1.69 1.86
CA ALA A 90 2.66 0.25 2.06
C ALA A 90 1.69 -0.34 1.04
N GLY A 91 0.64 0.41 0.72
CA GLY A 91 -0.34 -0.06 -0.25
C GLY A 91 -1.52 -0.75 0.42
N GLN A 92 -1.54 -0.75 1.74
CA GLN A 92 -2.61 -1.38 2.49
C GLN A 92 -2.93 -0.58 3.76
N ALA A 93 -4.21 -0.55 4.12
CA ALA A 93 -4.64 0.17 5.31
C ALA A 93 -5.84 -0.51 5.96
N LYS A 94 -6.14 -0.12 7.20
CA LYS A 94 -7.26 -0.70 7.93
C LYS A 94 -8.58 -0.16 7.41
N GLN A 95 -9.25 -0.95 6.58
CA GLN A 95 -10.54 -0.54 6.02
C GLN A 95 -11.69 -1.31 6.66
N LYS A 96 -12.57 -0.59 7.35
CA LYS A 96 -13.70 -1.21 8.01
C LYS A 96 -14.86 -1.43 7.03
N LYS A 97 -14.52 -1.93 5.84
CA LYS A 97 -15.51 -2.20 4.81
C LYS A 97 -15.30 -3.58 4.19
N ARG A 98 -16.18 -4.51 4.54
CA ARG A 98 -16.09 -5.88 4.02
C ARG A 98 -15.82 -5.86 2.52
N SER A 99 -14.71 -6.48 2.12
CA SER A 99 -14.33 -6.55 0.72
C SER A 99 -14.52 -7.95 0.16
N GLY A 100 -13.89 -8.92 0.82
CA GLY A 100 -14.00 -10.30 0.38
C GLY A 100 -12.64 -10.97 0.21
N PRO A 101 -12.63 -12.13 -0.44
CA PRO A 101 -11.40 -12.90 -0.67
C PRO A 101 -10.47 -12.22 -1.67
N SER A 102 -9.20 -12.10 -1.30
CA SER A 102 -8.21 -11.45 -2.16
C SER A 102 -7.41 -12.50 -2.93
N SER A 103 -7.75 -12.66 -4.21
CA SER A 103 -7.05 -13.62 -5.06
C SER A 103 -5.97 -12.96 -5.88
N GLY A 104 -4.80 -12.76 -5.27
CA GLY A 104 -3.69 -12.12 -5.96
C GLY A 104 -2.65 -13.12 -6.43
N GLY A 1 30.71 31.42 -50.96
CA GLY A 1 29.33 31.06 -50.65
C GLY A 1 29.20 29.63 -50.19
N SER A 2 28.20 29.36 -49.37
CA SER A 2 27.96 28.02 -48.85
C SER A 2 26.52 27.84 -48.42
N SER A 3 26.10 26.60 -48.24
CA SER A 3 24.74 26.30 -47.82
C SER A 3 24.58 24.81 -47.50
N GLY A 4 23.40 24.44 -47.03
CA GLY A 4 23.14 23.04 -46.68
C GLY A 4 22.31 22.90 -45.42
N SER A 5 21.53 21.83 -45.34
CA SER A 5 20.68 21.59 -44.18
C SER A 5 20.01 20.22 -44.29
N SER A 6 19.28 19.85 -43.23
CA SER A 6 18.59 18.56 -43.20
C SER A 6 17.65 18.49 -42.00
N GLY A 7 16.93 17.37 -41.89
CA GLY A 7 16.01 17.20 -40.78
C GLY A 7 15.56 15.75 -40.62
N MET A 8 15.23 15.37 -39.40
CA MET A 8 14.79 14.01 -39.12
C MET A 8 14.34 13.87 -37.67
N GLU A 9 13.58 12.83 -37.39
CA GLU A 9 13.08 12.59 -36.03
C GLU A 9 12.36 11.24 -35.95
N LEU A 10 12.01 10.84 -34.74
CA LEU A 10 11.32 9.57 -34.52
C LEU A 10 10.47 9.63 -33.26
N THR A 11 9.78 8.53 -32.96
CA THR A 11 8.93 8.45 -31.78
C THR A 11 9.22 7.19 -30.97
N PHE A 12 8.58 7.08 -29.81
CA PHE A 12 8.77 5.92 -28.95
C PHE A 12 7.64 5.81 -27.92
N ASN A 13 7.64 4.72 -27.16
CA ASN A 13 6.61 4.49 -26.15
C ASN A 13 7.09 3.48 -25.12
N GLN A 14 6.30 3.31 -24.06
CA GLN A 14 6.64 2.37 -23.00
C GLN A 14 5.38 1.90 -22.27
N ALA A 15 5.38 0.63 -21.88
CA ALA A 15 4.24 0.05 -21.18
C ALA A 15 4.70 -0.78 -19.99
N ALA A 16 3.79 -1.05 -19.07
CA ALA A 16 4.09 -1.84 -17.88
C ALA A 16 2.83 -2.16 -17.10
N LYS A 17 2.80 -3.36 -16.50
CA LYS A 17 1.65 -3.80 -15.71
C LYS A 17 2.02 -3.96 -14.25
N GLY A 18 2.93 -4.90 -13.97
CA GLY A 18 3.35 -5.14 -12.61
C GLY A 18 3.01 -6.54 -12.14
N VAL A 19 3.04 -6.74 -10.82
CA VAL A 19 2.74 -8.05 -10.24
C VAL A 19 2.67 -7.96 -8.72
N ASN A 20 1.51 -8.31 -8.16
CA ASN A 20 1.32 -8.28 -6.72
C ASN A 20 0.76 -9.60 -6.22
N LYS A 21 0.64 -9.73 -4.91
CA LYS A 21 0.13 -10.95 -4.29
C LYS A 21 -0.75 -10.63 -3.08
N GLU A 22 -1.76 -11.46 -2.84
CA GLU A 22 -2.66 -11.26 -1.72
C GLU A 22 -2.79 -12.54 -0.89
N PHE A 23 -1.89 -12.71 0.07
CA PHE A 23 -1.89 -13.88 0.93
C PHE A 23 -1.69 -13.48 2.39
N THR A 24 -2.64 -12.70 2.92
CA THR A 24 -2.56 -12.25 4.30
C THR A 24 -3.81 -12.67 5.08
N VAL A 25 -3.66 -12.85 6.39
CA VAL A 25 -4.76 -13.24 7.25
C VAL A 25 -5.50 -12.03 7.80
N ASN A 26 -4.81 -11.25 8.64
CA ASN A 26 -5.41 -10.06 9.24
C ASN A 26 -6.01 -9.16 8.16
N ILE A 27 -7.05 -8.42 8.54
CA ILE A 27 -7.71 -7.52 7.61
C ILE A 27 -6.70 -6.71 6.80
N MET A 28 -6.78 -6.84 5.48
CA MET A 28 -5.86 -6.13 4.59
C MET A 28 -6.60 -5.66 3.34
N ASP A 29 -6.74 -4.35 3.19
CA ASP A 29 -7.42 -3.78 2.02
C ASP A 29 -6.56 -2.69 1.39
N THR A 30 -7.07 -2.10 0.30
CA THR A 30 -6.36 -1.04 -0.40
C THR A 30 -6.51 0.29 0.31
N CYS A 31 -5.41 1.02 0.44
CA CYS A 31 -5.41 2.32 1.11
C CYS A 31 -6.55 3.19 0.57
N GLU A 32 -6.95 4.19 1.35
CA GLU A 32 -8.02 5.10 0.96
C GLU A 32 -7.47 6.50 0.70
N ARG A 33 -6.41 6.86 1.41
CA ARG A 33 -5.79 8.17 1.26
C ARG A 33 -5.07 8.28 -0.07
N CYS A 34 -4.17 7.34 -0.33
CA CYS A 34 -3.41 7.33 -1.58
C CYS A 34 -4.12 6.52 -2.65
N ASN A 35 -5.15 5.79 -2.25
CA ASN A 35 -5.93 4.97 -3.18
C ASN A 35 -5.06 3.87 -3.79
N GLY A 36 -4.26 3.22 -2.94
CA GLY A 36 -3.39 2.16 -3.41
C GLY A 36 -2.27 2.68 -4.30
N LYS A 37 -1.83 3.91 -4.03
CA LYS A 37 -0.76 4.52 -4.81
C LYS A 37 0.57 4.42 -4.07
N GLY A 38 0.62 5.01 -2.87
CA GLY A 38 1.83 4.97 -2.07
C GLY A 38 2.39 6.35 -1.82
N ASN A 39 1.65 7.38 -2.22
CA ASN A 39 2.08 8.76 -2.03
C ASN A 39 0.91 9.65 -1.64
N GLU A 40 1.22 10.82 -1.09
CA GLU A 40 0.19 11.77 -0.67
C GLU A 40 -0.62 12.25 -1.87
N PRO A 41 -1.95 12.37 -1.68
CA PRO A 41 -2.86 12.83 -2.73
C PRO A 41 -2.66 14.30 -3.07
N GLY A 42 -1.62 14.90 -2.52
CA GLY A 42 -1.34 16.29 -2.79
C GLY A 42 0.14 16.57 -2.97
N THR A 43 0.86 15.58 -3.48
CA THR A 43 2.30 15.72 -3.72
C THR A 43 2.68 15.27 -5.12
N LYS A 44 3.89 15.60 -5.54
CA LYS A 44 4.38 15.22 -6.85
C LYS A 44 5.32 14.02 -6.77
N VAL A 45 5.85 13.60 -7.91
CA VAL A 45 6.77 12.47 -7.96
C VAL A 45 7.83 12.67 -9.03
N GLN A 46 9.03 12.18 -8.75
CA GLN A 46 10.15 12.32 -9.68
C GLN A 46 10.64 10.95 -10.14
N HIS A 47 10.48 10.67 -11.43
CA HIS A 47 10.91 9.39 -12.00
C HIS A 47 12.20 8.90 -11.34
N CYS A 48 12.32 7.60 -11.20
CA CYS A 48 13.51 7.00 -10.59
C CYS A 48 14.41 6.38 -11.65
N HIS A 49 15.72 6.38 -11.38
CA HIS A 49 16.68 5.81 -12.31
C HIS A 49 17.15 4.44 -11.84
N TYR A 50 17.44 4.32 -10.55
CA TYR A 50 17.89 3.06 -9.97
C TYR A 50 17.24 1.88 -10.68
N CYS A 51 15.91 1.87 -10.71
CA CYS A 51 15.16 0.80 -11.35
C CYS A 51 14.61 1.25 -12.71
N GLY A 52 14.13 2.48 -12.76
CA GLY A 52 13.57 3.01 -13.99
C GLY A 52 12.13 2.62 -14.20
N GLY A 53 11.45 2.28 -13.11
CA GLY A 53 10.06 1.88 -13.20
C GLY A 53 9.87 0.38 -13.08
N SER A 54 10.91 -0.31 -12.63
CA SER A 54 10.86 -1.76 -12.47
C SER A 54 10.99 -2.15 -11.00
N GLY A 55 11.33 -1.18 -10.16
CA GLY A 55 11.49 -1.44 -8.74
C GLY A 55 12.44 -2.59 -8.46
N MET A 56 13.49 -2.68 -9.26
CA MET A 56 14.49 -3.74 -9.10
C MET A 56 15.90 -3.19 -9.27
N GLU A 57 16.78 -3.54 -8.33
CA GLU A 57 18.16 -3.07 -8.38
C GLU A 57 19.12 -4.24 -8.61
N THR A 58 20.23 -3.96 -9.28
CA THR A 58 21.22 -4.99 -9.58
C THR A 58 22.58 -4.63 -8.96
N ILE A 59 23.12 -5.56 -8.18
CA ILE A 59 24.42 -5.35 -7.54
C ILE A 59 25.53 -6.08 -8.28
N ASN A 60 26.23 -5.36 -9.14
CA ASN A 60 27.32 -5.94 -9.92
C ASN A 60 28.62 -5.93 -9.12
N THR A 61 28.93 -7.06 -8.48
CA THR A 61 30.14 -7.18 -7.68
C THR A 61 31.03 -8.30 -8.20
N GLY A 62 32.25 -7.95 -8.59
CA GLY A 62 33.18 -8.93 -9.10
C GLY A 62 32.64 -9.67 -10.31
N PRO A 63 33.12 -10.90 -10.52
CA PRO A 63 32.70 -11.74 -11.65
C PRO A 63 31.26 -12.23 -11.50
N PHE A 64 30.61 -11.79 -10.43
CA PHE A 64 29.23 -12.18 -10.17
C PHE A 64 28.35 -10.95 -9.93
N VAL A 65 27.03 -11.18 -9.85
CA VAL A 65 26.09 -10.09 -9.63
C VAL A 65 24.91 -10.57 -8.79
N MET A 66 24.45 -9.71 -7.88
CA MET A 66 23.32 -10.03 -7.02
C MET A 66 22.05 -9.34 -7.50
N ARG A 67 20.93 -9.65 -6.85
CA ARG A 67 19.65 -9.05 -7.21
C ARG A 67 18.91 -8.56 -5.97
N SER A 68 18.71 -7.25 -5.89
CA SER A 68 18.03 -6.65 -4.75
C SER A 68 17.07 -5.55 -5.21
N THR A 69 16.01 -5.34 -4.44
CA THR A 69 15.02 -4.31 -4.76
C THR A 69 15.65 -2.92 -4.78
N CYS A 70 15.07 -2.03 -5.56
CA CYS A 70 15.57 -0.66 -5.67
C CYS A 70 15.83 -0.07 -4.28
N ARG A 71 16.68 0.95 -4.23
CA ARG A 71 17.02 1.60 -2.97
C ARG A 71 16.53 3.05 -2.96
N ARG A 72 16.63 3.71 -4.10
CA ARG A 72 16.21 5.09 -4.23
C ARG A 72 14.71 5.23 -3.95
N CYS A 73 13.91 4.54 -4.74
CA CYS A 73 12.46 4.58 -4.58
C CYS A 73 11.99 3.53 -3.58
N GLY A 74 12.50 2.31 -3.73
CA GLY A 74 12.12 1.23 -2.83
C GLY A 74 11.11 0.28 -3.46
N GLY A 75 11.18 0.14 -4.78
CA GLY A 75 10.26 -0.75 -5.47
C GLY A 75 8.94 -0.07 -5.80
N ARG A 76 9.01 1.17 -6.26
CA ARG A 76 7.82 1.94 -6.60
C ARG A 76 7.88 2.41 -8.06
N GLY A 77 9.09 2.68 -8.55
CA GLY A 77 9.25 3.13 -9.91
C GLY A 77 9.59 4.61 -10.00
N SER A 78 9.47 5.30 -8.87
CA SER A 78 9.76 6.73 -8.82
C SER A 78 10.07 7.18 -7.40
N ILE A 79 10.58 8.40 -7.26
CA ILE A 79 10.92 8.94 -5.95
C ILE A 79 9.78 9.78 -5.39
N ILE A 80 9.03 9.21 -4.46
CA ILE A 80 7.91 9.90 -3.84
C ILE A 80 8.40 10.90 -2.80
N ILE A 81 8.56 12.15 -3.21
CA ILE A 81 9.02 13.20 -2.30
C ILE A 81 8.26 13.15 -0.98
N SER A 82 6.99 12.78 -1.05
CA SER A 82 6.15 12.71 0.15
C SER A 82 5.35 11.40 0.16
N PRO A 83 5.87 10.41 0.89
CA PRO A 83 5.23 9.09 1.01
C PRO A 83 3.94 9.15 1.82
N CYS A 84 2.91 8.46 1.35
CA CYS A 84 1.62 8.43 2.03
C CYS A 84 1.81 8.40 3.54
N VAL A 85 0.81 8.90 4.26
CA VAL A 85 0.86 8.93 5.72
C VAL A 85 -0.10 7.92 6.33
N VAL A 86 -0.69 7.10 5.48
CA VAL A 86 -1.63 6.08 5.94
C VAL A 86 -1.04 4.68 5.80
N CYS A 87 -0.43 4.41 4.65
CA CYS A 87 0.18 3.12 4.38
C CYS A 87 1.70 3.23 4.29
N ARG A 88 2.18 4.47 4.19
CA ARG A 88 3.62 4.72 4.11
C ARG A 88 4.20 4.10 2.84
N GLY A 89 3.57 4.39 1.71
CA GLY A 89 4.04 3.86 0.44
C GLY A 89 3.96 2.35 0.38
N ALA A 90 2.88 1.79 0.91
CA ALA A 90 2.68 0.35 0.92
C ALA A 90 1.67 -0.07 -0.14
N GLY A 91 0.66 0.75 -0.36
CA GLY A 91 -0.36 0.45 -1.34
C GLY A 91 -1.60 -0.16 -0.71
N GLN A 92 -1.48 -0.60 0.53
CA GLN A 92 -2.60 -1.22 1.24
C GLN A 92 -2.55 -0.89 2.72
N ALA A 93 -3.71 -0.72 3.33
CA ALA A 93 -3.81 -0.40 4.74
C ALA A 93 -4.71 -1.41 5.48
N LYS A 94 -4.94 -1.15 6.76
CA LYS A 94 -5.78 -2.02 7.57
C LYS A 94 -7.17 -1.43 7.75
N GLN A 95 -8.14 -2.00 7.03
CA GLN A 95 -9.52 -1.52 7.12
C GLN A 95 -10.33 -2.37 8.09
N LYS A 96 -10.26 -2.03 9.38
CA LYS A 96 -10.99 -2.76 10.41
C LYS A 96 -11.92 -1.83 11.18
N LYS A 97 -12.89 -2.42 11.88
CA LYS A 97 -13.84 -1.64 12.67
C LYS A 97 -13.19 -1.11 13.94
N ARG A 98 -13.68 0.03 14.43
CA ARG A 98 -13.15 0.63 15.63
C ARG A 98 -13.68 -0.07 16.87
N SER A 99 -13.65 -1.40 16.86
CA SER A 99 -14.14 -2.19 17.99
C SER A 99 -12.98 -2.76 18.78
N GLY A 100 -12.58 -2.05 19.83
CA GLY A 100 -11.47 -2.50 20.66
C GLY A 100 -10.39 -1.45 20.82
N PRO A 101 -10.16 -1.03 22.08
CA PRO A 101 -9.16 0.00 22.39
C PRO A 101 -7.73 -0.52 22.20
N SER A 102 -6.76 0.30 22.58
CA SER A 102 -5.35 -0.07 22.44
C SER A 102 -4.58 0.30 23.70
N SER A 103 -3.38 -0.26 23.83
CA SER A 103 -2.53 0.00 24.99
C SER A 103 -2.46 1.50 25.27
N GLY A 104 -2.11 2.28 24.25
CA GLY A 104 -2.01 3.72 24.42
C GLY A 104 -0.95 4.12 25.42
N GLY A 1 -10.70 -32.72 -29.20
CA GLY A 1 -9.38 -32.86 -29.77
C GLY A 1 -8.74 -31.53 -30.11
N SER A 2 -9.50 -30.66 -30.76
CA SER A 2 -9.00 -29.35 -31.15
C SER A 2 -9.09 -28.37 -30.00
N SER A 3 -8.13 -27.44 -29.93
CA SER A 3 -8.09 -26.45 -28.87
C SER A 3 -6.99 -25.42 -29.13
N GLY A 4 -6.94 -24.39 -28.28
CA GLY A 4 -5.94 -23.36 -28.44
C GLY A 4 -6.14 -22.21 -27.46
N SER A 5 -5.04 -21.62 -27.01
CA SER A 5 -5.10 -20.51 -26.08
C SER A 5 -3.81 -19.69 -26.11
N SER A 6 -3.82 -18.56 -25.40
CA SER A 6 -2.65 -17.69 -25.36
C SER A 6 -2.69 -16.80 -24.13
N GLY A 7 -1.51 -16.43 -23.63
CA GLY A 7 -1.43 -15.57 -22.46
C GLY A 7 -0.05 -15.59 -21.83
N MET A 8 0.47 -14.41 -21.53
CA MET A 8 1.79 -14.28 -20.92
C MET A 8 1.75 -13.33 -19.72
N GLU A 9 2.00 -13.86 -18.54
CA GLU A 9 2.00 -13.05 -17.32
C GLU A 9 2.68 -13.79 -16.17
N LEU A 10 3.10 -13.04 -15.17
CA LEU A 10 3.77 -13.62 -14.00
C LEU A 10 3.05 -13.23 -12.71
N THR A 11 2.83 -14.21 -11.84
CA THR A 11 2.16 -13.98 -10.58
C THR A 11 3.16 -13.82 -9.44
N PHE A 12 4.12 -14.74 -9.37
CA PHE A 12 5.14 -14.71 -8.34
C PHE A 12 4.52 -14.88 -6.95
N ASN A 13 3.56 -15.79 -6.85
CA ASN A 13 2.88 -16.05 -5.58
C ASN A 13 2.91 -17.53 -5.25
N GLN A 14 3.46 -17.86 -4.09
CA GLN A 14 3.56 -19.25 -3.65
C GLN A 14 2.99 -19.41 -2.24
N ALA A 15 1.68 -19.59 -2.16
CA ALA A 15 1.01 -19.76 -0.88
C ALA A 15 0.96 -21.23 -0.47
N ALA A 16 2.12 -21.89 -0.54
CA ALA A 16 2.22 -23.30 -0.18
C ALA A 16 3.30 -23.51 0.87
N LYS A 17 3.35 -22.62 1.85
CA LYS A 17 4.34 -22.72 2.92
C LYS A 17 3.71 -23.26 4.20
N GLY A 18 2.53 -22.76 4.53
CA GLY A 18 1.84 -23.21 5.73
C GLY A 18 2.33 -22.52 6.98
N VAL A 19 1.90 -21.28 7.19
CA VAL A 19 2.31 -20.51 8.36
C VAL A 19 2.48 -21.42 9.57
N ASN A 20 3.67 -21.36 10.18
CA ASN A 20 3.96 -22.17 11.35
C ASN A 20 4.25 -21.29 12.56
N LYS A 21 3.44 -20.24 12.73
CA LYS A 21 3.61 -19.32 13.85
C LYS A 21 2.26 -18.77 14.30
N GLU A 22 1.91 -19.04 15.55
CA GLU A 22 0.64 -18.57 16.11
C GLU A 22 0.27 -17.21 15.52
N PHE A 23 1.18 -16.25 15.61
CA PHE A 23 0.95 -14.92 15.10
C PHE A 23 0.25 -14.96 13.75
N THR A 24 -1.04 -14.60 13.74
CA THR A 24 -1.82 -14.62 12.51
C THR A 24 -1.87 -13.22 11.88
N VAL A 25 -2.42 -13.15 10.68
CA VAL A 25 -2.54 -11.87 9.97
C VAL A 25 -3.93 -11.29 10.11
N ASN A 26 -4.00 -9.96 10.18
CA ASN A 26 -5.28 -9.27 10.33
C ASN A 26 -5.77 -8.76 8.97
N ILE A 27 -7.01 -8.26 8.95
CA ILE A 27 -7.60 -7.75 7.72
C ILE A 27 -6.94 -6.44 7.30
N MET A 28 -6.43 -6.42 6.08
CA MET A 28 -5.76 -5.23 5.54
C MET A 28 -6.10 -5.04 4.07
N ASP A 29 -6.96 -4.08 3.78
CA ASP A 29 -7.36 -3.79 2.41
C ASP A 29 -6.48 -2.70 1.80
N THR A 30 -6.72 -2.40 0.52
CA THR A 30 -5.95 -1.38 -0.17
C THR A 30 -6.20 0.00 0.43
N CYS A 31 -5.13 0.72 0.71
CA CYS A 31 -5.24 2.06 1.28
C CYS A 31 -6.35 2.85 0.61
N GLU A 32 -6.79 3.92 1.26
CA GLU A 32 -7.86 4.77 0.74
C GLU A 32 -7.32 6.14 0.35
N ARG A 33 -6.40 6.66 1.15
CA ARG A 33 -5.82 7.98 0.91
C ARG A 33 -5.01 7.97 -0.39
N CYS A 34 -4.06 7.05 -0.49
CA CYS A 34 -3.23 6.93 -1.68
C CYS A 34 -3.86 5.99 -2.70
N ASN A 35 -4.86 5.24 -2.27
CA ASN A 35 -5.55 4.31 -3.15
C ASN A 35 -4.60 3.20 -3.61
N GLY A 36 -3.77 2.72 -2.69
CA GLY A 36 -2.82 1.68 -3.03
C GLY A 36 -1.69 2.17 -3.91
N LYS A 37 -1.31 3.43 -3.73
CA LYS A 37 -0.24 4.03 -4.51
C LYS A 37 1.05 4.09 -3.69
N GLY A 38 0.96 4.65 -2.49
CA GLY A 38 2.13 4.76 -1.64
C GLY A 38 2.64 6.19 -1.53
N ASN A 39 1.74 7.15 -1.69
CA ASN A 39 2.10 8.56 -1.61
C ASN A 39 0.88 9.42 -1.32
N GLU A 40 1.12 10.61 -0.77
CA GLU A 40 0.03 11.53 -0.45
C GLU A 40 -0.71 11.96 -1.71
N PRO A 41 -2.05 12.03 -1.60
CA PRO A 41 -2.91 12.42 -2.72
C PRO A 41 -2.76 13.89 -3.08
N GLY A 42 -1.71 14.21 -3.82
CA GLY A 42 -1.47 15.58 -4.22
C GLY A 42 0.00 15.97 -4.15
N THR A 43 0.86 14.97 -3.97
CA THR A 43 2.29 15.21 -3.88
C THR A 43 2.99 14.84 -5.19
N LYS A 44 3.93 15.67 -5.60
CA LYS A 44 4.68 15.43 -6.83
C LYS A 44 5.49 14.15 -6.73
N VAL A 45 6.07 13.74 -7.85
CA VAL A 45 6.89 12.52 -7.89
C VAL A 45 8.06 12.68 -8.86
N GLN A 46 9.19 12.07 -8.50
CA GLN A 46 10.39 12.14 -9.33
C GLN A 46 10.68 10.79 -9.98
N HIS A 47 11.30 10.84 -11.16
CA HIS A 47 11.63 9.61 -11.88
C HIS A 47 12.91 8.99 -11.32
N CYS A 48 12.85 7.71 -11.00
CA CYS A 48 14.01 6.99 -10.46
C CYS A 48 14.94 6.52 -11.58
N HIS A 49 16.21 6.37 -11.26
CA HIS A 49 17.20 5.93 -12.23
C HIS A 49 17.69 4.51 -11.92
N TYR A 50 17.95 4.26 -10.64
CA TYR A 50 18.43 2.95 -10.20
C TYR A 50 17.81 1.84 -11.04
N CYS A 51 16.49 1.74 -10.99
CA CYS A 51 15.78 0.72 -11.76
C CYS A 51 15.34 1.26 -13.12
N GLY A 52 14.90 2.51 -13.14
CA GLY A 52 14.46 3.12 -14.38
C GLY A 52 12.98 2.90 -14.64
N GLY A 53 12.23 2.60 -13.59
CA GLY A 53 10.81 2.36 -13.74
C GLY A 53 10.47 0.89 -13.79
N SER A 54 11.30 0.07 -13.15
CA SER A 54 11.08 -1.38 -13.13
C SER A 54 10.97 -1.88 -11.70
N GLY A 55 11.55 -1.15 -10.77
CA GLY A 55 11.51 -1.54 -9.36
C GLY A 55 12.48 -2.65 -9.05
N MET A 56 13.63 -2.65 -9.71
CA MET A 56 14.65 -3.66 -9.49
C MET A 56 16.05 -3.07 -9.55
N GLU A 57 16.89 -3.42 -8.59
CA GLU A 57 18.25 -2.91 -8.53
C GLU A 57 19.25 -4.00 -8.90
N THR A 58 20.42 -3.58 -9.38
CA THR A 58 21.47 -4.52 -9.77
C THR A 58 22.76 -4.26 -9.01
N ILE A 59 23.28 -5.31 -8.36
CA ILE A 59 24.52 -5.19 -7.60
C ILE A 59 25.67 -5.88 -8.31
N ASN A 60 26.47 -5.11 -9.03
CA ASN A 60 27.62 -5.66 -9.75
C ASN A 60 28.80 -5.87 -8.81
N THR A 61 28.96 -7.11 -8.36
CA THR A 61 30.05 -7.45 -7.45
C THR A 61 30.96 -8.50 -8.07
N GLY A 62 32.19 -8.11 -8.41
CA GLY A 62 33.13 -9.04 -8.99
C GLY A 62 32.68 -9.56 -10.34
N PRO A 63 33.05 -10.80 -10.67
CA PRO A 63 32.69 -11.44 -11.94
C PRO A 63 31.21 -11.77 -12.02
N PHE A 64 30.51 -11.61 -10.90
CA PHE A 64 29.08 -11.90 -10.83
C PHE A 64 28.30 -10.67 -10.37
N VAL A 65 26.98 -10.78 -10.38
CA VAL A 65 26.12 -9.68 -9.96
C VAL A 65 24.87 -10.19 -9.25
N MET A 66 24.49 -9.53 -8.16
CA MET A 66 23.32 -9.92 -7.40
C MET A 66 22.09 -9.15 -7.86
N ARG A 67 20.92 -9.52 -7.34
CA ARG A 67 19.68 -8.87 -7.69
C ARG A 67 18.81 -8.63 -6.46
N SER A 68 18.53 -7.36 -6.18
CA SER A 68 17.72 -6.99 -5.03
C SER A 68 16.80 -5.81 -5.36
N THR A 69 15.66 -5.76 -4.69
CA THR A 69 14.70 -4.69 -4.92
C THR A 69 15.34 -3.32 -4.76
N CYS A 70 14.95 -2.38 -5.62
CA CYS A 70 15.49 -1.03 -5.58
C CYS A 70 15.37 -0.45 -4.18
N ARG A 71 16.32 0.43 -3.83
CA ARG A 71 16.32 1.06 -2.52
C ARG A 71 15.93 2.54 -2.62
N ARG A 72 16.34 3.18 -3.71
CA ARG A 72 16.05 4.59 -3.94
C ARG A 72 14.54 4.83 -4.00
N CYS A 73 13.86 4.02 -4.81
CA CYS A 73 12.41 4.14 -4.95
C CYS A 73 11.69 3.14 -4.06
N GLY A 74 12.22 1.92 -3.99
CA GLY A 74 11.60 0.90 -3.17
C GLY A 74 10.72 -0.04 -3.96
N GLY A 75 11.10 -0.30 -5.21
CA GLY A 75 10.31 -1.19 -6.05
C GLY A 75 9.07 -0.52 -6.58
N ARG A 76 9.21 0.73 -7.02
CA ARG A 76 8.08 1.49 -7.56
C ARG A 76 8.43 2.08 -8.92
N GLY A 77 9.68 2.50 -9.08
CA GLY A 77 10.11 3.08 -10.34
C GLY A 77 10.25 4.59 -10.26
N SER A 78 9.76 5.17 -9.18
CA SER A 78 9.83 6.62 -8.99
C SER A 78 10.05 6.97 -7.52
N ILE A 79 10.59 8.16 -7.27
CA ILE A 79 10.86 8.61 -5.91
C ILE A 79 9.69 9.42 -5.36
N ILE A 80 9.12 8.97 -4.25
CA ILE A 80 7.99 9.67 -3.64
C ILE A 80 8.48 10.75 -2.67
N ILE A 81 8.52 11.99 -3.15
CA ILE A 81 8.96 13.12 -2.34
C ILE A 81 8.28 13.11 -0.98
N SER A 82 7.00 12.74 -0.96
CA SER A 82 6.23 12.70 0.27
C SER A 82 5.37 11.44 0.33
N PRO A 83 5.74 10.50 1.21
CA PRO A 83 5.02 9.24 1.38
C PRO A 83 3.65 9.44 2.03
N CYS A 84 2.75 8.50 1.80
CA CYS A 84 1.40 8.57 2.36
C CYS A 84 1.45 8.91 3.84
N VAL A 85 0.28 9.08 4.45
CA VAL A 85 0.18 9.40 5.86
C VAL A 85 -0.65 8.37 6.61
N VAL A 86 -1.28 7.48 5.86
CA VAL A 86 -2.11 6.44 6.45
C VAL A 86 -1.45 5.07 6.35
N CYS A 87 -0.83 4.81 5.20
CA CYS A 87 -0.14 3.53 4.98
C CYS A 87 1.37 3.74 4.87
N ARG A 88 1.81 4.97 5.13
CA ARG A 88 3.23 5.30 5.07
C ARG A 88 3.92 4.55 3.93
N GLY A 89 3.25 4.47 2.79
CA GLY A 89 3.80 3.78 1.64
C GLY A 89 3.77 2.27 1.80
N ALA A 90 2.70 1.77 2.42
CA ALA A 90 2.55 0.34 2.64
C ALA A 90 1.67 -0.29 1.57
N GLY A 91 0.75 0.50 1.02
CA GLY A 91 -0.13 0.00 -0.02
C GLY A 91 -1.40 -0.60 0.55
N GLN A 92 -1.44 -0.75 1.87
CA GLN A 92 -2.61 -1.31 2.53
C GLN A 92 -2.85 -0.64 3.88
N ALA A 93 -4.11 -0.62 4.31
CA ALA A 93 -4.47 0.00 5.59
C ALA A 93 -5.56 -0.81 6.29
N LYS A 94 -5.92 -0.37 7.49
CA LYS A 94 -6.94 -1.05 8.28
C LYS A 94 -8.34 -0.53 7.92
N GLN A 95 -8.93 -1.11 6.89
CA GLN A 95 -10.26 -0.71 6.45
C GLN A 95 -11.34 -1.32 7.34
N LYS A 96 -11.28 -2.64 7.51
CA LYS A 96 -12.24 -3.35 8.34
C LYS A 96 -11.55 -4.08 9.49
N LYS A 97 -12.25 -4.24 10.60
CA LYS A 97 -11.71 -4.91 11.77
C LYS A 97 -12.71 -5.93 12.32
N ARG A 98 -12.19 -6.98 12.95
CA ARG A 98 -13.02 -8.02 13.52
C ARG A 98 -12.82 -8.12 15.03
N SER A 99 -13.92 -8.26 15.77
CA SER A 99 -13.85 -8.36 17.22
C SER A 99 -14.46 -9.68 17.70
N GLY A 100 -14.10 -10.77 17.04
CA GLY A 100 -14.61 -12.07 17.41
C GLY A 100 -13.70 -13.20 17.00
N PRO A 101 -14.09 -14.44 17.32
CA PRO A 101 -13.31 -15.63 17.00
C PRO A 101 -13.28 -15.92 15.50
N SER A 102 -13.93 -15.06 14.72
CA SER A 102 -13.98 -15.22 13.27
C SER A 102 -12.66 -14.80 12.64
N SER A 103 -11.74 -15.75 12.52
CA SER A 103 -10.43 -15.49 11.93
C SER A 103 -10.40 -15.91 10.47
N GLY A 104 -10.02 -14.97 9.59
CA GLY A 104 -9.96 -15.26 8.17
C GLY A 104 -8.63 -15.88 7.76
N GLY A 1 66.23 7.25 47.82
CA GLY A 1 65.03 6.62 47.28
C GLY A 1 63.83 7.53 47.32
N SER A 2 62.81 7.12 48.07
CA SER A 2 61.58 7.90 48.18
C SER A 2 61.19 8.50 46.83
N SER A 3 61.15 7.64 45.80
CA SER A 3 60.79 8.08 44.46
C SER A 3 59.29 8.29 44.35
N GLY A 4 58.52 7.45 45.02
CA GLY A 4 57.08 7.57 44.99
C GLY A 4 56.50 7.27 43.61
N SER A 5 55.18 7.21 43.52
CA SER A 5 54.51 6.94 42.26
C SER A 5 53.02 7.27 42.34
N SER A 6 52.37 7.33 41.19
CA SER A 6 50.95 7.65 41.13
C SER A 6 50.43 7.52 39.70
N GLY A 7 49.10 7.67 39.55
CA GLY A 7 48.50 7.56 38.24
C GLY A 7 47.04 7.96 38.24
N MET A 8 46.44 8.05 37.05
CA MET A 8 45.04 8.42 36.93
C MET A 8 44.51 8.07 35.54
N GLU A 9 43.23 7.70 35.48
CA GLU A 9 42.61 7.35 34.21
C GLU A 9 41.16 7.82 34.16
N LEU A 10 40.54 7.72 32.99
CA LEU A 10 39.16 8.16 32.82
C LEU A 10 38.45 7.29 31.78
N THR A 11 37.13 7.46 31.67
CA THR A 11 36.34 6.69 30.72
C THR A 11 34.97 7.32 30.51
N PHE A 12 34.59 7.48 29.24
CA PHE A 12 33.30 8.07 28.91
C PHE A 12 32.78 7.53 27.58
N ASN A 13 31.46 7.46 27.46
CA ASN A 13 30.83 6.95 26.26
C ASN A 13 29.32 7.17 26.28
N GLN A 14 28.66 6.92 25.16
CA GLN A 14 27.21 7.08 25.06
C GLN A 14 26.64 6.22 23.94
N ALA A 15 25.33 6.29 23.77
CA ALA A 15 24.65 5.53 22.73
C ALA A 15 23.17 5.88 22.66
N ALA A 16 22.58 5.72 21.48
CA ALA A 16 21.17 6.02 21.26
C ALA A 16 20.64 5.34 20.02
N LYS A 17 19.32 5.22 19.93
CA LYS A 17 18.69 4.58 18.78
C LYS A 17 17.22 4.98 18.67
N GLY A 18 16.53 4.47 17.66
CA GLY A 18 15.12 4.78 17.48
C GLY A 18 14.53 4.09 16.26
N VAL A 19 13.56 3.22 16.51
CA VAL A 19 12.91 2.49 15.42
C VAL A 19 11.40 2.40 15.65
N ASN A 20 10.65 2.24 14.57
CA ASN A 20 9.20 2.14 14.65
C ASN A 20 8.64 1.39 13.44
N LYS A 21 7.87 0.33 13.72
CA LYS A 21 7.27 -0.47 12.67
C LYS A 21 5.78 -0.65 12.90
N GLU A 22 5.02 -0.82 11.81
CA GLU A 22 3.58 -0.99 11.90
C GLU A 22 3.16 -2.36 11.35
N PHE A 23 3.12 -3.35 12.23
CA PHE A 23 2.74 -4.71 11.82
C PHE A 23 1.41 -5.10 12.46
N THR A 24 0.47 -5.54 11.62
CA THR A 24 -0.84 -5.94 12.09
C THR A 24 -1.22 -7.32 11.55
N VAL A 25 -2.31 -7.88 12.07
CA VAL A 25 -2.78 -9.19 11.63
C VAL A 25 -4.22 -9.12 11.13
N ASN A 26 -4.99 -8.20 11.71
CA ASN A 26 -6.39 -8.04 11.32
C ASN A 26 -6.52 -7.84 9.81
N ILE A 27 -7.74 -7.59 9.35
CA ILE A 27 -8.00 -7.37 7.94
C ILE A 27 -7.15 -6.23 7.40
N MET A 28 -6.57 -6.43 6.22
CA MET A 28 -5.74 -5.42 5.59
C MET A 28 -6.04 -5.31 4.10
N ASP A 29 -6.74 -4.24 3.72
CA ASP A 29 -7.09 -4.03 2.31
C ASP A 29 -6.17 -3.01 1.67
N THR A 30 -6.45 -2.67 0.42
CA THR A 30 -5.64 -1.70 -0.32
C THR A 30 -5.99 -0.27 0.09
N CYS A 31 -4.96 0.51 0.39
CA CYS A 31 -5.15 1.90 0.80
C CYS A 31 -6.12 2.61 -0.15
N GLU A 32 -6.81 3.62 0.38
CA GLU A 32 -7.77 4.39 -0.42
C GLU A 32 -7.22 5.77 -0.75
N ARG A 33 -6.40 6.30 0.16
CA ARG A 33 -5.81 7.62 -0.03
C ARG A 33 -4.79 7.61 -1.18
N CYS A 34 -3.96 6.58 -1.21
CA CYS A 34 -2.95 6.45 -2.25
C CYS A 34 -3.35 5.38 -3.27
N ASN A 35 -4.41 4.64 -2.96
CA ASN A 35 -4.90 3.59 -3.85
C ASN A 35 -3.84 2.51 -4.03
N GLY A 36 -3.13 2.18 -2.95
CA GLY A 36 -2.10 1.17 -3.02
C GLY A 36 -0.89 1.62 -3.83
N LYS A 37 -0.60 2.92 -3.77
CA LYS A 37 0.54 3.47 -4.50
C LYS A 37 1.70 3.76 -3.55
N GLY A 38 1.42 4.46 -2.47
CA GLY A 38 2.46 4.79 -1.51
C GLY A 38 2.85 6.26 -1.55
N ASN A 39 1.92 7.10 -1.98
CA ASN A 39 2.17 8.54 -2.07
C ASN A 39 0.88 9.33 -1.96
N GLU A 40 0.99 10.58 -1.55
CA GLU A 40 -0.17 11.44 -1.40
C GLU A 40 -0.82 11.73 -2.75
N PRO A 41 -2.17 11.71 -2.78
CA PRO A 41 -2.93 11.96 -4.00
C PRO A 41 -2.85 13.41 -4.45
N GLY A 42 -2.06 14.20 -3.73
CA GLY A 42 -1.90 15.60 -4.07
C GLY A 42 -0.46 16.07 -3.99
N THR A 43 0.46 15.16 -4.31
CA THR A 43 1.89 15.49 -4.27
C THR A 43 2.55 15.20 -5.61
N LYS A 44 3.86 15.39 -5.67
CA LYS A 44 4.61 15.15 -6.89
C LYS A 44 5.48 13.90 -6.76
N VAL A 45 6.09 13.48 -7.87
CA VAL A 45 6.94 12.29 -7.88
C VAL A 45 8.09 12.47 -8.85
N GLN A 46 9.26 11.95 -8.46
CA GLN A 46 10.45 12.04 -9.31
C GLN A 46 10.83 10.67 -9.85
N HIS A 47 10.99 10.58 -11.17
CA HIS A 47 11.36 9.33 -11.81
C HIS A 47 12.69 8.81 -11.27
N CYS A 48 12.67 7.57 -10.77
CA CYS A 48 13.87 6.96 -10.22
C CYS A 48 14.77 6.42 -11.33
N HIS A 49 16.06 6.31 -11.06
CA HIS A 49 17.02 5.80 -12.02
C HIS A 49 17.54 4.43 -11.60
N TYR A 50 17.82 4.29 -10.31
CA TYR A 50 18.34 3.03 -9.79
C TYR A 50 17.70 1.84 -10.49
N CYS A 51 16.38 1.71 -10.34
CA CYS A 51 15.65 0.61 -10.95
C CYS A 51 15.15 1.00 -12.35
N GLY A 52 14.78 2.26 -12.49
CA GLY A 52 14.29 2.75 -13.78
C GLY A 52 12.80 2.55 -13.94
N GLY A 53 12.11 2.31 -12.84
CA GLY A 53 10.68 2.11 -12.89
C GLY A 53 10.30 0.63 -12.84
N SER A 54 11.12 -0.16 -12.16
CA SER A 54 10.87 -1.60 -12.04
C SER A 54 10.78 -2.00 -10.57
N GLY A 55 11.45 -1.25 -9.70
CA GLY A 55 11.43 -1.56 -8.29
C GLY A 55 12.48 -2.58 -7.90
N MET A 56 13.60 -2.58 -8.61
CA MET A 56 14.68 -3.52 -8.34
C MET A 56 16.02 -2.92 -8.73
N GLU A 57 17.04 -3.15 -7.90
CA GLU A 57 18.38 -2.64 -8.16
C GLU A 57 19.35 -3.78 -8.48
N THR A 58 20.33 -3.50 -9.33
CA THR A 58 21.31 -4.50 -9.72
C THR A 58 22.67 -4.19 -9.10
N ILE A 59 23.31 -5.21 -8.54
CA ILE A 59 24.62 -5.05 -7.92
C ILE A 59 25.67 -5.90 -8.62
N ASN A 60 26.39 -5.30 -9.57
CA ASN A 60 27.42 -6.00 -10.32
C ASN A 60 28.67 -6.18 -9.46
N THR A 61 28.79 -7.35 -8.84
CA THR A 61 29.95 -7.65 -8.00
C THR A 61 30.75 -8.82 -8.55
N GLY A 62 32.01 -8.56 -8.87
CA GLY A 62 32.86 -9.61 -9.41
C GLY A 62 32.35 -10.15 -10.73
N PRO A 63 32.70 -11.41 -11.03
CA PRO A 63 32.29 -12.07 -12.28
C PRO A 63 30.79 -12.37 -12.30
N PHE A 64 30.10 -11.99 -11.24
CA PHE A 64 28.66 -12.22 -11.14
C PHE A 64 27.92 -10.93 -10.81
N VAL A 65 26.62 -10.91 -11.08
CA VAL A 65 25.80 -9.73 -10.81
C VAL A 65 24.65 -10.07 -9.88
N MET A 66 24.55 -9.35 -8.77
CA MET A 66 23.49 -9.56 -7.80
C MET A 66 22.28 -8.70 -8.11
N ARG A 67 21.16 -8.98 -7.43
CA ARG A 67 19.93 -8.22 -7.65
C ARG A 67 19.16 -8.07 -6.34
N SER A 68 19.03 -6.83 -5.87
CA SER A 68 18.32 -6.55 -4.63
C SER A 68 17.37 -5.37 -4.80
N THR A 69 16.30 -5.37 -4.02
CA THR A 69 15.31 -4.30 -4.08
C THR A 69 15.97 -2.93 -4.09
N CYS A 70 15.41 -2.01 -4.87
CA CYS A 70 15.95 -0.66 -4.97
C CYS A 70 16.12 -0.04 -3.58
N ARG A 71 16.83 1.08 -3.52
CA ARG A 71 17.08 1.76 -2.25
C ARG A 71 16.61 3.21 -2.33
N ARG A 72 16.74 3.82 -3.51
CA ARG A 72 16.33 5.21 -3.71
C ARG A 72 14.82 5.35 -3.59
N CYS A 73 14.09 4.52 -4.34
CA CYS A 73 12.63 4.56 -4.32
C CYS A 73 12.08 3.61 -3.26
N GLY A 74 12.64 2.40 -3.20
CA GLY A 74 12.19 1.42 -2.23
C GLY A 74 11.35 0.33 -2.86
N GLY A 75 11.61 0.03 -4.13
CA GLY A 75 10.86 -0.99 -4.82
C GLY A 75 9.52 -0.49 -5.32
N ARG A 76 9.49 0.76 -5.77
CA ARG A 76 8.27 1.36 -6.30
C ARG A 76 8.43 1.79 -7.75
N GLY A 77 9.61 2.34 -8.07
CA GLY A 77 9.87 2.79 -9.42
C GLY A 77 10.20 4.26 -9.49
N SER A 78 9.81 5.01 -8.46
CA SER A 78 10.06 6.45 -8.41
C SER A 78 10.26 6.91 -6.98
N ILE A 79 10.75 8.14 -6.82
CA ILE A 79 11.00 8.71 -5.51
C ILE A 79 9.81 9.54 -5.03
N ILE A 80 9.06 9.00 -4.08
CA ILE A 80 7.89 9.69 -3.54
C ILE A 80 8.30 10.79 -2.57
N ILE A 81 8.39 12.02 -3.08
CA ILE A 81 8.78 13.15 -2.26
C ILE A 81 7.94 13.22 -0.98
N SER A 82 6.67 12.87 -1.09
CA SER A 82 5.77 12.88 0.05
C SER A 82 5.08 11.53 0.21
N PRO A 83 5.51 10.75 1.22
CA PRO A 83 4.95 9.44 1.51
C PRO A 83 3.53 9.52 2.07
N CYS A 84 2.67 8.62 1.60
CA CYS A 84 1.28 8.59 2.04
C CYS A 84 1.19 8.82 3.55
N VAL A 85 0.07 9.39 4.00
CA VAL A 85 -0.14 9.66 5.41
C VAL A 85 -1.14 8.68 6.01
N VAL A 86 -1.57 7.71 5.20
CA VAL A 86 -2.52 6.71 5.66
C VAL A 86 -1.84 5.37 5.90
N CYS A 87 -1.14 4.87 4.89
CA CYS A 87 -0.45 3.60 4.98
C CYS A 87 1.05 3.81 5.18
N ARG A 88 1.50 5.06 5.00
CA ARG A 88 2.91 5.40 5.15
C ARG A 88 3.76 4.68 4.10
N GLY A 89 3.33 4.75 2.85
CA GLY A 89 4.06 4.12 1.78
C GLY A 89 4.16 2.62 1.96
N ALA A 90 3.04 2.00 2.32
CA ALA A 90 3.01 0.55 2.51
C ALA A 90 2.19 -0.14 1.43
N GLY A 91 1.19 0.56 0.90
CA GLY A 91 0.35 0.01 -0.14
C GLY A 91 -0.96 -0.53 0.39
N GLN A 92 -1.02 -0.74 1.71
CA GLN A 92 -2.24 -1.26 2.34
C GLN A 92 -2.57 -0.46 3.60
N ALA A 93 -3.81 -0.57 4.05
CA ALA A 93 -4.26 0.12 5.25
C ALA A 93 -5.36 -0.65 5.96
N LYS A 94 -5.84 -0.10 7.08
CA LYS A 94 -6.90 -0.73 7.84
C LYS A 94 -8.27 -0.26 7.39
N GLN A 95 -8.96 -1.10 6.63
CA GLN A 95 -10.28 -0.75 6.13
C GLN A 95 -11.37 -1.38 6.99
N LYS A 96 -11.27 -2.68 7.21
CA LYS A 96 -12.25 -3.41 8.02
C LYS A 96 -11.60 -3.96 9.29
N LYS A 97 -12.42 -4.36 10.24
CA LYS A 97 -11.93 -4.91 11.50
C LYS A 97 -12.47 -6.32 11.73
N ARG A 98 -11.69 -7.15 12.41
CA ARG A 98 -12.09 -8.52 12.69
C ARG A 98 -12.12 -8.78 14.19
N SER A 99 -10.95 -8.71 14.83
CA SER A 99 -10.85 -8.95 16.26
C SER A 99 -10.59 -7.64 17.00
N GLY A 100 -9.45 -7.01 16.72
CA GLY A 100 -9.11 -5.76 17.37
C GLY A 100 -7.82 -5.86 18.17
N PRO A 101 -7.90 -6.51 19.34
CA PRO A 101 -6.74 -6.69 20.23
C PRO A 101 -5.71 -7.64 19.64
N SER A 102 -4.44 -7.26 19.74
CA SER A 102 -3.36 -8.08 19.22
C SER A 102 -2.12 -7.99 20.11
N SER A 103 -1.20 -8.94 19.95
CA SER A 103 0.02 -8.97 20.74
C SER A 103 1.23 -8.65 19.87
N GLY A 104 2.29 -8.16 20.52
CA GLY A 104 3.51 -7.82 19.80
C GLY A 104 4.18 -9.04 19.19
N GLY A 1 -76.12 8.04 -25.11
CA GLY A 1 -75.53 7.90 -23.79
C GLY A 1 -74.02 7.75 -23.86
N SER A 2 -73.32 8.38 -22.93
CA SER A 2 -71.86 8.31 -22.88
C SER A 2 -71.34 8.73 -21.52
N SER A 3 -70.37 7.97 -21.00
CA SER A 3 -69.79 8.26 -19.70
C SER A 3 -68.56 7.39 -19.45
N GLY A 4 -67.62 7.90 -18.67
CA GLY A 4 -66.41 7.16 -18.36
C GLY A 4 -65.36 8.02 -17.69
N SER A 5 -64.96 7.62 -16.49
CA SER A 5 -63.95 8.37 -15.74
C SER A 5 -63.03 7.42 -14.97
N SER A 6 -61.73 7.63 -15.10
CA SER A 6 -60.74 6.80 -14.43
C SER A 6 -59.47 7.58 -14.14
N GLY A 7 -58.61 7.02 -13.28
CA GLY A 7 -57.37 7.68 -12.94
C GLY A 7 -56.76 7.14 -11.66
N MET A 8 -55.55 6.62 -11.76
CA MET A 8 -54.86 6.05 -10.61
C MET A 8 -53.37 5.89 -10.88
N GLU A 9 -52.58 5.71 -9.83
CA GLU A 9 -51.14 5.55 -9.97
C GLU A 9 -50.57 4.75 -8.78
N LEU A 10 -49.56 3.95 -9.05
CA LEU A 10 -48.92 3.14 -8.02
C LEU A 10 -47.41 3.13 -8.20
N THR A 11 -46.71 2.44 -7.29
CA THR A 11 -45.27 2.35 -7.35
C THR A 11 -44.78 0.99 -6.84
N PHE A 12 -43.53 0.68 -7.13
CA PHE A 12 -42.94 -0.60 -6.69
C PHE A 12 -41.61 -0.37 -5.99
N ASN A 13 -41.17 -1.37 -5.22
CA ASN A 13 -39.91 -1.27 -4.49
C ASN A 13 -39.20 -2.62 -4.48
N GLN A 14 -37.96 -2.62 -3.97
CA GLN A 14 -37.17 -3.85 -3.89
C GLN A 14 -35.92 -3.62 -3.06
N ALA A 15 -35.56 -4.63 -2.26
CA ALA A 15 -34.38 -4.54 -1.41
C ALA A 15 -33.55 -5.81 -1.49
N ALA A 16 -32.39 -5.81 -0.85
CA ALA A 16 -31.51 -6.97 -0.85
C ALA A 16 -30.32 -6.76 0.08
N LYS A 17 -29.92 -7.82 0.78
CA LYS A 17 -28.80 -7.75 1.71
C LYS A 17 -27.99 -9.04 1.67
N GLY A 18 -26.77 -8.98 2.21
CA GLY A 18 -25.92 -10.16 2.23
C GLY A 18 -24.79 -10.02 3.23
N VAL A 19 -25.13 -9.77 4.49
CA VAL A 19 -24.13 -9.62 5.54
C VAL A 19 -24.12 -10.83 6.47
N ASN A 20 -22.94 -11.42 6.64
CA ASN A 20 -22.79 -12.59 7.50
C ASN A 20 -21.33 -12.98 7.65
N LYS A 21 -21.07 -14.00 8.44
CA LYS A 21 -19.71 -14.48 8.67
C LYS A 21 -18.73 -13.32 8.77
N GLU A 22 -19.16 -12.26 9.45
CA GLU A 22 -18.32 -11.09 9.63
C GLU A 22 -17.08 -11.41 10.47
N PHE A 23 -15.91 -11.04 9.94
CA PHE A 23 -14.66 -11.29 10.64
C PHE A 23 -13.87 -10.01 10.83
N THR A 24 -13.33 -9.82 12.03
CA THR A 24 -12.56 -8.63 12.34
C THR A 24 -11.10 -8.97 12.62
N VAL A 25 -10.53 -9.83 11.78
CA VAL A 25 -9.14 -10.24 11.93
C VAL A 25 -8.35 -9.99 10.64
N ASN A 26 -7.11 -9.55 10.81
CA ASN A 26 -6.24 -9.26 9.66
C ASN A 26 -6.91 -8.27 8.72
N ILE A 27 -7.67 -7.35 9.27
CA ILE A 27 -8.37 -6.34 8.48
C ILE A 27 -7.38 -5.41 7.78
N MET A 28 -6.89 -5.84 6.62
CA MET A 28 -5.93 -5.05 5.87
C MET A 28 -6.29 -5.04 4.38
N ASP A 29 -6.69 -3.88 3.88
CA ASP A 29 -7.06 -3.74 2.47
C ASP A 29 -6.30 -2.60 1.82
N THR A 30 -6.47 -2.45 0.50
CA THR A 30 -5.79 -1.40 -0.23
C THR A 30 -6.05 -0.03 0.39
N CYS A 31 -4.98 0.71 0.64
CA CYS A 31 -5.08 2.04 1.23
C CYS A 31 -6.18 2.85 0.54
N GLU A 32 -6.61 3.93 1.19
CA GLU A 32 -7.65 4.80 0.63
C GLU A 32 -7.09 6.18 0.33
N ARG A 33 -6.22 6.68 1.20
CA ARG A 33 -5.62 7.99 1.02
C ARG A 33 -4.77 8.03 -0.26
N CYS A 34 -3.90 7.04 -0.41
CA CYS A 34 -3.04 6.96 -1.58
C CYS A 34 -3.64 6.04 -2.65
N ASN A 35 -4.68 5.31 -2.26
CA ASN A 35 -5.35 4.38 -3.18
C ASN A 35 -4.40 3.27 -3.61
N GLY A 36 -3.60 2.77 -2.67
CA GLY A 36 -2.67 1.71 -2.98
C GLY A 36 -1.48 2.19 -3.79
N LYS A 37 -1.11 3.45 -3.58
CA LYS A 37 0.01 4.04 -4.31
C LYS A 37 1.26 4.08 -3.43
N GLY A 38 1.14 4.70 -2.26
CA GLY A 38 2.27 4.80 -1.35
C GLY A 38 2.77 6.23 -1.19
N ASN A 39 1.96 7.19 -1.64
CA ASN A 39 2.33 8.59 -1.54
C ASN A 39 1.10 9.46 -1.29
N GLU A 40 1.33 10.64 -0.72
CA GLU A 40 0.24 11.57 -0.43
C GLU A 40 -0.46 12.01 -1.70
N PRO A 41 -1.80 12.04 -1.66
CA PRO A 41 -2.62 12.44 -2.81
C PRO A 41 -2.50 13.93 -3.12
N GLY A 42 -1.60 14.60 -2.41
CA GLY A 42 -1.39 16.03 -2.63
C GLY A 42 0.04 16.36 -2.96
N THR A 43 0.82 15.34 -3.34
CA THR A 43 2.22 15.54 -3.68
C THR A 43 2.53 14.99 -5.07
N LYS A 44 3.79 15.14 -5.48
CA LYS A 44 4.21 14.65 -6.79
C LYS A 44 5.23 13.52 -6.64
N VAL A 45 5.73 13.02 -7.78
CA VAL A 45 6.70 11.94 -7.76
C VAL A 45 7.69 12.10 -8.91
N GLN A 46 8.93 11.67 -8.68
CA GLN A 46 9.98 11.76 -9.69
C GLN A 46 10.37 10.38 -10.19
N HIS A 47 10.70 10.30 -11.47
CA HIS A 47 11.09 9.02 -12.08
C HIS A 47 12.42 8.54 -11.50
N CYS A 48 12.51 7.23 -11.27
CA CYS A 48 13.72 6.64 -10.72
C CYS A 48 14.64 6.15 -11.83
N HIS A 49 15.91 5.94 -11.49
CA HIS A 49 16.89 5.47 -12.46
C HIS A 49 17.41 4.08 -12.09
N TYR A 50 17.76 3.91 -10.81
CA TYR A 50 18.28 2.63 -10.34
C TYR A 50 17.61 1.47 -11.06
N CYS A 51 16.30 1.36 -10.94
CA CYS A 51 15.55 0.29 -11.58
C CYS A 51 15.04 0.74 -12.95
N GLY A 52 14.64 2.01 -13.04
CA GLY A 52 14.14 2.53 -14.30
C GLY A 52 12.63 2.36 -14.44
N GLY A 53 11.96 2.15 -13.32
CA GLY A 53 10.52 1.97 -13.35
C GLY A 53 10.11 0.51 -13.28
N SER A 54 10.83 -0.26 -12.46
CA SER A 54 10.54 -1.68 -12.31
C SER A 54 10.49 -2.07 -10.83
N GLY A 55 11.39 -1.48 -10.03
CA GLY A 55 11.43 -1.77 -8.62
C GLY A 55 12.49 -2.80 -8.28
N MET A 56 13.49 -2.94 -9.15
CA MET A 56 14.57 -3.90 -8.93
C MET A 56 15.92 -3.26 -9.20
N GLU A 57 16.88 -3.53 -8.33
CA GLU A 57 18.22 -2.97 -8.48
C GLU A 57 19.24 -4.08 -8.78
N THR A 58 20.29 -3.72 -9.51
CA THR A 58 21.33 -4.68 -9.87
C THR A 58 22.68 -4.26 -9.30
N ILE A 59 23.30 -5.16 -8.54
CA ILE A 59 24.60 -4.88 -7.94
C ILE A 59 25.71 -5.62 -8.68
N ASN A 60 26.36 -4.92 -9.61
CA ASN A 60 27.44 -5.50 -10.39
C ASN A 60 28.75 -5.49 -9.59
N THR A 61 29.10 -6.64 -9.03
CA THR A 61 30.32 -6.77 -8.25
C THR A 61 31.19 -7.92 -8.77
N GLY A 62 32.29 -7.56 -9.41
CA GLY A 62 33.19 -8.57 -9.95
C GLY A 62 32.58 -9.36 -11.08
N PRO A 63 33.06 -10.59 -11.29
CA PRO A 63 32.56 -11.47 -12.35
C PRO A 63 31.14 -11.96 -12.08
N PHE A 64 30.55 -11.48 -10.99
CA PHE A 64 29.19 -11.86 -10.62
C PHE A 64 28.33 -10.64 -10.33
N VAL A 65 27.03 -10.85 -10.24
CA VAL A 65 26.10 -9.76 -9.96
C VAL A 65 24.98 -10.21 -9.02
N MET A 66 24.59 -9.32 -8.12
CA MET A 66 23.53 -9.63 -7.16
C MET A 66 22.21 -8.96 -7.56
N ARG A 67 21.15 -9.31 -6.86
CA ARG A 67 19.83 -8.74 -7.15
C ARG A 67 19.09 -8.40 -5.86
N SER A 68 18.82 -7.11 -5.66
CA SER A 68 18.11 -6.66 -4.46
C SER A 68 17.13 -5.54 -4.80
N THR A 69 16.10 -5.40 -3.97
CA THR A 69 15.08 -4.37 -4.18
C THR A 69 15.72 -2.98 -4.20
N CYS A 70 15.32 -2.17 -5.17
CA CYS A 70 15.84 -0.81 -5.29
C CYS A 70 15.87 -0.12 -3.93
N ARG A 71 16.80 0.82 -3.78
CA ARG A 71 16.93 1.56 -2.53
C ARG A 71 16.44 2.99 -2.69
N ARG A 72 16.66 3.56 -3.87
CA ARG A 72 16.25 4.93 -4.15
C ARG A 72 14.73 5.05 -4.10
N CYS A 73 14.05 4.22 -4.89
CA CYS A 73 12.59 4.24 -4.94
C CYS A 73 12.00 3.30 -3.90
N GLY A 74 12.61 2.13 -3.75
CA GLY A 74 12.13 1.16 -2.78
C GLY A 74 11.26 0.10 -3.42
N GLY A 75 11.54 -0.23 -4.67
CA GLY A 75 10.76 -1.24 -5.38
C GLY A 75 9.44 -0.70 -5.87
N ARG A 76 9.47 0.50 -6.46
CA ARG A 76 8.26 1.13 -6.98
C ARG A 76 8.48 1.63 -8.41
N GLY A 77 9.70 2.09 -8.68
CA GLY A 77 10.01 2.60 -10.00
C GLY A 77 10.18 4.11 -10.02
N SER A 78 9.80 4.75 -8.92
CA SER A 78 9.90 6.20 -8.81
C SER A 78 10.22 6.63 -7.38
N ILE A 79 10.72 7.85 -7.22
CA ILE A 79 11.07 8.37 -5.92
C ILE A 79 9.92 9.16 -5.31
N ILE A 80 9.37 8.67 -4.21
CA ILE A 80 8.27 9.34 -3.54
C ILE A 80 8.77 10.45 -2.63
N ILE A 81 8.68 11.69 -3.11
CA ILE A 81 9.12 12.85 -2.34
C ILE A 81 8.49 12.86 -0.95
N SER A 82 7.22 12.47 -0.88
CA SER A 82 6.50 12.43 0.38
C SER A 82 5.62 11.18 0.47
N PRO A 83 5.97 10.27 1.39
CA PRO A 83 5.24 9.02 1.59
C PRO A 83 3.86 9.27 2.23
N CYS A 84 2.94 8.35 1.98
CA CYS A 84 1.59 8.45 2.52
C CYS A 84 1.62 8.83 4.00
N VAL A 85 0.46 9.10 4.57
CA VAL A 85 0.35 9.47 5.97
C VAL A 85 -0.49 8.46 6.75
N VAL A 86 -1.14 7.56 6.02
CA VAL A 86 -1.98 6.55 6.64
C VAL A 86 -1.34 5.17 6.55
N CYS A 87 -0.63 4.93 5.44
CA CYS A 87 0.04 3.65 5.23
C CYS A 87 1.56 3.84 5.21
N ARG A 88 2.01 5.09 5.26
CA ARG A 88 3.43 5.39 5.26
C ARG A 88 4.13 4.69 4.09
N GLY A 89 3.39 4.51 3.00
CA GLY A 89 3.96 3.84 1.83
C GLY A 89 3.88 2.33 1.93
N ALA A 90 2.82 1.83 2.55
CA ALA A 90 2.64 0.39 2.70
C ALA A 90 1.81 -0.18 1.56
N GLY A 91 0.90 0.63 1.02
CA GLY A 91 0.06 0.18 -0.06
C GLY A 91 -1.23 -0.46 0.42
N GLN A 92 -1.31 -0.70 1.72
CA GLN A 92 -2.50 -1.32 2.32
C GLN A 92 -2.71 -0.83 3.74
N ALA A 93 -3.95 -0.54 4.09
CA ALA A 93 -4.29 -0.07 5.42
C ALA A 93 -5.41 -0.90 6.03
N LYS A 94 -5.90 -0.47 7.19
CA LYS A 94 -6.98 -1.18 7.89
C LYS A 94 -8.34 -0.71 7.40
N GLN A 95 -8.84 -1.34 6.34
CA GLN A 95 -10.14 -0.98 5.78
C GLN A 95 -11.23 -1.93 6.27
N LYS A 96 -12.43 -1.41 6.43
CA LYS A 96 -13.56 -2.19 6.89
C LYS A 96 -13.71 -3.46 6.06
N LYS A 97 -13.19 -4.57 6.56
CA LYS A 97 -13.28 -5.84 5.86
C LYS A 97 -14.69 -6.42 5.93
N ARG A 98 -15.42 -6.31 4.82
CA ARG A 98 -16.79 -6.82 4.76
C ARG A 98 -16.81 -8.33 4.94
N SER A 99 -16.01 -9.04 4.14
CA SER A 99 -15.95 -10.49 4.20
C SER A 99 -14.57 -10.99 3.81
N GLY A 100 -13.93 -11.71 4.72
CA GLY A 100 -12.60 -12.25 4.44
C GLY A 100 -12.47 -12.76 3.03
N PRO A 101 -11.54 -12.15 2.26
CA PRO A 101 -11.30 -12.54 0.87
C PRO A 101 -10.63 -13.90 0.76
N SER A 102 -9.58 -14.11 1.53
CA SER A 102 -8.84 -15.38 1.51
C SER A 102 -7.84 -15.45 2.65
N SER A 103 -7.07 -16.52 2.69
CA SER A 103 -6.06 -16.70 3.73
C SER A 103 -4.65 -16.46 3.19
N GLY A 104 -3.66 -16.59 4.06
CA GLY A 104 -2.29 -16.38 3.64
C GLY A 104 -1.33 -16.33 4.82
#